data_3TPF
#
_entry.id   3TPF
#
_cell.length_a   157.163
_cell.length_b   87.398
_cell.length_c   141.561
_cell.angle_alpha   90.00
_cell.angle_beta   90.00
_cell.angle_gamma   90.00
#
_symmetry.space_group_name_H-M   'P 21 21 2'
#
loop_
_entity.id
_entity.type
_entity.pdbx_description
1 polymer 'Ornithine carbamoyltransferase'
2 non-polymer DI(HYDROXYETHYL)ETHER
3 water water
#
_entity_poly.entity_id   1
_entity_poly.type   'polypeptide(L)'
_entity_poly.pdbx_seq_one_letter_code
;G(MSE)KHFLTLRDFSKEEILSLVNHASELKKEPKKLLQDKTLA(MSE)IFEKNSTRTR(MSE)AFELAITELGGKALFL
SSNDLQLSRGEPVKDTARVIGA(MSE)VDFV(MSE)(MSE)RVNKHETLLEFARYSKAPVINALSELYHPTQVLGDLFTI
KEWNK(MSE)QNGIAKVAFIGDSNN(MSE)CNSWLITAAILGFEISIA(MSE)PKNYKISPEIWEFA(MSE)KQALISGA
KISLGYDKFEALKDKDVVITDTWVS(MSE)GEENEKERKIKEFEGF(MSE)IDEKA(MSE)SVANKDAILLHCLPAYRGY
EVSEEIFEKHADVIFEEARNRLYVVKALLCFLDNQRGRE
;
_entity_poly.pdbx_strand_id   A,B,C,D,E,F
#
loop_
_chem_comp.id
_chem_comp.type
_chem_comp.name
_chem_comp.formula
PEG non-polymer DI(HYDROXYETHYL)ETHER 'C4 H10 O3'
#
# COMPACT_ATOMS: atom_id res chain seq x y z
N MSE A 2 24.32 25.91 10.59
CA MSE A 2 22.92 25.42 10.38
C MSE A 2 22.05 26.57 10.76
O MSE A 2 22.20 27.12 11.85
CB MSE A 2 22.44 24.20 11.20
CG MSE A 2 21.08 23.62 10.72
SE MSE A 2 19.89 23.07 12.20
CE MSE A 2 21.00 21.57 12.88
N LYS A 3 21.12 26.89 9.87
CA LYS A 3 20.33 28.12 10.01
C LYS A 3 18.86 27.85 10.38
N HIS A 4 18.43 28.57 11.41
CA HIS A 4 17.07 28.73 11.81
C HIS A 4 16.43 29.95 11.17
N PHE A 5 15.12 30.11 11.37
CA PHE A 5 14.39 31.27 10.85
C PHE A 5 13.63 31.91 11.98
N LEU A 6 14.32 32.66 12.77
CA LEU A 6 13.75 33.31 13.97
C LEU A 6 13.42 34.79 13.80
N THR A 7 14.14 35.46 12.91
CA THR A 7 13.87 36.84 12.51
C THR A 7 14.52 37.17 11.17
N LEU A 8 13.92 38.08 10.43
CA LEU A 8 14.48 38.43 9.16
C LEU A 8 15.80 39.18 9.34
N ARG A 9 16.08 39.58 10.57
CA ARG A 9 17.37 40.24 10.85
C ARG A 9 18.54 39.42 10.43
N ASP A 10 18.38 38.10 10.48
CA ASP A 10 19.46 37.17 10.15
C ASP A 10 19.59 36.88 8.65
N PHE A 11 18.88 37.62 7.80
CA PHE A 11 18.93 37.38 6.37
C PHE A 11 19.21 38.59 5.52
N SER A 12 19.71 38.31 4.33
CA SER A 12 20.09 39.34 3.43
C SER A 12 18.91 39.72 2.57
N LYS A 13 18.97 40.95 2.08
CA LYS A 13 18.10 41.43 1.03
C LYS A 13 17.89 40.31 -0.02
N GLU A 14 18.98 39.71 -0.45
CA GLU A 14 18.94 38.70 -1.54
C GLU A 14 18.24 37.46 -1.10
N GLU A 15 18.59 37.04 0.09
CA GLU A 15 17.88 35.90 0.66
C GLU A 15 16.37 36.10 0.81
N ILE A 16 15.97 37.26 1.29
CA ILE A 16 14.55 37.53 1.51
C ILE A 16 13.82 37.56 0.18
N LEU A 17 14.41 38.25 -0.77
CA LEU A 17 13.76 38.38 -2.09
C LEU A 17 13.65 37.03 -2.78
N SER A 18 14.59 36.16 -2.53
CA SER A 18 14.53 34.87 -3.20
C SER A 18 13.50 33.94 -2.57
N LEU A 19 13.24 34.10 -1.26
CA LEU A 19 12.13 33.43 -0.64
C LEU A 19 10.78 33.84 -1.31
N VAL A 20 10.57 35.14 -1.47
CA VAL A 20 9.38 35.65 -2.13
C VAL A 20 9.30 35.14 -3.56
N ASN A 21 10.42 35.15 -4.27
CA ASN A 21 10.38 34.65 -5.67
C ASN A 21 10.05 33.17 -5.74
N HIS A 22 10.56 32.42 -4.79
CA HIS A 22 10.35 31.01 -4.83
C HIS A 22 8.88 30.73 -4.55
N ALA A 23 8.38 31.42 -3.56
CA ALA A 23 6.98 31.33 -3.19
C ALA A 23 6.13 31.45 -4.43
N SER A 24 6.48 32.45 -5.17
CA SER A 24 5.74 32.83 -6.33
C SER A 24 5.79 31.71 -7.35
N GLU A 25 6.96 31.14 -7.57
CA GLU A 25 7.11 29.99 -8.47
C GLU A 25 6.21 28.85 -8.02
N LEU A 26 6.19 28.63 -6.72
CA LEU A 26 5.44 27.49 -6.14
C LEU A 26 3.92 27.71 -6.27
N LYS A 27 3.51 28.96 -6.08
CA LYS A 27 2.10 29.30 -6.24
C LYS A 27 1.74 28.97 -7.67
N LYS A 28 2.64 29.30 -8.58
CA LYS A 28 2.36 29.15 -10.01
C LYS A 28 2.36 27.70 -10.41
N GLU A 29 3.38 27.00 -9.95
CA GLU A 29 3.59 25.59 -10.27
C GLU A 29 3.95 24.78 -9.03
N PRO A 30 2.93 24.29 -8.31
CA PRO A 30 3.19 23.50 -7.11
C PRO A 30 3.98 22.23 -7.41
N LYS A 31 4.93 21.95 -6.54
CA LYS A 31 5.78 20.78 -6.61
C LYS A 31 5.97 20.18 -5.18
N LYS A 32 6.10 18.87 -5.10
CA LYS A 32 6.29 18.17 -3.83
C LYS A 32 7.78 17.99 -3.54
N LEU A 33 8.38 19.07 -3.14
CA LEU A 33 9.84 19.14 -2.90
C LEU A 33 10.35 18.62 -1.55
N LEU A 34 9.45 18.32 -0.63
CA LEU A 34 9.83 17.79 0.69
C LEU A 34 9.17 16.45 0.96
N GLN A 35 9.23 15.54 -0.02
CA GLN A 35 8.54 14.23 0.20
C GLN A 35 8.92 13.59 1.53
N ASP A 36 7.91 13.13 2.23
CA ASP A 36 8.05 12.47 3.53
C ASP A 36 8.63 13.30 4.68
N LYS A 37 8.88 14.58 4.52
CA LYS A 37 9.51 15.34 5.56
C LYS A 37 8.50 15.74 6.62
N THR A 38 8.94 15.99 7.82
CA THR A 38 7.97 16.21 8.90
C THR A 38 8.14 17.51 9.56
N LEU A 39 7.03 18.09 9.97
CA LEU A 39 7.09 19.40 10.67
C LEU A 39 6.34 19.32 11.97
N ALA A 40 7.03 19.56 13.05
CA ALA A 40 6.37 19.62 14.36
C ALA A 40 5.93 21.07 14.55
N MSE A 41 4.71 21.27 15.00
CA MSE A 41 4.22 22.60 15.19
C MSE A 41 3.89 22.77 16.63
O MSE A 41 2.97 22.16 17.15
CB MSE A 41 2.98 22.87 14.37
CG MSE A 41 3.19 22.67 12.87
SE MSE A 41 1.49 22.94 11.86
CE MSE A 41 0.39 21.47 12.69
N ILE A 42 4.67 23.60 17.30
CA ILE A 42 4.44 23.80 18.73
C ILE A 42 3.77 25.12 18.98
N PHE A 43 2.55 25.08 19.50
CA PHE A 43 1.83 26.34 19.88
C PHE A 43 1.77 26.55 21.36
N GLU A 44 2.14 27.73 21.78
CA GLU A 44 2.00 28.14 23.19
C GLU A 44 0.73 28.91 23.38
N LYS A 45 0.22 29.42 22.27
CA LYS A 45 -1.08 30.15 22.21
C LYS A 45 -1.62 29.86 20.81
N ASN A 46 -2.84 29.37 20.73
CA ASN A 46 -3.34 28.86 19.46
C ASN A 46 -3.64 29.96 18.45
N SER A 47 -3.32 29.67 17.21
CA SER A 47 -3.62 30.54 16.07
C SER A 47 -4.00 29.62 14.96
N THR A 48 -5.28 29.53 14.69
CA THR A 48 -5.82 28.76 13.58
C THR A 48 -5.27 29.24 12.20
N ARG A 49 -5.34 30.53 11.92
CA ARG A 49 -4.78 31.08 10.68
C ARG A 49 -3.34 30.56 10.37
N THR A 50 -2.52 30.50 11.42
CA THR A 50 -1.06 30.18 11.29
C THR A 50 -0.87 28.69 11.02
N ARG A 51 -1.55 27.95 11.84
CA ARG A 51 -1.60 26.53 11.72
C ARG A 51 -1.97 26.07 10.31
N MSE A 52 -3.00 26.66 9.74
CA MSE A 52 -3.43 26.29 8.41
C MSE A 52 -2.30 26.44 7.44
O MSE A 52 -1.97 25.56 6.63
CB MSE A 52 -4.52 27.29 8.06
CG MSE A 52 -5.48 26.87 6.97
SE MSE A 52 -7.10 26.17 7.81
CE MSE A 52 -7.42 27.89 8.75
N ALA A 53 -1.68 27.60 7.51
CA ALA A 53 -0.60 27.95 6.64
C ALA A 53 0.50 26.88 6.70
N PHE A 54 0.92 26.56 7.92
CA PHE A 54 2.02 25.63 8.04
C PHE A 54 1.63 24.23 7.72
N GLU A 55 0.48 23.82 8.21
CA GLU A 55 0.00 22.48 7.99
C GLU A 55 -0.17 22.18 6.51
N LEU A 56 -0.78 23.12 5.83
CA LEU A 56 -0.90 22.96 4.38
C LEU A 56 0.47 23.13 3.63
N ALA A 57 1.34 23.99 4.15
CA ALA A 57 2.62 24.20 3.47
C ALA A 57 3.37 22.86 3.35
N ILE A 58 3.59 22.22 4.49
CA ILE A 58 4.36 21.01 4.48
C ILE A 58 3.61 19.92 3.79
N THR A 59 2.31 19.92 3.98
CA THR A 59 1.51 18.83 3.42
C THR A 59 1.62 18.84 1.89
N GLU A 60 1.39 20.02 1.30
CA GLU A 60 1.42 20.19 -0.16
C GLU A 60 2.81 19.94 -0.73
N LEU A 61 3.81 20.21 0.10
CA LEU A 61 5.20 19.94 -0.27
C LEU A 61 5.58 18.43 -0.20
N GLY A 62 4.60 17.58 0.16
CA GLY A 62 4.82 16.13 0.27
C GLY A 62 5.10 15.54 1.67
N GLY A 63 5.05 16.40 2.67
CA GLY A 63 5.39 15.98 4.05
C GLY A 63 4.20 15.81 4.95
N LYS A 64 4.43 15.86 6.26
CA LYS A 64 3.38 15.61 7.33
C LYS A 64 3.56 16.60 8.43
N ALA A 65 2.48 17.05 9.03
CA ALA A 65 2.60 18.01 10.16
C ALA A 65 2.15 17.34 11.44
N LEU A 66 2.74 17.75 12.54
CA LEU A 66 2.28 17.32 13.83
C LEU A 66 1.93 18.50 14.59
N PHE A 67 0.71 18.54 15.01
CA PHE A 67 0.19 19.66 15.75
C PHE A 67 0.35 19.34 17.19
N LEU A 68 1.24 20.01 17.89
CA LEU A 68 1.27 19.85 19.36
C LEU A 68 0.70 21.10 19.98
N SER A 69 -0.42 20.99 20.68
CA SER A 69 -1.06 22.19 21.19
C SER A 69 -0.56 22.61 22.59
N SER A 70 -1.14 23.72 23.06
CA SER A 70 -0.97 24.28 24.44
C SER A 70 -1.27 23.25 25.55
N ASN A 71 -2.51 22.77 25.57
CA ASN A 71 -2.86 21.62 26.42
C ASN A 71 -1.83 20.45 26.28
N ASP A 72 -1.55 20.06 25.03
CA ASP A 72 -0.65 18.88 24.72
C ASP A 72 0.77 19.07 25.24
N LEU A 73 1.27 20.28 24.96
CA LEU A 73 2.65 20.64 25.29
C LEU A 73 2.72 21.90 26.13
N GLN A 74 3.05 21.67 27.41
CA GLN A 74 3.36 22.71 28.41
C GLN A 74 4.88 23.00 28.48
N LEU A 75 5.31 24.08 27.82
CA LEU A 75 6.74 24.45 27.69
C LEU A 75 7.24 25.28 28.87
N SER A 76 8.42 24.95 29.39
CA SER A 76 9.05 25.66 30.53
C SER A 76 8.16 25.68 31.79
N ARG A 77 7.12 24.83 31.80
CA ARG A 77 6.19 24.70 32.95
C ARG A 77 6.25 23.30 33.58
N GLY A 78 6.50 22.28 32.75
CA GLY A 78 6.97 20.96 33.25
C GLY A 78 8.48 20.80 33.08
N GLU A 79 8.86 19.91 32.16
CA GLU A 79 10.27 19.68 31.82
C GLU A 79 10.97 20.93 31.20
N PRO A 80 12.29 21.08 31.40
CA PRO A 80 13.01 22.15 30.73
C PRO A 80 13.05 22.06 29.21
N VAL A 81 13.24 23.21 28.59
CA VAL A 81 13.07 23.32 27.16
C VAL A 81 14.14 22.55 26.38
N LYS A 82 15.36 22.56 26.92
CA LYS A 82 16.48 21.84 26.28
C LYS A 82 16.17 20.37 26.15
N ASP A 83 15.48 19.84 27.15
CA ASP A 83 15.08 18.40 27.08
C ASP A 83 14.08 18.17 25.99
N THR A 84 13.13 19.07 25.89
CA THR A 84 12.11 18.92 24.87
C THR A 84 12.76 19.01 23.52
N ALA A 85 13.57 20.03 23.39
CA ALA A 85 14.26 20.27 22.14
C ALA A 85 15.02 19.02 21.73
N ARG A 86 15.67 18.37 22.68
CA ARG A 86 16.59 17.29 22.36
C ARG A 86 15.83 15.99 22.06
N VAL A 87 14.55 15.94 22.38
CA VAL A 87 13.66 14.86 21.85
C VAL A 87 12.96 15.24 20.55
N ILE A 88 12.15 16.31 20.58
CA ILE A 88 11.36 16.68 19.38
C ILE A 88 12.25 17.05 18.20
N GLY A 89 13.26 17.86 18.49
CA GLY A 89 14.14 18.34 17.47
C GLY A 89 14.97 17.26 16.80
N ALA A 90 14.93 16.04 17.36
CA ALA A 90 15.72 14.95 16.81
C ALA A 90 14.87 13.96 16.05
N MSE A 91 13.57 14.11 16.17
CA MSE A 91 12.65 13.18 15.45
C MSE A 91 11.94 13.72 14.22
O MSE A 91 11.38 12.96 13.45
CB MSE A 91 11.56 12.81 16.42
CG MSE A 91 12.30 12.17 17.56
SE MSE A 91 11.07 11.41 18.87
CE MSE A 91 10.97 9.55 18.18
N VAL A 92 11.94 15.04 14.07
CA VAL A 92 11.32 15.68 12.93
C VAL A 92 12.31 16.49 12.13
N ASP A 93 11.90 16.87 10.94
CA ASP A 93 12.77 17.65 10.06
C ASP A 93 12.71 19.15 10.28
N PHE A 94 11.59 19.68 10.79
CA PHE A 94 11.51 21.12 11.08
C PHE A 94 10.67 21.33 12.28
N VAL A 95 10.88 22.42 12.99
CA VAL A 95 10.03 22.71 14.11
C VAL A 95 9.53 24.13 14.00
N MSE A 96 8.22 24.36 13.85
CA MSE A 96 7.73 25.73 13.93
C MSE A 96 7.28 25.96 15.35
O MSE A 96 6.73 25.06 15.98
CB MSE A 96 6.60 25.97 12.94
CG MSE A 96 5.31 25.32 13.40
SE MSE A 96 3.94 26.59 14.08
CE MSE A 96 3.48 27.04 12.22
N MSE A 97 7.43 27.15 15.84
CA MSE A 97 6.87 27.45 17.17
C MSE A 97 6.25 28.79 17.26
O MSE A 97 6.78 29.80 16.80
CB MSE A 97 7.90 27.49 18.26
CG MSE A 97 8.89 26.35 18.13
SE MSE A 97 10.09 26.38 19.69
CE MSE A 97 8.91 25.94 21.20
N ARG A 98 5.12 28.82 17.89
CA ARG A 98 4.47 30.10 18.18
C ARG A 98 4.54 30.35 19.66
N VAL A 99 5.31 31.33 20.05
CA VAL A 99 5.64 31.41 21.45
C VAL A 99 5.30 32.72 22.10
N ASN A 100 5.06 32.64 23.39
CA ASN A 100 4.83 33.83 24.21
C ASN A 100 6.12 34.67 24.27
N LYS A 101 7.26 34.02 24.45
CA LYS A 101 8.53 34.68 24.66
C LYS A 101 9.65 34.21 23.71
N HIS A 102 10.26 35.17 23.02
CA HIS A 102 11.35 34.87 22.06
C HIS A 102 12.49 33.99 22.63
N GLU A 103 12.85 34.24 23.88
CA GLU A 103 13.92 33.50 24.52
C GLU A 103 13.69 32.00 24.38
N THR A 104 12.44 31.59 24.52
CA THR A 104 12.03 30.21 24.35
C THR A 104 12.41 29.70 22.96
N LEU A 105 12.25 30.51 21.93
CA LEU A 105 12.67 30.01 20.61
C LEU A 105 14.16 29.81 20.60
N LEU A 106 14.87 30.79 21.18
CA LEU A 106 16.32 30.79 21.13
C LEU A 106 16.83 29.54 21.87
N GLU A 107 16.26 29.30 23.05
CA GLU A 107 16.67 28.20 23.89
C GLU A 107 16.45 26.88 23.21
N PHE A 108 15.32 26.80 22.53
CA PHE A 108 14.98 25.57 21.79
C PHE A 108 15.94 25.35 20.64
N ALA A 109 16.12 26.38 19.86
CA ALA A 109 16.99 26.34 18.64
C ALA A 109 18.38 25.89 19.04
N ARG A 110 18.78 26.35 20.20
CA ARG A 110 20.09 26.08 20.75
C ARG A 110 20.33 24.59 20.94
N TYR A 111 19.28 23.84 21.22
CA TYR A 111 19.36 22.41 21.40
C TYR A 111 18.63 21.58 20.34
N SER A 112 18.08 22.24 19.31
CA SER A 112 17.35 21.49 18.29
C SER A 112 18.20 21.08 17.10
N LYS A 113 18.29 19.81 16.85
CA LYS A 113 18.94 19.36 15.61
C LYS A 113 18.16 19.88 14.40
N ALA A 114 16.88 20.17 14.57
CA ALA A 114 16.01 20.54 13.45
C ALA A 114 15.88 22.03 13.44
N PRO A 115 15.83 22.63 12.25
CA PRO A 115 15.75 24.07 12.12
C PRO A 115 14.47 24.51 12.75
N VAL A 116 14.48 25.57 13.54
CA VAL A 116 13.29 26.08 14.15
C VAL A 116 12.78 27.29 13.40
N ILE A 117 11.48 27.41 13.23
CA ILE A 117 10.83 28.58 12.54
C ILE A 117 9.94 29.42 13.46
N ASN A 118 10.18 30.74 13.52
CA ASN A 118 9.44 31.62 14.46
C ASN A 118 8.09 31.94 13.88
N ALA A 119 7.08 31.20 14.30
CA ALA A 119 5.74 31.43 13.79
C ALA A 119 5.07 32.68 14.44
N LEU A 120 5.74 33.26 15.44
CA LEU A 120 5.30 34.47 16.12
C LEU A 120 5.85 34.54 17.51
N SER A 121 6.46 35.67 17.84
CA SER A 121 6.96 35.90 19.18
C SER A 121 6.63 37.32 19.55
N GLU A 122 6.86 37.69 20.79
CA GLU A 122 6.55 39.08 21.20
C GLU A 122 7.45 40.10 20.46
N LEU A 123 8.62 39.66 20.03
CA LEU A 123 9.53 40.55 19.32
C LEU A 123 9.37 40.59 17.83
N TYR A 124 9.04 39.47 17.23
CA TYR A 124 9.10 39.38 15.77
C TYR A 124 8.01 38.51 15.20
N HIS A 125 7.53 38.88 14.03
CA HIS A 125 6.57 38.04 13.32
C HIS A 125 6.94 37.93 11.86
N PRO A 126 8.15 37.44 11.57
CA PRO A 126 8.69 37.38 10.22
C PRO A 126 7.94 36.65 9.15
N THR A 127 7.29 35.54 9.46
CA THR A 127 6.51 34.82 8.40
C THR A 127 5.40 35.73 7.86
N GLN A 128 4.79 36.48 8.74
CA GLN A 128 3.76 37.40 8.33
C GLN A 128 4.29 38.51 7.40
N VAL A 129 5.39 39.13 7.80
CA VAL A 129 5.99 40.14 6.93
C VAL A 129 6.33 39.52 5.60
N LEU A 130 6.82 38.28 5.57
CA LEU A 130 7.17 37.68 4.26
C LEU A 130 5.90 37.63 3.39
N GLY A 131 4.79 37.29 4.00
CA GLY A 131 3.55 37.13 3.26
C GLY A 131 3.03 38.47 2.77
N ASP A 132 3.22 39.48 3.61
CA ASP A 132 2.84 40.81 3.27
C ASP A 132 3.59 41.18 2.03
N LEU A 133 4.86 40.95 2.09
CA LEU A 133 5.78 41.27 0.97
C LEU A 133 5.33 40.61 -0.34
N PHE A 134 5.05 39.31 -0.23
CA PHE A 134 4.59 38.50 -1.39
C PHE A 134 3.40 39.20 -2.04
N THR A 135 2.56 39.72 -1.15
CA THR A 135 1.30 40.26 -1.53
C THR A 135 1.51 41.63 -2.23
N ILE A 136 2.42 42.41 -1.69
CA ILE A 136 2.77 43.70 -2.25
C ILE A 136 3.24 43.48 -3.69
N LYS A 137 4.02 42.44 -3.89
CA LYS A 137 4.57 42.14 -5.21
C LYS A 137 3.45 41.71 -6.14
N GLU A 138 2.51 40.95 -5.61
CA GLU A 138 1.35 40.47 -6.41
C GLU A 138 0.42 41.59 -6.83
N TRP A 139 0.34 42.62 -6.02
CA TRP A 139 -0.55 43.76 -6.31
C TRP A 139 0.20 44.88 -7.02
N ASN A 140 1.33 44.51 -7.62
CA ASN A 140 2.18 45.42 -8.40
C ASN A 140 2.39 46.76 -7.69
N LYS A 141 2.69 46.71 -6.40
CA LYS A 141 3.00 47.93 -5.65
C LYS A 141 4.51 47.99 -5.33
N MSE A 142 5.30 47.26 -6.10
CA MSE A 142 6.76 47.27 -5.92
C MSE A 142 7.40 47.80 -7.16
O MSE A 142 7.91 47.03 -7.98
CB MSE A 142 7.34 45.92 -5.60
CG MSE A 142 7.80 45.95 -4.16
SE MSE A 142 8.53 44.21 -3.63
CE MSE A 142 7.10 43.51 -2.46
N GLN A 143 7.37 49.12 -7.29
CA GLN A 143 8.00 49.83 -8.40
C GLN A 143 9.49 50.03 -8.11
N ASN A 144 10.32 49.38 -8.92
CA ASN A 144 11.79 49.56 -8.88
C ASN A 144 12.47 48.74 -7.75
N GLY A 145 11.80 47.67 -7.32
CA GLY A 145 12.31 46.81 -6.22
C GLY A 145 12.17 47.43 -4.83
N ILE A 146 11.79 48.70 -4.83
CA ILE A 146 11.46 49.49 -3.63
C ILE A 146 9.94 49.47 -3.43
N ALA A 147 9.50 49.61 -2.18
CA ALA A 147 8.08 49.86 -1.88
C ALA A 147 7.95 51.03 -0.96
N LYS A 148 6.91 51.79 -1.15
CA LYS A 148 6.65 52.97 -0.34
C LYS A 148 5.55 52.57 0.63
N VAL A 149 5.92 52.37 1.88
CA VAL A 149 5.04 51.77 2.89
C VAL A 149 4.81 52.61 4.13
N ALA A 150 3.59 52.58 4.64
CA ALA A 150 3.27 53.19 5.96
C ALA A 150 2.85 52.14 6.93
N PHE A 151 3.43 52.13 8.10
CA PHE A 151 2.93 51.25 9.14
C PHE A 151 2.30 52.07 10.22
N ILE A 152 1.04 51.80 10.52
CA ILE A 152 0.36 52.51 11.60
C ILE A 152 -0.09 51.57 12.72
N GLY A 153 0.38 51.82 13.95
CA GLY A 153 -0.03 50.98 15.09
C GLY A 153 0.84 50.98 16.33
N ASP A 154 0.86 49.86 17.04
CA ASP A 154 1.64 49.70 18.26
C ASP A 154 3.12 49.52 17.93
N SER A 155 3.98 49.66 18.94
CA SER A 155 5.41 49.23 18.85
C SER A 155 5.55 47.71 19.15
N ASN A 156 4.74 46.93 18.44
CA ASN A 156 4.66 45.52 18.68
C ASN A 156 5.63 44.74 17.77
N ASN A 157 5.47 43.40 17.78
CA ASN A 157 6.26 42.48 16.91
C ASN A 157 6.22 42.83 15.41
N MSE A 158 5.03 43.16 14.95
CA MSE A 158 4.76 43.46 13.52
C MSE A 158 5.52 44.66 13.10
O MSE A 158 6.03 44.74 11.99
CB MSE A 158 3.27 43.72 13.26
CG MSE A 158 2.50 42.44 12.93
SE MSE A 158 3.21 41.55 11.28
CE MSE A 158 2.21 42.56 9.91
N CYS A 159 5.56 45.61 14.01
CA CYS A 159 6.24 46.87 13.77
C CYS A 159 7.74 46.65 13.64
N ASN A 160 8.26 45.88 14.59
CA ASN A 160 9.67 45.50 14.59
C ASN A 160 10.06 44.83 13.29
N SER A 161 9.26 43.88 12.89
CA SER A 161 9.58 43.11 11.71
C SER A 161 9.44 43.93 10.44
N TRP A 162 8.46 44.83 10.39
CA TRP A 162 8.35 45.73 9.21
C TRP A 162 9.47 46.73 9.18
N LEU A 163 9.82 47.20 10.34
CA LEU A 163 10.91 48.18 10.40
C LEU A 163 12.20 47.55 9.83
N ILE A 164 12.53 46.38 10.36
CA ILE A 164 13.71 45.58 10.00
C ILE A 164 13.76 45.26 8.53
N THR A 165 12.64 44.76 8.04
CA THR A 165 12.60 44.27 6.68
C THR A 165 12.71 45.42 5.70
N ALA A 166 12.05 46.51 6.02
CA ALA A 166 12.12 47.69 5.17
C ALA A 166 13.59 48.15 5.10
N ALA A 167 14.24 48.08 6.25
CA ALA A 167 15.64 48.47 6.37
C ALA A 167 16.57 47.61 5.51
N ILE A 168 16.31 46.31 5.52
CA ILE A 168 17.15 45.38 4.77
C ILE A 168 16.91 45.58 3.31
N LEU A 169 15.62 45.68 2.96
CA LEU A 169 15.23 45.62 1.55
C LEU A 169 15.48 46.92 0.79
N GLY A 170 15.54 48.00 1.52
CA GLY A 170 15.71 49.33 0.92
C GLY A 170 14.41 50.09 0.69
N PHE A 171 13.38 49.69 1.41
CA PHE A 171 12.06 50.31 1.25
C PHE A 171 12.01 51.68 1.85
N GLU A 172 10.99 52.42 1.47
CA GLU A 172 10.76 53.71 2.08
C GLU A 172 9.61 53.47 3.02
N ILE A 173 9.87 53.61 4.32
CA ILE A 173 8.84 53.31 5.32
C ILE A 173 8.65 54.42 6.35
N SER A 174 7.39 54.77 6.56
CA SER A 174 6.98 55.68 7.65
C SER A 174 6.17 54.95 8.71
N ILE A 175 6.62 55.04 9.95
CA ILE A 175 5.94 54.42 11.09
C ILE A 175 5.30 55.44 12.00
N ALA A 176 4.07 55.14 12.36
CA ALA A 176 3.30 56.04 13.20
C ALA A 176 2.71 55.33 14.37
N MSE A 177 2.99 55.84 15.57
CA MSE A 177 2.43 55.34 16.81
C MSE A 177 2.25 56.47 17.76
O MSE A 177 2.81 57.54 17.56
CB MSE A 177 3.40 54.34 17.39
CG MSE A 177 4.80 54.90 17.56
SE MSE A 177 6.08 53.49 18.20
CE MSE A 177 5.46 51.93 17.12
N PRO A 178 1.50 56.27 18.86
CA PRO A 178 1.29 57.42 19.79
C PRO A 178 2.56 58.01 20.45
N LYS A 179 2.42 59.18 21.07
CA LYS A 179 3.58 59.94 21.56
C LYS A 179 4.35 59.14 22.61
N ASN A 180 3.63 58.58 23.58
CA ASN A 180 4.29 57.88 24.72
C ASN A 180 5.03 56.59 24.31
N TYR A 181 4.73 56.11 23.11
CA TYR A 181 5.22 54.82 22.62
C TYR A 181 6.60 54.93 22.00
N LYS A 182 7.42 53.92 22.27
CA LYS A 182 8.83 53.91 21.85
C LYS A 182 9.11 52.60 21.18
N ILE A 183 10.05 52.60 20.23
CA ILE A 183 10.57 51.33 19.66
C ILE A 183 11.80 50.90 20.44
N SER A 184 11.97 49.60 20.57
CA SER A 184 13.15 49.06 21.27
C SER A 184 14.42 49.65 20.71
N PRO A 185 15.21 50.27 21.56
CA PRO A 185 16.37 50.93 20.99
C PRO A 185 17.28 49.99 20.22
N GLU A 186 17.39 48.75 20.72
CA GLU A 186 18.30 47.76 20.08
C GLU A 186 17.87 47.43 18.63
N ILE A 187 16.57 47.31 18.46
CA ILE A 187 16.00 47.04 17.15
C ILE A 187 16.14 48.23 16.21
N TRP A 188 15.88 49.38 16.79
CA TRP A 188 15.92 50.65 16.05
C TRP A 188 17.32 50.92 15.53
N GLU A 189 18.30 50.68 16.39
CA GLU A 189 19.70 50.86 16.03
C GLU A 189 20.07 49.91 14.86
N PHE A 190 19.60 48.67 14.89
CA PHE A 190 19.88 47.74 13.78
C PHE A 190 19.37 48.29 12.45
N ALA A 191 18.15 48.83 12.51
CA ALA A 191 17.50 49.37 11.32
C ALA A 191 18.24 50.59 10.79
N MSE A 192 18.70 51.42 11.70
CA MSE A 192 19.43 52.60 11.26
C MSE A 192 20.63 52.18 10.45
O MSE A 192 20.87 52.68 9.36
CB MSE A 192 19.82 53.52 12.42
CG MSE A 192 18.67 54.30 13.06
SE MSE A 192 17.35 54.99 11.77
CE MSE A 192 18.54 55.66 10.33
N LYS A 193 21.39 51.23 11.00
CA LYS A 193 22.62 50.71 10.37
C LYS A 193 22.31 50.11 8.99
N GLN A 194 21.28 49.30 8.96
CA GLN A 194 20.90 48.64 7.72
C GLN A 194 20.46 49.62 6.62
N ALA A 195 19.79 50.70 7.02
CA ALA A 195 19.29 51.68 6.03
C ALA A 195 20.45 52.31 5.27
N LEU A 196 21.48 52.67 6.01
CA LEU A 196 22.70 53.19 5.37
C LEU A 196 23.19 52.34 4.20
N ILE A 197 23.29 51.03 4.42
CA ILE A 197 23.75 50.10 3.39
C ILE A 197 22.79 50.04 2.21
N SER A 198 21.51 49.85 2.52
CA SER A 198 20.44 49.60 1.51
C SER A 198 19.74 50.83 0.91
N GLY A 199 20.02 52.00 1.47
CA GLY A 199 19.28 53.21 1.11
C GLY A 199 17.82 53.31 1.53
N ALA A 200 17.47 52.62 2.62
CA ALA A 200 16.14 52.76 3.20
C ALA A 200 15.83 54.23 3.60
N LYS A 201 14.64 54.67 3.22
CA LYS A 201 14.05 55.97 3.74
C LYS A 201 13.07 55.62 4.89
N ILE A 202 13.61 55.51 6.10
CA ILE A 202 12.87 55.25 7.31
C ILE A 202 12.58 56.51 8.12
N SER A 203 11.35 56.63 8.59
CA SER A 203 10.94 57.73 9.46
C SER A 203 9.93 57.27 10.51
N LEU A 204 10.08 57.75 11.74
CA LEU A 204 9.15 57.40 12.85
C LEU A 204 8.55 58.66 13.45
N GLY A 205 7.23 58.64 13.62
CA GLY A 205 6.50 59.80 14.13
C GLY A 205 5.31 59.40 14.96
N TYR A 206 4.53 60.40 15.35
CA TYR A 206 3.26 60.18 16.05
C TYR A 206 2.08 60.86 15.33
N ASP A 207 2.22 60.99 14.01
CA ASP A 207 1.21 61.65 13.19
C ASP A 207 0.77 60.74 12.05
N LYS A 208 -0.44 60.20 12.17
CA LYS A 208 -0.97 59.22 11.19
C LYS A 208 -0.85 59.76 9.77
N PHE A 209 -1.24 61.00 9.63
CA PHE A 209 -1.38 61.62 8.29
C PHE A 209 -0.05 61.86 7.61
N GLU A 210 0.95 62.25 8.40
CA GLU A 210 2.33 62.43 7.91
C GLU A 210 2.90 61.10 7.41
N ALA A 211 2.66 60.05 8.18
CA ALA A 211 3.09 58.69 7.84
C ALA A 211 2.49 58.23 6.51
N LEU A 212 1.26 58.61 6.31
CA LEU A 212 0.48 58.18 5.15
C LEU A 212 0.89 58.86 3.84
N LYS A 213 1.44 60.08 3.93
CA LYS A 213 1.73 60.92 2.72
C LYS A 213 2.62 60.13 1.73
N ASP A 214 2.23 60.15 0.46
CA ASP A 214 2.96 59.49 -0.67
C ASP A 214 3.26 58.01 -0.44
N LYS A 215 2.25 57.27 -0.02
CA LYS A 215 2.41 55.81 0.27
C LYS A 215 1.52 54.95 -0.61
N ASP A 216 2.04 53.84 -1.09
CA ASP A 216 1.23 52.88 -1.88
C ASP A 216 0.73 51.69 -1.08
N VAL A 217 1.23 51.56 0.13
CA VAL A 217 0.82 50.44 0.97
C VAL A 217 0.63 50.95 2.38
N VAL A 218 -0.57 50.74 2.90
CA VAL A 218 -0.79 51.02 4.31
C VAL A 218 -0.97 49.72 5.08
N ILE A 219 -0.23 49.63 6.17
CA ILE A 219 -0.28 48.47 7.02
C ILE A 219 -0.72 48.82 8.44
N THR A 220 -1.69 48.10 8.96
CA THR A 220 -2.13 48.34 10.32
C THR A 220 -2.33 47.04 11.07
N ASP A 221 -2.54 47.15 12.37
CA ASP A 221 -2.65 46.00 13.22
C ASP A 221 -3.42 46.35 14.50
N THR A 222 -3.92 45.30 15.15
CA THR A 222 -4.66 45.46 16.41
C THR A 222 -3.80 46.24 17.39
N TRP A 223 -4.47 46.94 18.28
CA TRP A 223 -3.77 47.75 19.28
C TRP A 223 -3.57 46.99 20.57
N VAL A 224 -4.62 46.28 20.95
CA VAL A 224 -4.58 45.37 22.09
C VAL A 224 -3.92 44.07 21.62
N SER A 225 -2.61 43.99 21.83
CA SER A 225 -1.79 42.83 21.45
C SER A 225 -1.94 41.74 22.51
N MSE A 226 -2.08 40.50 22.05
CA MSE A 226 -2.38 39.33 22.89
C MSE A 226 -1.43 39.22 24.08
O MSE A 226 -0.22 39.44 23.95
CB MSE A 226 -2.38 38.02 22.07
CG MSE A 226 -3.39 37.97 20.92
SE MSE A 226 -5.16 37.18 21.32
CE MSE A 226 -5.86 36.94 19.49
N GLY A 227 -1.99 38.86 25.22
CA GLY A 227 -1.26 38.84 26.49
C GLY A 227 -1.42 40.15 27.26
N GLU A 228 -1.16 41.26 26.57
CA GLU A 228 -1.30 42.62 27.15
C GLU A 228 -2.78 43.01 27.45
N GLU A 229 -3.68 42.03 27.38
CA GLU A 229 -5.13 42.24 27.53
C GLU A 229 -5.56 42.66 28.95
N ASN A 230 -4.69 42.50 29.94
CA ASN A 230 -4.92 43.03 31.30
C ASN A 230 -4.82 44.58 31.39
N GLU A 231 -4.40 45.25 30.32
CA GLU A 231 -4.20 46.74 30.30
C GLU A 231 -5.04 47.56 29.25
N LYS A 232 -6.04 46.90 28.65
CA LYS A 232 -6.72 47.35 27.41
C LYS A 232 -7.39 48.74 27.45
N GLU A 233 -8.25 48.97 28.43
CA GLU A 233 -9.05 50.23 28.53
C GLU A 233 -8.21 51.51 28.30
N ARG A 234 -7.01 51.51 28.89
CA ARG A 234 -6.06 52.63 28.79
C ARG A 234 -5.49 52.78 27.38
N LYS A 235 -5.08 51.66 26.80
CA LYS A 235 -4.46 51.63 25.45
C LYS A 235 -5.37 52.24 24.37
N ILE A 236 -6.61 51.75 24.29
CA ILE A 236 -7.66 52.32 23.38
C ILE A 236 -7.70 53.88 23.38
N LYS A 237 -7.81 54.47 24.56
CA LYS A 237 -7.81 55.94 24.70
C LYS A 237 -6.55 56.61 24.12
N GLU A 238 -5.41 55.92 24.22
CA GLU A 238 -4.11 56.43 23.73
C GLU A 238 -4.06 56.48 22.20
N PHE A 239 -4.79 55.55 21.58
CA PHE A 239 -4.84 55.39 20.11
C PHE A 239 -6.00 56.15 19.45
N GLU A 240 -6.40 57.28 20.02
CA GLU A 240 -7.59 58.04 19.53
C GLU A 240 -7.55 58.30 18.02
N GLY A 241 -6.56 59.08 17.59
CA GLY A 241 -6.46 59.51 16.16
C GLY A 241 -6.06 58.44 15.15
N PHE A 242 -5.82 57.24 15.63
CA PHE A 242 -5.02 56.26 14.86
C PHE A 242 -5.77 55.27 13.99
N MSE A 243 -7.09 55.31 14.02
CA MSE A 243 -7.86 54.40 13.18
C MSE A 243 -7.57 54.66 11.72
O MSE A 243 -7.36 55.81 11.33
CB MSE A 243 -9.34 54.61 13.41
CG MSE A 243 -10.14 53.97 12.29
SE MSE A 243 -12.01 53.89 12.86
CE MSE A 243 -12.61 55.70 12.31
N ILE A 244 -7.51 53.60 10.92
CA ILE A 244 -7.52 53.75 9.46
C ILE A 244 -8.95 53.81 8.95
N ASP A 245 -9.30 54.95 8.40
CA ASP A 245 -10.62 55.16 7.80
C ASP A 245 -10.51 55.77 6.40
N GLU A 246 -11.64 56.06 5.77
CA GLU A 246 -11.68 56.61 4.39
C GLU A 246 -10.80 57.86 4.26
N LYS A 247 -10.95 58.78 5.20
CA LYS A 247 -10.17 60.06 5.16
C LYS A 247 -8.67 59.75 5.24
N ALA A 248 -8.32 58.75 6.06
CA ALA A 248 -6.91 58.35 6.23
C ALA A 248 -6.34 57.79 4.92
N MSE A 249 -7.06 56.85 4.33
CA MSE A 249 -6.61 56.24 3.06
C MSE A 249 -6.56 57.26 1.95
O MSE A 249 -5.75 57.10 1.03
CB MSE A 249 -7.55 55.16 2.55
CG MSE A 249 -7.52 53.84 3.31
SE MSE A 249 -5.72 53.04 3.54
CE MSE A 249 -5.27 52.27 1.58
N SER A 250 -7.45 58.25 2.02
CA SER A 250 -7.46 59.42 1.07
C SER A 250 -6.09 60.12 1.00
N VAL A 251 -5.39 60.15 2.13
CA VAL A 251 -4.10 60.88 2.27
C VAL A 251 -3.00 60.13 1.55
N ALA A 252 -3.15 58.83 1.50
CA ALA A 252 -2.19 58.00 0.78
C ALA A 252 -2.46 58.11 -0.72
N ASN A 253 -1.53 57.59 -1.51
CA ASN A 253 -1.65 57.61 -2.97
C ASN A 253 -2.88 56.90 -3.44
N LYS A 254 -3.23 57.22 -4.68
CA LYS A 254 -4.39 56.64 -5.32
C LYS A 254 -4.12 55.13 -5.44
N ASP A 255 -5.15 54.33 -5.21
CA ASP A 255 -5.13 52.87 -5.39
C ASP A 255 -4.27 52.10 -4.42
N ALA A 256 -3.89 52.79 -3.36
CA ALA A 256 -3.04 52.21 -2.36
C ALA A 256 -3.80 51.12 -1.68
N ILE A 257 -3.09 50.04 -1.36
CA ILE A 257 -3.65 48.82 -0.70
C ILE A 257 -3.49 48.91 0.83
N LEU A 258 -4.46 48.33 1.53
CA LEU A 258 -4.48 48.28 2.98
C LEU A 258 -4.21 46.83 3.39
N LEU A 259 -3.23 46.67 4.24
CA LEU A 259 -2.89 45.35 4.74
C LEU A 259 -3.15 45.30 6.21
N HIS A 260 -3.68 44.15 6.66
CA HIS A 260 -3.96 43.89 8.07
C HIS A 260 -3.72 42.43 8.34
N CYS A 261 -2.93 42.09 9.36
CA CYS A 261 -2.53 40.66 9.52
C CYS A 261 -3.68 39.82 10.05
N LEU A 262 -4.58 40.48 10.76
CA LEU A 262 -5.81 39.86 11.29
C LEU A 262 -5.51 39.23 12.60
N PRO A 263 -6.55 39.03 13.42
CA PRO A 263 -7.90 39.45 13.19
C PRO A 263 -7.99 40.93 13.38
N ALA A 264 -9.08 41.48 12.87
CA ALA A 264 -9.34 42.88 12.84
C ALA A 264 -10.45 43.25 13.84
N TYR A 265 -10.41 44.47 14.33
CA TYR A 265 -11.43 44.94 15.24
C TYR A 265 -11.99 46.17 14.60
N ARG A 266 -13.04 45.93 13.83
CA ARG A 266 -13.78 46.97 13.16
C ARG A 266 -14.22 47.96 14.19
N GLY A 267 -14.03 49.23 13.87
CA GLY A 267 -14.40 50.32 14.78
C GLY A 267 -13.25 50.82 15.63
N TYR A 268 -12.13 50.12 15.54
CA TYR A 268 -10.92 50.46 16.31
C TYR A 268 -9.83 50.80 15.36
N GLU A 269 -8.87 49.91 15.18
CA GLU A 269 -7.72 50.23 14.31
C GLU A 269 -8.15 50.43 12.87
N VAL A 270 -9.33 49.98 12.56
CA VAL A 270 -9.79 50.04 11.19
C VAL A 270 -11.31 50.13 11.17
N SER A 271 -11.81 50.93 10.24
CA SER A 271 -13.25 51.08 10.03
C SER A 271 -13.81 49.95 9.18
N GLU A 272 -15.07 49.64 9.42
CA GLU A 272 -15.75 48.56 8.72
C GLU A 272 -15.74 48.82 7.23
N GLU A 273 -16.11 50.03 6.89
CA GLU A 273 -16.21 50.42 5.50
C GLU A 273 -14.90 50.12 4.80
N ILE A 274 -13.81 50.66 5.34
CA ILE A 274 -12.50 50.62 4.67
C ILE A 274 -11.90 49.21 4.63
N PHE A 275 -12.16 48.49 5.69
CA PHE A 275 -11.72 47.13 5.79
C PHE A 275 -12.37 46.32 4.67
N GLU A 276 -13.70 46.37 4.61
CA GLU A 276 -14.41 45.65 3.56
C GLU A 276 -14.01 46.17 2.17
N LYS A 277 -13.72 47.46 2.06
CA LYS A 277 -13.28 48.04 0.78
C LYS A 277 -12.09 47.24 0.29
N HIS A 278 -11.23 46.91 1.21
CA HIS A 278 -10.04 46.08 0.90
C HIS A 278 -10.10 44.58 1.20
N ALA A 279 -11.30 44.00 1.24
CA ALA A 279 -11.38 42.56 1.57
C ALA A 279 -10.48 41.74 0.63
N ASP A 280 -10.56 41.97 -0.67
CA ASP A 280 -9.82 41.11 -1.60
C ASP A 280 -8.34 41.03 -1.26
N VAL A 281 -7.72 42.17 -1.01
CA VAL A 281 -6.28 42.19 -0.77
C VAL A 281 -5.99 41.66 0.63
N ILE A 282 -6.82 42.00 1.60
CA ILE A 282 -6.55 41.62 2.97
C ILE A 282 -6.64 40.09 3.09
N PHE A 283 -7.61 39.50 2.41
CA PHE A 283 -7.74 38.05 2.49
C PHE A 283 -6.81 37.28 1.55
N GLU A 284 -6.32 37.89 0.48
CA GLU A 284 -5.25 37.25 -0.30
C GLU A 284 -4.01 37.22 0.62
N GLU A 285 -3.85 38.32 1.36
CA GLU A 285 -2.72 38.52 2.26
C GLU A 285 -2.72 37.30 3.16
N ALA A 286 -3.84 37.07 3.82
CA ALA A 286 -4.06 35.91 4.69
C ALA A 286 -3.65 34.58 4.08
N ARG A 287 -4.14 34.34 2.91
CA ARG A 287 -3.89 33.10 2.20
C ARG A 287 -2.45 33.00 1.76
N ASN A 288 -1.83 34.12 1.44
CA ASN A 288 -0.51 34.09 0.81
C ASN A 288 0.60 33.63 1.74
N ARG A 289 0.31 33.56 3.01
CA ARG A 289 1.25 33.02 3.98
C ARG A 289 1.66 31.58 3.64
N LEU A 290 0.79 30.91 2.95
CA LEU A 290 1.04 29.53 2.57
C LEU A 290 2.27 29.45 1.70
N TYR A 291 2.34 30.28 0.68
CA TYR A 291 3.34 30.07 -0.39
C TYR A 291 4.70 30.42 0.14
N VAL A 292 4.65 31.34 1.06
CA VAL A 292 5.83 31.87 1.66
C VAL A 292 6.40 30.87 2.69
N VAL A 293 5.54 30.24 3.46
CA VAL A 293 6.03 29.21 4.35
C VAL A 293 6.59 28.05 3.56
N LYS A 294 5.95 27.72 2.46
CA LYS A 294 6.54 26.72 1.55
C LYS A 294 7.99 27.03 1.16
N ALA A 295 8.21 28.27 0.72
CA ALA A 295 9.56 28.74 0.29
C ALA A 295 10.53 28.54 1.42
N LEU A 296 10.09 29.01 2.57
CA LEU A 296 10.89 29.04 3.77
C LEU A 296 11.33 27.64 4.12
N LEU A 297 10.38 26.72 4.11
CA LEU A 297 10.68 25.34 4.44
C LEU A 297 11.65 24.75 3.41
N CYS A 298 11.43 24.96 2.12
CA CYS A 298 12.42 24.43 1.15
C CYS A 298 13.83 25.01 1.40
N PHE A 299 13.84 26.28 1.73
CA PHE A 299 15.07 27.00 1.96
C PHE A 299 15.83 26.42 3.13
N LEU A 300 15.14 26.22 4.26
CA LEU A 300 15.80 25.67 5.44
C LEU A 300 16.24 24.23 5.24
N ASP A 301 15.56 23.52 4.37
CA ASP A 301 15.95 22.14 4.05
C ASP A 301 17.32 22.11 3.38
N ASN A 302 17.60 23.10 2.55
CA ASN A 302 18.94 23.24 1.86
C ASN A 302 20.09 23.86 2.66
N GLN A 303 19.77 24.47 3.78
CA GLN A 303 20.73 25.16 4.69
C GLN A 303 20.73 24.38 6.00
N ARG A 304 21.22 23.13 5.87
CA ARG A 304 21.62 22.22 6.96
C ARG A 304 23.11 21.97 6.83
N GLY B 1 -6.42 -16.75 17.69
CA GLY B 1 -7.09 -15.67 18.46
C GLY B 1 -6.26 -14.43 18.29
N MSE B 2 -6.93 -13.29 18.37
CA MSE B 2 -6.32 -12.03 18.06
C MSE B 2 -5.66 -11.49 19.26
O MSE B 2 -6.22 -11.48 20.36
CB MSE B 2 -7.42 -11.10 17.63
CG MSE B 2 -6.87 -9.83 16.97
SE MSE B 2 -7.82 -8.23 17.63
CE MSE B 2 -9.67 -8.83 17.20
N LYS B 3 -4.46 -11.01 19.05
CA LYS B 3 -3.63 -10.56 20.14
C LYS B 3 -3.57 -8.99 20.22
N HIS B 4 -3.82 -8.49 21.43
CA HIS B 4 -3.49 -7.16 21.87
C HIS B 4 -2.06 -7.05 22.48
N PHE B 5 -1.62 -5.84 22.72
CA PHE B 5 -0.32 -5.59 23.36
C PHE B 5 -0.53 -4.72 24.65
N LEU B 6 -1.01 -5.30 25.69
CA LEU B 6 -1.33 -4.58 26.93
C LEU B 6 -0.25 -4.69 27.96
N THR B 7 0.52 -5.75 27.89
CA THR B 7 1.67 -5.99 28.77
C THR B 7 2.63 -7.02 28.18
N LEU B 8 3.90 -6.88 28.47
CA LEU B 8 4.82 -7.88 27.97
C LEU B 8 4.61 -9.27 28.57
N ARG B 9 3.82 -9.31 29.64
CA ARG B 9 3.52 -10.59 30.30
C ARG B 9 2.95 -11.58 29.33
N ASP B 10 2.23 -11.09 28.33
CA ASP B 10 1.58 -11.94 27.36
C ASP B 10 2.49 -12.42 26.23
N PHE B 11 3.78 -12.15 26.32
CA PHE B 11 4.70 -12.51 25.22
C PHE B 11 5.90 -13.36 25.63
N SER B 12 6.44 -14.07 24.65
CA SER B 12 7.56 -14.96 24.89
C SER B 12 8.86 -14.21 24.72
N LYS B 13 9.86 -14.71 25.39
CA LYS B 13 11.24 -14.25 25.22
C LYS B 13 11.52 -14.02 23.74
N GLU B 14 11.17 -15.01 22.93
CA GLU B 14 11.44 -14.98 21.49
C GLU B 14 10.65 -13.86 20.80
N GLU B 15 9.40 -13.75 21.14
CA GLU B 15 8.62 -12.69 20.60
C GLU B 15 9.22 -11.30 20.93
N ILE B 16 9.58 -11.06 22.18
CA ILE B 16 10.03 -9.72 22.58
C ILE B 16 11.34 -9.44 21.85
N LEU B 17 12.22 -10.42 21.84
CA LEU B 17 13.51 -10.22 21.21
C LEU B 17 13.36 -9.97 19.69
N SER B 18 12.34 -10.54 19.09
CA SER B 18 12.22 -10.36 17.67
C SER B 18 11.63 -8.97 17.37
N LEU B 19 10.87 -8.41 18.31
CA LEU B 19 10.40 -7.05 18.19
C LEU B 19 11.57 -6.06 18.20
N VAL B 20 12.46 -6.27 19.14
CA VAL B 20 13.68 -5.49 19.17
C VAL B 20 14.49 -5.65 17.86
N ASN B 21 14.64 -6.86 17.37
CA ASN B 21 15.46 -7.02 16.18
C ASN B 21 14.84 -6.38 14.98
N HIS B 22 13.52 -6.39 14.98
CA HIS B 22 12.83 -5.86 13.83
C HIS B 22 13.00 -4.32 13.87
N ALA B 23 12.83 -3.77 15.07
CA ALA B 23 12.97 -2.33 15.32
C ALA B 23 14.30 -1.89 14.72
N SER B 24 15.28 -2.69 15.01
CA SER B 24 16.60 -2.40 14.60
C SER B 24 16.72 -2.42 13.08
N GLU B 25 16.13 -3.41 12.45
CA GLU B 25 16.14 -3.48 10.97
C GLU B 25 15.48 -2.24 10.38
N LEU B 26 14.40 -1.81 11.04
CA LEU B 26 13.60 -0.69 10.53
C LEU B 26 14.36 0.63 10.70
N LYS B 27 15.07 0.72 11.80
CA LYS B 27 15.91 1.89 12.05
C LYS B 27 16.98 1.97 10.99
N LYS B 28 17.53 0.82 10.65
CA LYS B 28 18.58 0.78 9.59
C LYS B 28 18.00 1.11 8.22
N GLU B 29 16.88 0.46 7.89
CA GLU B 29 16.26 0.50 6.55
C GLU B 29 14.76 0.67 6.66
N PRO B 30 14.31 1.92 6.75
CA PRO B 30 12.87 2.20 6.90
C PRO B 30 12.06 1.73 5.69
N LYS B 31 10.91 1.14 5.97
CA LYS B 31 10.02 0.57 4.98
C LYS B 31 8.59 0.93 5.36
N LYS B 32 7.76 1.13 4.33
CA LYS B 32 6.34 1.48 4.52
C LYS B 32 5.44 0.25 4.51
N LEU B 33 5.51 -0.46 5.61
CA LEU B 33 4.89 -1.77 5.74
C LEU B 33 3.40 -1.79 6.07
N LEU B 34 2.88 -0.65 6.46
CA LEU B 34 1.49 -0.52 6.79
C LEU B 34 0.85 0.57 5.94
N GLN B 35 1.07 0.54 4.65
CA GLN B 35 0.36 1.51 3.79
C GLN B 35 -1.17 1.61 4.06
N ASP B 36 -1.62 2.83 4.14
CA ASP B 36 -3.03 3.15 4.41
C ASP B 36 -3.64 2.66 5.74
N LYS B 37 -2.85 2.10 6.65
CA LYS B 37 -3.41 1.62 7.82
C LYS B 37 -3.63 2.74 8.87
N THR B 38 -4.53 2.55 9.78
CA THR B 38 -4.95 3.69 10.61
C THR B 38 -4.84 3.35 12.09
N LEU B 39 -4.44 4.36 12.83
CA LEU B 39 -4.19 4.15 14.29
C LEU B 39 -4.89 5.20 15.07
N ALA B 40 -5.77 4.75 15.89
CA ALA B 40 -6.53 5.69 16.72
C ALA B 40 -5.70 5.88 17.94
N MSE B 41 -5.42 7.07 18.37
CA MSE B 41 -4.69 7.23 19.60
C MSE B 41 -5.59 7.85 20.63
O MSE B 41 -5.99 9.00 20.52
CB MSE B 41 -3.48 8.12 19.42
CG MSE B 41 -2.59 7.58 18.35
SE MSE B 41 -1.06 8.81 18.03
CE MSE B 41 -2.00 10.45 17.36
N ILE B 42 -5.88 7.14 21.68
CA ILE B 42 -6.80 7.74 22.74
C ILE B 42 -6.05 8.08 23.98
N PHE B 43 -5.97 9.34 24.31
CA PHE B 43 -5.29 9.75 25.54
C PHE B 43 -6.29 10.12 26.65
N GLU B 44 -6.11 9.57 27.83
CA GLU B 44 -6.87 10.00 29.02
C GLU B 44 -6.09 11.03 29.77
N LYS B 45 -4.81 11.12 29.48
CA LYS B 45 -3.90 12.05 30.13
C LYS B 45 -2.77 12.25 29.11
N ASN B 46 -2.49 13.48 28.73
CA ASN B 46 -1.63 13.75 27.58
C ASN B 46 -0.13 13.45 27.85
N SER B 47 0.53 12.90 26.86
CA SER B 47 1.97 12.68 26.85
C SER B 47 2.43 12.95 25.44
N THR B 48 3.06 14.09 25.25
CA THR B 48 3.57 14.50 23.97
C THR B 48 4.64 13.51 23.50
N ARG B 49 5.61 13.18 24.35
CA ARG B 49 6.64 12.21 23.96
C ARG B 49 6.07 10.93 23.29
N THR B 50 4.96 10.45 23.85
CA THR B 50 4.34 9.14 23.47
C THR B 50 3.66 9.29 22.13
N ARG B 51 2.89 10.33 22.09
CA ARG B 51 2.17 10.68 20.91
C ARG B 51 3.11 10.81 19.68
N MSE B 52 4.23 11.46 19.85
CA MSE B 52 5.18 11.59 18.79
C MSE B 52 5.60 10.23 18.24
O MSE B 52 5.59 9.97 17.03
CB MSE B 52 6.41 12.27 19.42
CG MSE B 52 7.37 13.01 18.47
SE MSE B 52 6.92 14.91 18.45
CE MSE B 52 6.44 15.51 20.27
N ALA B 53 5.98 9.35 19.17
CA ALA B 53 6.44 8.02 18.83
C ALA B 53 5.42 7.26 18.02
N PHE B 54 4.19 7.28 18.50
CA PHE B 54 3.13 6.59 17.79
C PHE B 54 2.75 7.24 16.48
N GLU B 55 2.58 8.54 16.49
CA GLU B 55 2.14 9.22 15.34
C GLU B 55 3.16 8.99 14.20
N LEU B 56 4.43 9.16 14.54
CA LEU B 56 5.44 9.02 13.56
C LEU B 56 5.62 7.56 13.20
N ALA B 57 5.38 6.67 14.16
CA ALA B 57 5.57 5.26 13.84
C ALA B 57 4.63 4.90 12.68
N ILE B 58 3.32 5.10 12.90
CA ILE B 58 2.39 4.71 11.85
C ILE B 58 2.60 5.52 10.55
N THR B 59 2.97 6.81 10.71
CA THR B 59 3.06 7.69 9.57
C THR B 59 4.16 7.18 8.64
N GLU B 60 5.32 6.93 9.22
CA GLU B 60 6.47 6.49 8.49
C GLU B 60 6.25 5.14 7.90
N LEU B 61 5.39 4.38 8.56
CA LEU B 61 5.05 3.02 8.07
C LEU B 61 4.01 3.07 6.91
N GLY B 62 3.60 4.27 6.50
CA GLY B 62 2.65 4.45 5.41
C GLY B 62 1.19 4.69 5.80
N GLY B 63 0.91 4.80 7.10
CA GLY B 63 -0.45 4.92 7.59
C GLY B 63 -0.78 6.30 8.08
N LYS B 64 -1.85 6.43 8.86
CA LYS B 64 -2.39 7.72 9.33
C LYS B 64 -2.76 7.59 10.82
N ALA B 65 -2.57 8.65 11.58
CA ALA B 65 -2.91 8.60 13.05
C ALA B 65 -4.08 9.48 13.30
N LEU B 66 -4.90 9.10 14.24
CA LEU B 66 -5.94 9.97 14.71
C LEU B 66 -5.74 10.20 16.09
N PHE B 67 -5.58 11.44 16.40
CA PHE B 67 -5.34 11.84 17.77
C PHE B 67 -6.68 12.16 18.35
N LEU B 68 -7.15 11.36 19.27
CA LEU B 68 -8.34 11.77 20.08
C LEU B 68 -7.90 12.14 21.49
N SER B 69 -8.09 13.36 21.89
CA SER B 69 -7.53 13.81 23.20
C SER B 69 -8.50 13.60 24.35
N SER B 70 -8.01 13.97 25.55
CA SER B 70 -8.80 14.06 26.80
C SER B 70 -10.07 14.94 26.65
N ASN B 71 -9.89 16.21 26.33
CA ASN B 71 -11.02 17.08 25.96
C ASN B 71 -11.96 16.38 24.92
N ASP B 72 -11.35 15.87 23.84
CA ASP B 72 -12.10 15.27 22.69
C ASP B 72 -12.92 14.08 23.11
N LEU B 73 -12.25 13.21 23.87
CA LEU B 73 -12.79 11.91 24.26
C LEU B 73 -12.78 11.74 25.76
N GLN B 74 -14.00 11.82 26.31
CA GLN B 74 -14.30 11.59 27.73
C GLN B 74 -14.75 10.13 27.99
N LEU B 75 -13.81 9.30 28.42
CA LEU B 75 -14.02 7.84 28.62
C LEU B 75 -14.58 7.54 30.02
N SER B 76 -15.59 6.67 30.09
CA SER B 76 -16.24 6.28 31.36
C SER B 76 -16.85 7.49 32.13
N ARG B 77 -16.92 8.63 31.46
CA ARG B 77 -17.45 9.88 32.06
C ARG B 77 -18.78 10.23 31.40
N GLY B 78 -18.83 10.03 30.08
CA GLY B 78 -20.10 9.94 29.34
C GLY B 78 -20.46 8.48 29.07
N GLU B 79 -20.39 8.10 27.80
CA GLU B 79 -20.77 6.75 27.35
C GLU B 79 -19.86 5.64 27.91
N PRO B 80 -20.41 4.46 28.15
CA PRO B 80 -19.55 3.33 28.56
C PRO B 80 -18.48 2.91 27.52
N VAL B 81 -17.44 2.26 28.02
CA VAL B 81 -16.26 1.97 27.24
C VAL B 81 -16.52 0.93 26.15
N LYS B 82 -17.37 -0.05 26.43
CA LYS B 82 -17.74 -1.06 25.43
C LYS B 82 -18.41 -0.45 24.19
N ASP B 83 -19.17 0.61 24.41
CA ASP B 83 -19.79 1.35 23.30
C ASP B 83 -18.78 2.05 22.45
N THR B 84 -17.86 2.71 23.11
CA THR B 84 -16.81 3.40 22.39
C THR B 84 -16.01 2.37 21.62
N ALA B 85 -15.65 1.32 22.31
CA ALA B 85 -14.84 0.28 21.72
C ALA B 85 -15.49 -0.25 20.50
N ARG B 86 -16.80 -0.42 20.55
CA ARG B 86 -17.50 -1.09 19.41
C ARG B 86 -17.71 -0.18 18.21
N VAL B 87 -17.50 1.12 18.42
CA VAL B 87 -17.40 2.05 17.29
C VAL B 87 -15.95 2.22 16.82
N ILE B 88 -15.10 2.79 17.66
CA ILE B 88 -13.74 3.18 17.26
C ILE B 88 -12.99 1.94 16.81
N GLY B 89 -13.08 0.89 17.62
CA GLY B 89 -12.33 -0.35 17.31
C GLY B 89 -12.74 -1.05 16.03
N ALA B 90 -13.79 -0.54 15.42
CA ALA B 90 -14.34 -1.18 14.24
C ALA B 90 -13.91 -0.44 13.05
N MSE B 91 -13.47 0.78 13.26
CA MSE B 91 -13.17 1.64 12.10
C MSE B 91 -11.71 1.80 11.81
O MSE B 91 -11.36 2.22 10.70
CB MSE B 91 -13.73 3.00 12.38
CG MSE B 91 -15.22 2.81 12.55
SE MSE B 91 -16.14 4.53 12.84
CE MSE B 91 -16.14 5.14 10.95
N VAL B 92 -10.86 1.50 12.80
CA VAL B 92 -9.43 1.69 12.61
C VAL B 92 -8.74 0.36 12.66
N ASP B 93 -7.51 0.33 12.22
CA ASP B 93 -6.69 -0.88 12.29
C ASP B 93 -6.05 -1.13 13.63
N PHE B 94 -5.70 -0.09 14.37
CA PHE B 94 -5.09 -0.26 15.65
C PHE B 94 -5.60 0.74 16.61
N VAL B 95 -5.57 0.47 17.91
CA VAL B 95 -5.97 1.50 18.84
C VAL B 95 -4.96 1.62 19.93
N MSE B 96 -4.25 2.74 20.09
CA MSE B 96 -3.35 2.86 21.19
C MSE B 96 -4.09 3.63 22.29
O MSE B 96 -4.83 4.52 22.02
CB MSE B 96 -2.06 3.53 20.77
CG MSE B 96 -2.26 5.04 20.60
SE MSE B 96 -1.45 6.16 22.08
CE MSE B 96 0.34 6.09 21.41
N MSE B 97 -3.84 3.32 23.52
CA MSE B 97 -4.52 4.06 24.62
C MSE B 97 -3.70 4.31 25.82
O MSE B 97 -2.96 3.47 26.26
CB MSE B 97 -5.70 3.36 25.20
CG MSE B 97 -6.57 2.72 24.16
SE MSE B 97 -8.15 1.96 25.08
CE MSE B 97 -9.01 3.58 25.88
N ARG B 98 -3.70 5.52 26.23
CA ARG B 98 -2.93 5.86 27.40
C ARG B 98 -3.96 6.11 28.50
N VAL B 99 -3.99 5.26 29.48
CA VAL B 99 -5.09 5.32 30.44
C VAL B 99 -4.72 5.52 31.90
N ASN B 100 -5.64 6.11 32.60
CA ASN B 100 -5.56 6.24 34.09
C ASN B 100 -5.59 4.86 34.76
N LYS B 101 -6.49 4.00 34.31
CA LYS B 101 -6.70 2.65 34.91
C LYS B 101 -6.63 1.47 33.89
N HIS B 102 -5.77 0.49 34.17
CA HIS B 102 -5.57 -0.66 33.28
C HIS B 102 -6.90 -1.34 32.90
N GLU B 103 -7.81 -1.41 33.85
CA GLU B 103 -9.07 -2.08 33.60
C GLU B 103 -9.70 -1.55 32.31
N THR B 104 -9.58 -0.23 32.12
CA THR B 104 -10.09 0.44 30.94
C THR B 104 -9.51 -0.14 29.66
N LEU B 105 -8.24 -0.45 29.68
CA LEU B 105 -7.68 -1.07 28.51
C LEU B 105 -8.32 -2.41 28.30
N LEU B 106 -8.47 -3.15 29.38
CA LEU B 106 -8.90 -4.55 29.27
C LEU B 106 -10.31 -4.56 28.73
N GLU B 107 -11.14 -3.71 29.31
CA GLU B 107 -12.56 -3.60 28.94
C GLU B 107 -12.70 -3.19 27.46
N PHE B 108 -11.88 -2.25 27.02
CA PHE B 108 -11.88 -1.86 25.61
C PHE B 108 -11.47 -3.01 24.70
N ALA B 109 -10.37 -3.68 25.05
CA ALA B 109 -9.78 -4.80 24.22
C ALA B 109 -10.81 -5.87 24.05
N ARG B 110 -11.55 -6.03 25.13
CA ARG B 110 -12.56 -7.05 25.23
C ARG B 110 -13.60 -6.83 24.14
N TYR B 111 -13.88 -5.59 23.79
CA TYR B 111 -14.89 -5.27 22.75
C TYR B 111 -14.32 -4.72 21.43
N SER B 112 -12.99 -4.64 21.30
CA SER B 112 -12.40 -4.00 20.12
C SER B 112 -12.06 -4.96 19.06
N LYS B 113 -12.60 -4.80 17.89
CA LYS B 113 -12.14 -5.60 16.72
C LYS B 113 -10.68 -5.31 16.38
N ALA B 114 -10.18 -4.17 16.79
CA ALA B 114 -8.80 -3.77 16.48
C ALA B 114 -7.94 -4.05 17.67
N PRO B 115 -6.66 -4.40 17.43
CA PRO B 115 -5.72 -4.67 18.48
C PRO B 115 -5.50 -3.45 19.24
N VAL B 116 -5.54 -3.51 20.57
CA VAL B 116 -5.34 -2.36 21.47
C VAL B 116 -3.94 -2.38 22.05
N ILE B 117 -3.25 -1.21 22.11
CA ILE B 117 -1.85 -1.10 22.59
C ILE B 117 -1.71 -0.24 23.77
N ASN B 118 -1.13 -0.76 24.84
CA ASN B 118 -1.12 -0.04 26.13
C ASN B 118 0.02 0.98 26.06
N ALA B 119 -0.29 2.21 25.73
CA ALA B 119 0.72 3.27 25.68
C ALA B 119 1.12 3.72 27.11
N LEU B 120 0.37 3.28 28.15
CA LEU B 120 0.74 3.53 29.53
C LEU B 120 -0.46 3.40 30.50
N SER B 121 -0.29 2.60 31.51
CA SER B 121 -1.33 2.38 32.50
C SER B 121 -0.70 2.38 33.88
N GLU B 122 -1.50 2.35 34.91
CA GLU B 122 -0.91 2.44 36.23
C GLU B 122 -0.10 1.17 36.57
N LEU B 123 -0.49 0.07 35.93
CA LEU B 123 0.22 -1.21 36.15
C LEU B 123 1.47 -1.40 35.24
N TYR B 124 1.41 -0.96 33.98
CA TYR B 124 2.44 -1.40 33.02
C TYR B 124 2.75 -0.33 32.00
N HIS B 125 3.99 -0.23 31.65
CA HIS B 125 4.40 0.70 30.61
C HIS B 125 5.26 0.01 29.57
N PRO B 126 4.73 -1.03 28.93
CA PRO B 126 5.55 -1.91 28.07
C PRO B 126 6.20 -1.31 26.86
N THR B 127 5.59 -0.38 26.18
CA THR B 127 6.28 0.19 24.97
C THR B 127 7.61 0.91 25.41
N GLN B 128 7.59 1.44 26.61
CA GLN B 128 8.80 2.06 27.15
C GLN B 128 9.92 1.02 27.39
N VAL B 129 9.54 -0.07 28.05
CA VAL B 129 10.53 -1.10 28.32
C VAL B 129 11.03 -1.63 27.03
N LEU B 130 10.21 -1.73 26.00
CA LEU B 130 10.77 -2.25 24.71
C LEU B 130 11.82 -1.32 24.22
N GLY B 131 11.59 -0.03 24.39
CA GLY B 131 12.56 0.99 23.90
C GLY B 131 13.88 1.05 24.66
N ASP B 132 13.75 0.89 25.96
CA ASP B 132 14.87 0.70 26.85
C ASP B 132 15.70 -0.50 26.39
N LEU B 133 15.05 -1.60 26.16
CA LEU B 133 15.71 -2.82 25.65
C LEU B 133 16.47 -2.60 24.37
N PHE B 134 15.80 -1.94 23.44
CA PHE B 134 16.39 -1.63 22.12
C PHE B 134 17.70 -0.92 22.35
N THR B 135 17.63 -0.04 23.35
CA THR B 135 18.73 0.89 23.60
C THR B 135 19.93 0.19 24.23
N ILE B 136 19.59 -0.69 25.14
CA ILE B 136 20.58 -1.56 25.77
C ILE B 136 21.35 -2.39 24.72
N LYS B 137 20.62 -2.86 23.73
CA LYS B 137 21.23 -3.64 22.67
C LYS B 137 22.13 -2.76 21.81
N GLU B 138 21.67 -1.54 21.55
CA GLU B 138 22.45 -0.59 20.74
C GLU B 138 23.73 -0.16 21.40
N TRP B 139 23.73 -0.15 22.72
CA TRP B 139 24.89 0.31 23.45
C TRP B 139 25.75 -0.87 23.87
N ASN B 140 25.58 -1.97 23.17
CA ASN B 140 26.32 -3.18 23.41
C ASN B 140 26.44 -3.55 24.91
N LYS B 141 25.34 -3.47 25.62
CA LYS B 141 25.29 -3.85 27.03
C LYS B 141 24.48 -5.14 27.20
N MSE B 142 24.35 -5.89 26.11
CA MSE B 142 23.70 -7.18 26.15
C MSE B 142 24.67 -8.18 25.68
O MSE B 142 24.60 -8.72 24.57
CB MSE B 142 22.47 -7.28 25.29
CG MSE B 142 21.25 -7.32 26.18
SE MSE B 142 19.61 -7.37 25.07
CE MSE B 142 18.69 -5.78 25.78
N GLN B 143 25.62 -8.42 26.55
CA GLN B 143 26.60 -9.46 26.37
C GLN B 143 25.94 -10.82 26.76
N ASN B 144 25.80 -11.68 25.76
CA ASN B 144 25.35 -13.07 25.98
C ASN B 144 23.83 -13.25 25.99
N GLY B 145 23.13 -12.28 25.42
CA GLY B 145 21.63 -12.26 25.39
C GLY B 145 20.99 -11.88 26.75
N ILE B 146 21.84 -11.85 27.77
CA ILE B 146 21.50 -11.48 29.13
C ILE B 146 21.87 -10.03 29.30
N ALA B 147 21.23 -9.32 30.21
CA ALA B 147 21.72 -8.01 30.62
C ALA B 147 21.71 -7.97 32.13
N LYS B 148 22.66 -7.24 32.67
CA LYS B 148 22.81 -7.13 34.11
C LYS B 148 22.27 -5.72 34.41
N VAL B 149 21.08 -5.68 34.98
CA VAL B 149 20.31 -4.43 35.16
C VAL B 149 19.90 -4.10 36.59
N ALA B 150 19.99 -2.83 36.92
CA ALA B 150 19.52 -2.33 38.19
C ALA B 150 18.37 -1.39 37.96
N PHE B 151 17.28 -1.59 38.68
CA PHE B 151 16.20 -0.60 38.63
C PHE B 151 16.06 0.07 39.95
N ILE B 152 16.16 1.39 39.96
CA ILE B 152 16.06 2.14 41.22
C ILE B 152 14.91 3.14 41.21
N GLY B 153 13.97 2.97 42.14
CA GLY B 153 12.80 3.83 42.16
C GLY B 153 11.57 3.37 42.90
N ASP B 154 10.43 3.87 42.45
CA ASP B 154 9.13 3.52 43.01
C ASP B 154 8.71 2.10 42.59
N SER B 155 7.74 1.53 43.30
CA SER B 155 7.03 0.32 42.83
C SER B 155 5.92 0.70 41.81
N ASN B 156 6.31 1.49 40.82
CA ASN B 156 5.36 2.00 39.84
C ASN B 156 5.22 1.08 38.61
N ASN B 157 4.50 1.54 37.61
CA ASN B 157 4.36 0.78 36.33
C ASN B 157 5.67 0.36 35.67
N MSE B 158 6.62 1.28 35.65
CA MSE B 158 7.96 1.05 35.01
C MSE B 158 8.71 -0.09 35.70
O MSE B 158 9.38 -0.93 35.05
CB MSE B 158 8.84 2.29 35.14
CG MSE B 158 8.63 3.23 34.00
SE MSE B 158 9.07 2.43 32.26
CE MSE B 158 11.01 2.07 32.53
N CYS B 159 8.56 -0.15 37.01
CA CYS B 159 9.17 -1.19 37.84
C CYS B 159 8.58 -2.53 37.51
N ASN B 160 7.25 -2.56 37.48
CA ASN B 160 6.52 -3.75 37.15
C ASN B 160 6.97 -4.30 35.78
N SER B 161 7.00 -3.44 34.80
CA SER B 161 7.29 -3.88 33.47
C SER B 161 8.74 -4.28 33.35
N TRP B 162 9.65 -3.60 34.07
CA TRP B 162 11.07 -4.12 34.09
C TRP B 162 11.18 -5.45 34.80
N LEU B 163 10.42 -5.60 35.85
CA LEU B 163 10.52 -6.82 36.64
C LEU B 163 10.13 -8.00 35.76
N ILE B 164 8.99 -7.82 35.13
CA ILE B 164 8.40 -8.79 34.19
C ILE B 164 9.28 -9.13 33.04
N THR B 165 9.76 -8.10 32.37
CA THR B 165 10.54 -8.28 31.15
C THR B 165 11.87 -8.98 31.48
N ALA B 166 12.45 -8.60 32.62
CA ALA B 166 13.68 -9.23 33.12
C ALA B 166 13.44 -10.73 33.27
N ALA B 167 12.27 -10.98 33.84
CA ALA B 167 11.83 -12.30 34.19
C ALA B 167 11.69 -13.17 32.95
N ILE B 168 11.15 -12.57 31.90
CA ILE B 168 10.89 -13.33 30.67
C ILE B 168 12.20 -13.57 29.97
N LEU B 169 13.01 -12.52 29.90
CA LEU B 169 14.18 -12.54 29.04
C LEU B 169 15.34 -13.32 29.59
N GLY B 170 15.34 -13.48 30.92
CA GLY B 170 16.45 -14.16 31.63
C GLY B 170 17.56 -13.24 32.16
N PHE B 171 17.21 -11.99 32.34
CA PHE B 171 18.16 -10.98 32.76
C PHE B 171 18.44 -11.12 34.24
N GLU B 172 19.50 -10.45 34.64
CA GLU B 172 19.87 -10.42 36.05
C GLU B 172 19.47 -9.05 36.47
N ILE B 173 18.48 -8.97 37.34
CA ILE B 173 17.98 -7.67 37.75
C ILE B 173 17.91 -7.49 39.24
N SER B 174 18.43 -6.35 39.69
CA SER B 174 18.30 -5.90 41.10
C SER B 174 17.43 -4.66 41.22
N ILE B 175 16.40 -4.76 42.04
CA ILE B 175 15.48 -3.66 42.26
C ILE B 175 15.69 -3.09 43.62
N ALA B 176 15.73 -1.76 43.66
CA ALA B 176 15.89 -1.04 44.93
C ALA B 176 14.83 0.05 45.10
N MSE B 177 14.11 -0.02 46.19
CA MSE B 177 13.06 0.94 46.56
C MSE B 177 13.05 1.06 48.07
O MSE B 177 13.60 0.22 48.74
CB MSE B 177 11.74 0.43 46.07
CG MSE B 177 11.40 -0.98 46.58
SE MSE B 177 9.69 -1.68 45.83
CE MSE B 177 9.67 -1.23 43.88
N PRO B 178 12.39 2.08 48.62
CA PRO B 178 12.43 2.25 50.04
C PRO B 178 11.81 1.10 50.86
N LYS B 179 12.06 1.11 52.16
CA LYS B 179 11.72 -0.05 53.01
C LYS B 179 10.20 -0.27 53.02
N ASN B 180 9.43 0.80 53.19
CA ASN B 180 7.96 0.67 53.34
C ASN B 180 7.27 0.18 52.04
N TYR B 181 7.99 0.26 50.93
CA TYR B 181 7.44 0.01 49.59
C TYR B 181 7.46 -1.47 49.24
N LYS B 182 6.42 -1.89 48.55
CA LYS B 182 6.24 -3.29 48.17
C LYS B 182 5.88 -3.36 46.73
N ILE B 183 6.21 -4.49 46.12
CA ILE B 183 5.68 -4.81 44.77
C ILE B 183 4.41 -5.65 44.88
N SER B 184 3.50 -5.45 43.95
CA SER B 184 2.24 -6.19 43.91
C SER B 184 2.48 -7.66 43.97
N PRO B 185 1.90 -8.33 44.94
CA PRO B 185 2.21 -9.74 45.05
C PRO B 185 1.89 -10.54 43.79
N GLU B 186 0.81 -10.19 43.10
CA GLU B 186 0.40 -10.94 41.90
C GLU B 186 1.47 -10.86 40.79
N ILE B 187 2.04 -9.68 40.66
CA ILE B 187 3.05 -9.44 39.65
C ILE B 187 4.33 -10.17 40.02
N TRP B 188 4.64 -10.08 41.29
CA TRP B 188 5.88 -10.66 41.83
C TRP B 188 5.88 -12.16 41.65
N GLU B 189 4.73 -12.75 41.91
CA GLU B 189 4.57 -14.17 41.71
C GLU B 189 4.81 -14.55 40.27
N PHE B 190 4.28 -13.79 39.35
CA PHE B 190 4.48 -14.12 37.93
C PHE B 190 5.96 -14.15 37.62
N ALA B 191 6.68 -13.17 38.15
CA ALA B 191 8.08 -13.02 37.86
C ALA B 191 8.87 -14.19 38.46
N MSE B 192 8.49 -14.60 39.66
CA MSE B 192 9.16 -15.73 40.29
C MSE B 192 9.05 -16.93 39.40
O MSE B 192 10.04 -17.57 39.07
CB MSE B 192 8.63 -16.01 41.66
CG MSE B 192 9.04 -14.99 42.73
SE MSE B 192 10.92 -14.37 42.61
CE MSE B 192 11.65 -14.94 44.37
N LYS B 193 7.84 -17.20 38.96
CA LYS B 193 7.58 -18.34 38.08
C LYS B 193 8.35 -18.25 36.76
N GLN B 194 8.33 -17.10 36.14
CA GLN B 194 9.02 -16.93 34.86
C GLN B 194 10.54 -17.07 35.00
N ALA B 195 11.09 -16.61 36.12
CA ALA B 195 12.54 -16.68 36.33
C ALA B 195 12.97 -18.17 36.27
N LEU B 196 12.18 -19.05 36.88
CA LEU B 196 12.47 -20.49 36.86
C LEU B 196 12.73 -21.02 35.46
N ILE B 197 11.86 -20.66 34.54
CA ILE B 197 11.95 -21.11 33.14
C ILE B 197 13.18 -20.52 32.49
N SER B 198 13.34 -19.21 32.64
CA SER B 198 14.37 -18.43 31.92
C SER B 198 15.74 -18.27 32.57
N GLY B 199 15.84 -18.68 33.82
CA GLY B 199 17.04 -18.46 34.63
C GLY B 199 17.34 -17.04 35.06
N ALA B 200 16.32 -16.21 35.16
CA ALA B 200 16.47 -14.85 35.69
C ALA B 200 17.00 -14.84 37.12
N LYS B 201 17.98 -13.97 37.33
CA LYS B 201 18.49 -13.69 38.67
C LYS B 201 17.87 -12.36 39.14
N ILE B 202 16.71 -12.48 39.78
CA ILE B 202 15.94 -11.35 40.32
C ILE B 202 16.14 -11.19 41.81
N SER B 203 16.38 -9.96 42.24
CA SER B 203 16.56 -9.63 43.67
C SER B 203 15.91 -8.27 43.99
N LEU B 204 15.20 -8.19 45.09
CA LEU B 204 14.54 -6.94 45.53
C LEU B 204 15.02 -6.54 46.90
N GLY B 205 15.36 -5.27 47.05
CA GLY B 205 15.94 -4.76 48.29
C GLY B 205 15.58 -3.31 48.53
N TYR B 206 16.16 -2.73 49.58
CA TYR B 206 16.00 -1.31 49.88
C TYR B 206 17.34 -0.57 50.03
N ASP B 207 18.34 -1.09 49.32
CA ASP B 207 19.70 -0.54 49.37
C ASP B 207 20.21 -0.22 47.98
N LYS B 208 20.25 1.06 47.67
CA LYS B 208 20.65 1.53 46.35
C LYS B 208 21.95 0.85 45.93
N PHE B 209 22.90 0.86 46.84
CA PHE B 209 24.28 0.49 46.52
C PHE B 209 24.45 -1.01 46.26
N GLU B 210 23.71 -1.80 47.00
CA GLU B 210 23.65 -3.25 46.77
C GLU B 210 23.09 -3.56 45.38
N ALA B 211 22.02 -2.87 45.04
CA ALA B 211 21.35 -3.08 43.74
C ALA B 211 22.29 -2.76 42.61
N LEU B 212 23.12 -1.77 42.86
CA LEU B 212 24.00 -1.25 41.86
C LEU B 212 25.20 -2.14 41.56
N LYS B 213 25.62 -2.95 42.52
CA LYS B 213 26.85 -3.80 42.41
C LYS B 213 26.77 -4.63 41.13
N ASP B 214 27.86 -4.63 40.39
CA ASP B 214 28.03 -5.42 39.15
C ASP B 214 26.92 -5.26 38.14
N LYS B 215 26.56 -4.02 37.86
CA LYS B 215 25.49 -3.73 36.90
C LYS B 215 26.00 -2.92 35.70
N ASP B 216 25.54 -3.26 34.51
CA ASP B 216 25.91 -2.45 33.31
C ASP B 216 24.87 -1.45 32.87
N VAL B 217 23.71 -1.52 33.47
CA VAL B 217 22.56 -0.72 33.08
C VAL B 217 21.84 -0.27 34.34
N VAL B 218 21.78 1.06 34.54
CA VAL B 218 21.07 1.62 35.69
C VAL B 218 19.88 2.37 35.21
N ILE B 219 18.73 2.02 35.75
CA ILE B 219 17.47 2.60 35.30
C ILE B 219 16.79 3.27 36.45
N THR B 220 16.33 4.49 36.22
CA THR B 220 15.61 5.17 37.25
C THR B 220 14.46 5.89 36.66
N ASP B 221 13.62 6.42 37.53
CA ASP B 221 12.39 7.10 37.10
C ASP B 221 11.90 8.06 38.17
N THR B 222 11.02 8.96 37.77
CA THR B 222 10.44 9.94 38.71
C THR B 222 9.84 9.22 39.89
N TRP B 223 9.83 9.88 41.01
CA TRP B 223 9.32 9.27 42.25
C TRP B 223 7.87 9.58 42.48
N VAL B 224 7.55 10.82 42.17
CA VAL B 224 6.18 11.27 42.17
C VAL B 224 5.59 10.81 40.85
N SER B 225 4.92 9.67 40.94
CA SER B 225 4.37 8.98 39.76
C SER B 225 3.00 9.56 39.38
N MSE B 226 2.83 9.79 38.07
CA MSE B 226 1.75 10.62 37.51
C MSE B 226 0.36 10.24 37.95
O MSE B 226 -0.01 9.06 37.92
CB MSE B 226 1.79 10.55 35.97
N GLY B 227 -0.41 11.25 38.33
CA GLY B 227 -1.71 11.07 39.00
C GLY B 227 -1.58 11.14 40.52
N GLU B 228 -0.62 10.37 41.05
CA GLU B 228 -0.27 10.35 42.49
C GLU B 228 0.33 11.68 43.01
N GLU B 229 0.25 12.73 42.18
CA GLU B 229 0.83 14.05 42.48
C GLU B 229 0.21 14.78 43.70
N ASN B 230 -0.97 14.34 44.14
CA ASN B 230 -1.58 14.83 45.41
C ASN B 230 -0.83 14.38 46.68
N GLU B 231 0.14 13.48 46.54
CA GLU B 231 0.88 12.85 47.67
C GLU B 231 2.43 13.09 47.71
N LYS B 232 2.90 14.00 46.85
CA LYS B 232 4.33 14.18 46.47
C LYS B 232 5.30 14.52 47.64
N GLU B 233 5.01 15.58 48.39
CA GLU B 233 5.91 16.03 49.48
C GLU B 233 6.46 14.86 50.31
N ARG B 234 5.54 13.94 50.66
CA ARG B 234 5.83 12.81 51.57
C ARG B 234 6.77 11.82 50.91
N LYS B 235 6.46 11.51 49.64
CA LYS B 235 7.18 10.50 48.85
C LYS B 235 8.67 10.89 48.73
N ILE B 236 8.90 12.12 48.32
CA ILE B 236 10.24 12.68 48.34
C ILE B 236 11.08 12.35 49.59
N LYS B 237 10.57 12.65 50.77
CA LYS B 237 11.33 12.39 52.01
C LYS B 237 11.69 10.89 52.11
N GLU B 238 10.80 10.05 51.60
CA GLU B 238 10.93 8.58 51.72
C GLU B 238 12.06 8.07 50.83
N PHE B 239 12.27 8.77 49.73
CA PHE B 239 13.32 8.47 48.76
C PHE B 239 14.67 9.17 49.01
N GLU B 240 15.01 9.40 50.28
CA GLU B 240 16.21 10.19 50.63
C GLU B 240 17.48 9.68 49.92
N GLY B 241 17.87 8.45 50.24
CA GLY B 241 19.14 7.88 49.75
C GLY B 241 19.16 7.51 48.28
N PHE B 242 18.05 7.73 47.60
CA PHE B 242 17.81 7.02 46.33
C PHE B 242 18.21 7.73 45.04
N MSE B 243 18.68 8.94 45.13
CA MSE B 243 19.06 9.62 43.90
C MSE B 243 20.17 8.89 43.23
O MSE B 243 21.02 8.36 43.90
CB MSE B 243 19.53 11.03 44.25
CG MSE B 243 20.30 11.66 43.11
SE MSE B 243 20.51 13.58 43.49
CE MSE B 243 21.16 13.62 45.39
N ILE B 244 20.18 8.90 41.90
CA ILE B 244 21.35 8.50 41.12
C ILE B 244 22.29 9.67 40.88
N ASP B 245 23.47 9.56 41.46
CA ASP B 245 24.48 10.59 41.36
C ASP B 245 25.81 9.94 41.03
N GLU B 246 26.87 10.74 40.94
CA GLU B 246 28.21 10.26 40.53
C GLU B 246 28.65 9.08 41.39
N LYS B 247 28.51 9.22 42.69
CA LYS B 247 28.95 8.15 43.60
C LYS B 247 28.20 6.86 43.34
N ALA B 248 26.90 7.00 43.07
CA ALA B 248 26.06 5.84 42.83
C ALA B 248 26.50 5.12 41.56
N MSE B 249 26.69 5.88 40.49
CA MSE B 249 27.14 5.31 39.21
C MSE B 249 28.49 4.68 39.34
O MSE B 249 28.79 3.73 38.61
CB MSE B 249 27.28 6.32 38.08
CG MSE B 249 25.95 6.82 37.50
SE MSE B 249 24.69 5.36 36.98
CE MSE B 249 25.36 4.63 35.24
N SER B 250 29.32 5.27 40.21
CA SER B 250 30.67 4.73 40.54
C SER B 250 30.61 3.28 41.00
N VAL B 251 29.53 2.94 41.68
CA VAL B 251 29.35 1.60 42.28
C VAL B 251 29.06 0.55 41.22
N ALA B 252 28.44 1.01 40.15
CA ALA B 252 28.14 0.15 39.04
C ALA B 252 29.39 -0.03 38.24
N ASN B 253 29.31 -0.95 37.30
CA ASN B 253 30.42 -1.26 36.47
C ASN B 253 30.87 -0.09 35.64
N LYS B 254 32.09 -0.24 35.16
CA LYS B 254 32.72 0.79 34.38
C LYS B 254 31.87 0.92 33.13
N ASP B 255 31.70 2.17 32.69
CA ASP B 255 31.00 2.49 31.44
C ASP B 255 29.51 2.10 31.38
N ALA B 256 28.96 1.85 32.56
CA ALA B 256 27.51 1.51 32.71
C ALA B 256 26.68 2.69 32.24
N ILE B 257 25.61 2.41 31.53
CA ILE B 257 24.70 3.45 31.00
C ILE B 257 23.56 3.71 31.95
N LEU B 258 23.10 4.96 31.96
CA LEU B 258 21.99 5.39 32.82
C LEU B 258 20.76 5.62 31.92
N LEU B 259 19.67 4.94 32.20
CA LEU B 259 18.44 5.11 31.47
C LEU B 259 17.37 5.77 32.34
N HIS B 260 16.59 6.67 31.74
CA HIS B 260 15.50 7.39 32.36
C HIS B 260 14.43 7.61 31.30
N CYS B 261 13.18 7.30 31.60
CA CYS B 261 12.10 7.37 30.58
C CYS B 261 11.67 8.78 30.33
N LEU B 262 11.91 9.64 31.29
CA LEU B 262 11.66 11.09 31.12
C LEU B 262 10.20 11.39 31.38
N PRO B 263 9.90 12.62 31.67
CA PRO B 263 10.85 13.63 31.96
C PRO B 263 11.60 13.39 33.27
N ALA B 264 12.69 14.12 33.45
CA ALA B 264 13.60 13.96 34.56
C ALA B 264 13.50 15.11 35.51
N TYR B 265 13.73 14.87 36.77
CA TYR B 265 13.66 15.97 37.75
C TYR B 265 15.00 16.04 38.45
N ARG B 266 15.83 16.88 37.86
CA ARG B 266 17.17 17.11 38.32
C ARG B 266 17.08 17.53 39.72
N GLY B 267 17.91 16.91 40.52
CA GLY B 267 17.98 17.25 41.96
C GLY B 267 17.18 16.30 42.83
N TYR B 268 16.42 15.43 42.15
CA TYR B 268 15.61 14.43 42.83
C TYR B 268 16.11 13.03 42.47
N GLU B 269 15.41 12.31 41.61
CA GLU B 269 15.82 10.96 41.29
C GLU B 269 17.17 10.91 40.57
N VAL B 270 17.57 12.02 40.02
CA VAL B 270 18.81 12.05 39.32
C VAL B 270 19.47 13.42 39.45
N SER B 271 20.80 13.45 39.58
CA SER B 271 21.53 14.70 39.63
C SER B 271 21.70 15.28 38.22
N GLU B 272 21.79 16.58 38.16
CA GLU B 272 22.02 17.32 36.92
C GLU B 272 23.30 16.83 36.22
N GLU B 273 24.36 16.74 37.02
CA GLU B 273 25.69 16.33 36.50
C GLU B 273 25.56 15.00 35.79
N ILE B 274 25.02 14.01 36.50
CA ILE B 274 24.96 12.66 36.03
C ILE B 274 24.01 12.48 34.85
N PHE B 275 22.93 13.22 34.90
CA PHE B 275 21.93 13.18 33.84
C PHE B 275 22.54 13.68 32.56
N GLU B 276 23.13 14.86 32.63
CA GLU B 276 23.81 15.40 31.47
C GLU B 276 25.02 14.53 31.01
N LYS B 277 25.67 13.89 31.97
CA LYS B 277 26.77 12.96 31.64
C LYS B 277 26.25 11.89 30.68
N HIS B 278 25.05 11.44 30.92
CA HIS B 278 24.41 10.49 30.01
C HIS B 278 23.37 11.04 29.02
N ALA B 279 23.45 12.31 28.67
CA ALA B 279 22.49 12.81 27.70
C ALA B 279 22.45 11.94 26.42
N ASP B 280 23.58 11.58 25.84
CA ASP B 280 23.53 10.86 24.57
C ASP B 280 22.65 9.65 24.64
N VAL B 281 22.84 8.84 25.67
CA VAL B 281 22.10 7.58 25.77
C VAL B 281 20.68 7.83 26.14
N ILE B 282 20.46 8.77 27.05
CA ILE B 282 19.13 9.02 27.56
C ILE B 282 18.25 9.51 26.39
N PHE B 283 18.79 10.36 25.56
CA PHE B 283 17.96 10.91 24.51
C PHE B 283 17.87 10.00 23.32
N GLU B 284 18.83 9.11 23.12
CA GLU B 284 18.64 8.09 22.12
C GLU B 284 17.47 7.18 22.60
N GLU B 285 17.46 6.94 23.90
CA GLU B 285 16.46 6.11 24.53
C GLU B 285 15.12 6.71 24.11
N ALA B 286 14.91 8.00 24.40
CA ALA B 286 13.71 8.78 24.04
C ALA B 286 13.24 8.56 22.60
N ARG B 287 14.16 8.76 21.72
CA ARG B 287 13.91 8.64 20.33
C ARG B 287 13.66 7.22 19.92
N ASN B 288 14.31 6.27 20.58
CA ASN B 288 14.27 4.85 20.13
C ASN B 288 12.86 4.17 20.37
N ARG B 289 12.01 4.79 21.13
CA ARG B 289 10.60 4.36 21.17
C ARG B 289 9.86 4.32 19.82
N LEU B 290 10.32 5.15 18.89
CA LEU B 290 9.79 5.16 17.55
C LEU B 290 9.91 3.79 16.92
N TYR B 291 11.09 3.24 16.94
CA TYR B 291 11.44 2.06 16.08
C TYR B 291 10.73 0.85 16.63
N VAL B 292 10.53 0.91 17.91
CA VAL B 292 10.00 -0.19 18.70
C VAL B 292 8.47 -0.22 18.52
N VAL B 293 7.86 0.93 18.60
CA VAL B 293 6.44 1.02 18.23
C VAL B 293 6.21 0.56 16.74
N LYS B 294 7.09 0.97 15.85
CA LYS B 294 7.00 0.44 14.47
C LYS B 294 6.94 -1.06 14.38
N ALA B 295 7.88 -1.70 15.06
CA ALA B 295 7.95 -3.18 15.05
C ALA B 295 6.64 -3.72 15.59
N LEU B 296 6.23 -3.15 16.70
CA LEU B 296 5.06 -3.65 17.42
C LEU B 296 3.84 -3.60 16.53
N LEU B 297 3.63 -2.45 15.92
CA LEU B 297 2.53 -2.30 15.00
C LEU B 297 2.67 -3.30 13.81
N CYS B 298 3.85 -3.52 13.25
CA CYS B 298 3.89 -4.54 12.18
C CYS B 298 3.46 -5.90 12.72
N PHE B 299 3.89 -6.13 13.94
CA PHE B 299 3.75 -7.43 14.53
C PHE B 299 2.28 -7.70 14.78
N LEU B 300 1.58 -6.76 15.42
CA LEU B 300 0.15 -6.89 15.68
C LEU B 300 -0.65 -6.97 14.35
N ASP B 301 -0.14 -6.40 13.26
CA ASP B 301 -0.85 -6.47 11.98
C ASP B 301 -0.92 -7.90 11.49
N ASN B 302 0.16 -8.64 11.74
CA ASN B 302 0.27 -10.08 11.33
C ASN B 302 -0.43 -11.10 12.23
N GLN B 303 -0.81 -10.68 13.43
CA GLN B 303 -1.47 -11.51 14.46
C GLN B 303 -2.88 -10.99 14.70
N ARG B 304 -3.70 -11.17 13.66
CA ARG B 304 -5.16 -10.91 13.66
C ARG B 304 -6.16 -12.10 13.62
N GLY B 305 -5.72 -13.30 13.98
CA GLY B 305 -6.56 -14.49 13.89
C GLY B 305 -5.74 -15.76 13.89
N MSE C 2 -22.86 26.84 -7.09
CA MSE C 2 -22.17 25.89 -6.17
C MSE C 2 -23.01 25.44 -4.99
O MSE C 2 -23.65 26.24 -4.32
CB MSE C 2 -20.92 26.56 -5.61
CG MSE C 2 -19.92 25.57 -4.98
SE MSE C 2 -19.22 26.26 -3.24
CE MSE C 2 -18.96 28.20 -3.61
N LYS C 3 -22.97 24.14 -4.72
CA LYS C 3 -23.84 23.53 -3.75
C LYS C 3 -23.07 23.16 -2.48
N HIS C 4 -23.65 23.56 -1.36
CA HIS C 4 -23.35 23.09 0.00
C HIS C 4 -24.26 21.93 0.42
N PHE C 5 -23.94 21.31 1.54
CA PHE C 5 -24.74 20.19 2.06
C PHE C 5 -25.16 20.51 3.50
N LEU C 6 -26.14 21.36 3.63
CA LEU C 6 -26.58 21.83 4.93
C LEU C 6 -27.80 21.11 5.46
N THR C 7 -28.60 20.60 4.54
CA THR C 7 -29.83 19.84 4.83
C THR C 7 -30.28 19.01 3.62
N LEU C 8 -30.89 17.86 3.87
CA LEU C 8 -31.32 17.07 2.77
C LEU C 8 -32.47 17.77 1.99
N ARG C 9 -33.01 18.81 2.60
CA ARG C 9 -34.08 19.57 1.93
C ARG C 9 -33.69 20.09 0.57
N ASP C 10 -32.44 20.35 0.41
CA ASP C 10 -31.92 20.87 -0.85
C ASP C 10 -31.65 19.81 -1.92
N PHE C 11 -32.05 18.57 -1.68
CA PHE C 11 -31.77 17.48 -2.61
C PHE C 11 -32.99 16.68 -3.05
N SER C 12 -32.84 16.07 -4.22
CA SER C 12 -33.90 15.28 -4.81
C SER C 12 -33.83 13.86 -4.35
N LYS C 13 -34.99 13.21 -4.40
CA LYS C 13 -35.09 11.78 -4.18
C LYS C 13 -33.95 11.08 -4.90
N GLU C 14 -33.74 11.44 -6.15
CA GLU C 14 -32.73 10.79 -7.02
C GLU C 14 -31.33 11.05 -6.52
N GLU C 15 -31.08 12.29 -6.19
CA GLU C 15 -29.79 12.65 -5.59
C GLU C 15 -29.50 11.88 -4.28
N ILE C 16 -30.47 11.80 -3.38
CA ILE C 16 -30.23 11.17 -2.10
C ILE C 16 -29.98 9.68 -2.34
N LEU C 17 -30.81 9.07 -3.17
CA LEU C 17 -30.68 7.64 -3.38
C LEU C 17 -29.36 7.31 -4.05
N SER C 18 -28.89 8.21 -4.88
CA SER C 18 -27.67 7.91 -5.56
C SER C 18 -26.46 8.06 -4.62
N LEU C 19 -26.58 8.92 -3.61
CA LEU C 19 -25.56 9.02 -2.54
C LEU C 19 -25.44 7.67 -1.77
N VAL C 20 -26.58 7.14 -1.35
CA VAL C 20 -26.63 5.83 -0.71
C VAL C 20 -26.08 4.72 -1.63
N ASN C 21 -26.42 4.73 -2.90
CA ASN C 21 -25.85 3.70 -3.84
C ASN C 21 -24.35 3.84 -4.06
N HIS C 22 -23.87 5.07 -4.07
CA HIS C 22 -22.45 5.27 -4.26
C HIS C 22 -21.72 4.80 -3.02
N ALA C 23 -22.25 5.16 -1.86
CA ALA C 23 -21.69 4.77 -0.55
C ALA C 23 -21.46 3.29 -0.58
N SER C 24 -22.48 2.61 -1.05
CA SER C 24 -22.49 1.17 -1.10
C SER C 24 -21.40 0.65 -2.03
N GLU C 25 -21.27 1.23 -3.20
CA GLU C 25 -20.17 0.89 -4.13
C GLU C 25 -18.81 1.08 -3.46
N LEU C 26 -18.68 2.17 -2.75
CA LEU C 26 -17.38 2.50 -2.10
C LEU C 26 -17.05 1.53 -0.96
N LYS C 27 -18.09 1.14 -0.23
CA LYS C 27 -17.92 0.20 0.87
C LYS C 27 -17.42 -1.07 0.28
N LYS C 28 -17.98 -1.42 -0.85
CA LYS C 28 -17.62 -2.69 -1.51
C LYS C 28 -16.22 -2.62 -2.14
N GLU C 29 -15.98 -1.53 -2.84
CA GLU C 29 -14.73 -1.32 -3.60
C GLU C 29 -14.18 0.09 -3.36
N PRO C 30 -13.40 0.27 -2.30
CA PRO C 30 -12.83 1.58 -1.99
C PRO C 30 -11.90 2.07 -3.08
N LYS C 31 -12.01 3.35 -3.39
CA LYS C 31 -11.21 3.98 -4.42
C LYS C 31 -10.77 5.35 -3.86
N LYS C 32 -9.56 5.78 -4.25
CA LYS C 32 -9.03 7.08 -3.82
C LYS C 32 -9.40 8.16 -4.84
N LEU C 33 -10.65 8.58 -4.78
CA LEU C 33 -11.23 9.53 -5.74
C LEU C 33 -10.94 11.00 -5.47
N LEU C 34 -10.43 11.32 -4.29
CA LEU C 34 -10.13 12.70 -3.92
C LEU C 34 -8.67 12.87 -3.56
N GLN C 35 -7.79 12.32 -4.36
CA GLN C 35 -6.37 12.44 -4.05
C GLN C 35 -5.99 13.88 -3.72
N ASP C 36 -5.22 14.02 -2.64
CA ASP C 36 -4.71 15.33 -2.19
C ASP C 36 -5.75 16.41 -1.78
N LYS C 37 -7.02 16.08 -1.73
CA LYS C 37 -8.00 17.07 -1.39
C LYS C 37 -8.07 17.28 0.10
N THR C 38 -8.55 18.43 0.52
CA THR C 38 -8.43 18.75 1.95
C THR C 38 -9.76 19.09 2.54
N LEU C 39 -9.93 18.72 3.80
CA LEU C 39 -11.17 18.98 4.52
C LEU C 39 -10.87 19.61 5.85
N ALA C 40 -11.38 20.79 6.05
CA ALA C 40 -11.25 21.49 7.36
C ALA C 40 -12.42 21.01 8.20
N MSE C 41 -12.20 20.65 9.44
CA MSE C 41 -13.31 20.22 10.28
C MSE C 41 -13.41 21.13 11.44
O MSE C 41 -12.51 21.19 12.28
CB MSE C 41 -13.11 18.82 10.80
CG MSE C 41 -12.93 17.79 9.70
SE MSE C 41 -12.54 15.99 10.48
CE MSE C 41 -10.92 16.48 11.51
N ILE C 42 -14.48 21.90 11.49
CA ILE C 42 -14.61 22.89 12.58
C ILE C 42 -15.62 22.42 13.57
N PHE C 43 -15.19 22.17 14.80
CA PHE C 43 -16.13 21.73 15.88
C PHE C 43 -16.38 22.83 16.90
N GLU C 44 -17.63 23.10 17.17
CA GLU C 44 -17.99 24.04 18.20
C GLU C 44 -18.22 23.30 19.44
N LYS C 45 -18.43 22.00 19.29
CA LYS C 45 -18.69 21.12 20.39
C LYS C 45 -18.20 19.80 19.89
N ASN C 46 -17.36 19.16 20.67
CA ASN C 46 -16.70 17.96 20.19
C ASN C 46 -17.61 16.71 20.10
N SER C 47 -17.41 15.96 19.01
CA SER C 47 -18.07 14.69 18.78
C SER C 47 -17.03 13.81 18.17
N THR C 48 -16.50 12.90 18.97
CA THR C 48 -15.54 11.90 18.50
C THR C 48 -16.15 10.99 17.38
N ARG C 49 -17.32 10.44 17.61
CA ARG C 49 -17.96 9.63 16.56
C ARG C 49 -17.97 10.29 15.14
N THR C 50 -18.22 11.60 15.12
CA THR C 50 -18.43 12.35 13.88
C THR C 50 -17.10 12.54 13.20
N ARG C 51 -16.20 13.00 14.03
CA ARG C 51 -14.89 13.28 13.59
C ARG C 51 -14.28 12.08 12.90
N MSE C 52 -14.47 10.93 13.48
CA MSE C 52 -13.92 9.69 12.92
C MSE C 52 -14.42 9.53 11.52
O MSE C 52 -13.63 9.28 10.57
CB MSE C 52 -14.47 8.58 13.81
CG MSE C 52 -13.66 7.29 13.79
SE MSE C 52 -12.51 7.28 15.39
CE MSE C 52 -14.21 7.37 16.45
N ALA C 53 -15.74 9.66 11.38
CA ALA C 53 -16.42 9.47 10.10
C ALA C 53 -15.85 10.37 9.02
N PHE C 54 -15.68 11.62 9.37
CA PHE C 54 -15.16 12.55 8.39
C PHE C 54 -13.68 12.41 8.15
N GLU C 55 -12.92 12.33 9.22
CA GLU C 55 -11.51 12.24 9.06
C GLU C 55 -11.17 11.02 8.19
N LEU C 56 -11.85 9.88 8.48
CA LEU C 56 -11.54 8.66 7.75
C LEU C 56 -12.11 8.75 6.34
N ALA C 57 -13.25 9.44 6.20
CA ALA C 57 -13.86 9.56 4.87
C ALA C 57 -12.82 10.19 3.90
N ILE C 58 -12.35 11.38 4.23
CA ILE C 58 -11.47 12.06 3.30
C ILE C 58 -10.16 11.33 3.19
N THR C 59 -9.72 10.77 4.31
CA THR C 59 -8.40 10.13 4.34
C THR C 59 -8.35 8.96 3.37
N GLU C 60 -9.34 8.10 3.50
CA GLU C 60 -9.48 6.92 2.67
C GLU C 60 -9.70 7.25 1.20
N LEU C 61 -10.33 8.40 0.97
CA LEU C 61 -10.51 8.91 -0.41
C LEU C 61 -9.23 9.53 -1.02
N GLY C 62 -8.14 9.51 -0.27
CA GLY C 62 -6.84 10.07 -0.71
C GLY C 62 -6.46 11.47 -0.26
N GLY C 63 -7.30 12.09 0.55
CA GLY C 63 -7.07 13.46 1.00
C GLY C 63 -6.52 13.60 2.40
N LYS C 64 -6.67 14.77 3.00
CA LYS C 64 -6.15 15.09 4.34
C LYS C 64 -7.22 15.86 5.13
N ALA C 65 -7.31 15.61 6.42
CA ALA C 65 -8.26 16.33 7.24
C ALA C 65 -7.54 17.25 8.20
N LEU C 66 -8.13 18.39 8.47
CA LEU C 66 -7.63 19.28 9.52
C LEU C 66 -8.64 19.43 10.60
N PHE C 67 -8.26 19.06 11.78
CA PHE C 67 -9.16 19.11 12.89
C PHE C 67 -8.96 20.43 13.59
N LEU C 68 -9.93 21.34 13.51
CA LEU C 68 -9.84 22.61 14.29
C LEU C 68 -10.84 22.57 15.42
N SER C 69 -10.38 22.50 16.65
CA SER C 69 -11.30 22.20 17.78
C SER C 69 -11.91 23.47 18.37
N SER C 70 -12.77 23.25 19.37
CA SER C 70 -13.38 24.30 20.23
C SER C 70 -12.33 25.24 20.86
N ASN C 71 -11.44 24.67 21.66
CA ASN C 71 -10.27 25.38 22.15
C ASN C 71 -9.54 26.13 21.00
N ASP C 72 -9.23 25.40 19.93
CA ASP C 72 -8.44 25.93 18.78
C ASP C 72 -9.13 27.10 18.10
N LEU C 73 -10.41 26.89 17.84
CA LEU C 73 -11.24 27.82 17.06
C LEU C 73 -12.47 28.25 17.84
N GLN C 74 -12.42 29.50 18.32
CA GLN C 74 -13.56 30.20 18.97
C GLN C 74 -14.34 31.00 17.92
N LEU C 75 -15.48 30.45 17.48
CA LEU C 75 -16.33 31.08 16.43
C LEU C 75 -17.31 32.08 17.01
N SER C 76 -17.44 33.25 16.37
CA SER C 76 -18.34 34.35 16.84
C SER C 76 -17.99 34.85 18.26
N ARG C 77 -16.82 34.47 18.78
CA ARG C 77 -16.37 34.83 20.15
C ARG C 77 -15.06 35.65 20.13
N GLY C 78 -14.19 35.39 19.15
CA GLY C 78 -13.17 36.38 18.73
C GLY C 78 -13.62 37.10 17.45
N GLU C 79 -12.91 36.82 16.36
CA GLU C 79 -13.23 37.38 15.04
C GLU C 79 -14.63 36.97 14.49
N PRO C 80 -15.26 37.82 13.68
CA PRO C 80 -16.50 37.41 13.03
C PRO C 80 -16.39 36.22 12.06
N VAL C 81 -17.50 35.58 11.83
CA VAL C 81 -17.51 34.36 11.06
C VAL C 81 -17.17 34.55 9.61
N LYS C 82 -17.65 35.63 9.03
CA LYS C 82 -17.36 35.92 7.61
C LYS C 82 -15.85 36.00 7.35
N ASP C 83 -15.14 36.53 8.33
CA ASP C 83 -13.69 36.58 8.21
C ASP C 83 -13.07 35.22 8.20
N THR C 84 -13.54 34.39 9.13
CA THR C 84 -12.98 33.06 9.25
C THR C 84 -13.27 32.32 7.97
N ALA C 85 -14.50 32.42 7.55
CA ALA C 85 -14.92 31.79 6.30
C ALA C 85 -14.04 32.23 5.13
N ARG C 86 -13.69 33.48 5.07
CA ARG C 86 -12.99 33.99 3.89
C ARG C 86 -11.56 33.60 3.87
N VAL C 87 -11.05 33.17 5.02
CA VAL C 87 -9.71 32.59 5.05
C VAL C 87 -9.78 31.05 4.88
N ILE C 88 -10.41 30.37 5.81
CA ILE C 88 -10.43 28.89 5.78
C ILE C 88 -11.04 28.35 4.52
N GLY C 89 -12.18 28.92 4.19
CA GLY C 89 -12.94 28.47 3.00
C GLY C 89 -12.27 28.71 1.67
N ALA C 90 -11.18 29.42 1.72
CA ALA C 90 -10.42 29.68 0.51
C ALA C 90 -9.19 28.76 0.39
N MSE C 91 -8.83 28.09 1.47
CA MSE C 91 -7.61 27.29 1.48
C MSE C 91 -7.79 25.82 1.43
O MSE C 91 -6.84 25.07 1.18
CB MSE C 91 -6.85 27.58 2.74
CG MSE C 91 -6.56 29.08 2.72
SE MSE C 91 -5.46 29.61 4.26
CE MSE C 91 -3.68 29.16 3.55
N VAL C 92 -9.02 25.39 1.68
CA VAL C 92 -9.30 23.96 1.65
C VAL C 92 -10.36 23.65 0.66
N ASP C 93 -10.49 22.37 0.34
CA ASP C 93 -11.48 21.95 -0.63
C ASP C 93 -12.90 21.76 -0.06
N PHE C 94 -13.01 21.41 1.20
CA PHE C 94 -14.31 21.27 1.84
C PHE C 94 -14.25 21.79 3.25
N VAL C 95 -15.38 22.20 3.81
CA VAL C 95 -15.42 22.54 5.23
C VAL C 95 -16.57 21.82 5.89
N MSE C 96 -16.31 20.96 6.87
CA MSE C 96 -17.40 20.42 7.68
C MSE C 96 -17.51 21.20 8.95
O MSE C 96 -16.52 21.61 9.51
CB MSE C 96 -17.19 18.96 8.01
CG MSE C 96 -16.15 18.78 9.13
SE MSE C 96 -16.92 18.14 10.89
CE MSE C 96 -17.09 16.36 10.20
N MSE C 97 -18.72 21.41 9.42
CA MSE C 97 -18.86 22.07 10.69
C MSE C 97 -19.89 21.50 11.56
O MSE C 97 -20.98 21.15 11.14
CB MSE C 97 -19.29 23.51 10.55
CG MSE C 97 -18.55 24.23 9.46
SE MSE C 97 -19.12 26.15 9.53
CE MSE C 97 -18.75 26.68 11.39
N ARG C 98 -19.54 21.43 12.84
CA ARG C 98 -20.50 20.99 13.82
C ARG C 98 -20.78 22.16 14.69
N VAL C 99 -22.00 22.65 14.60
CA VAL C 99 -22.31 23.90 15.22
C VAL C 99 -23.44 23.85 16.22
N ASN C 100 -23.35 24.76 17.15
CA ASN C 100 -24.45 24.99 18.10
C ASN C 100 -25.69 25.54 17.39
N LYS C 101 -25.48 26.47 16.47
CA LYS C 101 -26.58 27.21 15.82
C LYS C 101 -26.50 27.26 14.29
N HIS C 102 -27.55 26.84 13.63
CA HIS C 102 -27.59 26.72 12.15
C HIS C 102 -27.19 28.04 11.48
N GLU C 103 -27.61 29.17 12.04
CA GLU C 103 -27.25 30.49 11.46
C GLU C 103 -25.75 30.57 11.17
N THR C 104 -24.96 30.05 12.10
CA THR C 104 -23.53 30.01 11.95
C THR C 104 -23.11 29.25 10.71
N LEU C 105 -23.76 28.15 10.41
CA LEU C 105 -23.40 27.42 9.20
C LEU C 105 -23.72 28.25 8.02
N LEU C 106 -24.90 28.87 8.08
CA LEU C 106 -25.40 29.62 6.92
C LEU C 106 -24.41 30.80 6.64
N GLU C 107 -24.06 31.49 7.71
CA GLU C 107 -23.25 32.67 7.60
C GLU C 107 -21.90 32.29 7.03
N PHE C 108 -21.38 31.16 7.47
CA PHE C 108 -20.07 30.67 6.96
C PHE C 108 -20.15 30.30 5.49
N ALA C 109 -21.16 29.54 5.15
CA ALA C 109 -21.39 29.06 3.78
C ALA C 109 -21.51 30.23 2.83
N ARG C 110 -22.17 31.24 3.33
CA ARG C 110 -22.39 32.47 2.58
C ARG C 110 -21.05 33.06 2.10
N TYR C 111 -20.00 32.93 2.91
CA TYR C 111 -18.74 33.52 2.57
C TYR C 111 -17.64 32.47 2.26
N SER C 112 -18.00 31.17 2.22
CA SER C 112 -17.00 30.13 1.94
C SER C 112 -16.91 29.79 0.49
N LYS C 113 -15.74 29.94 -0.11
CA LYS C 113 -15.51 29.41 -1.47
C LYS C 113 -15.62 27.87 -1.49
N ALA C 114 -15.41 27.23 -0.35
CA ALA C 114 -15.45 25.76 -0.29
C ALA C 114 -16.81 25.34 0.18
N PRO C 115 -17.34 24.21 -0.36
CA PRO C 115 -18.63 23.66 0.04
C PRO C 115 -18.61 23.31 1.48
N VAL C 116 -19.63 23.69 2.22
CA VAL C 116 -19.71 23.50 3.67
C VAL C 116 -20.68 22.38 3.95
N ILE C 117 -20.35 21.51 4.88
CA ILE C 117 -21.14 20.29 5.21
C ILE C 117 -21.64 20.35 6.64
N ASN C 118 -22.94 20.19 6.82
CA ASN C 118 -23.51 20.33 8.15
C ASN C 118 -23.31 19.05 8.90
N ALA C 119 -22.28 19.01 9.76
CA ALA C 119 -22.07 17.75 10.58
C ALA C 119 -23.04 17.66 11.76
N LEU C 120 -23.78 18.71 12.00
CA LEU C 120 -24.81 18.74 13.01
C LEU C 120 -25.14 20.17 13.42
N SER C 121 -26.42 20.49 13.41
CA SER C 121 -26.91 21.76 13.87
C SER C 121 -28.20 21.54 14.65
N GLU C 122 -28.73 22.57 15.30
CA GLU C 122 -29.92 22.37 16.13
C GLU C 122 -31.15 22.03 15.25
N LEU C 123 -31.10 22.44 13.98
CA LEU C 123 -32.22 22.20 13.04
C LEU C 123 -32.10 20.90 12.28
N TYR C 124 -30.91 20.49 11.93
CA TYR C 124 -30.78 19.34 11.01
C TYR C 124 -29.55 18.51 11.26
N HIS C 125 -29.68 17.22 11.05
CA HIS C 125 -28.54 16.34 11.21
C HIS C 125 -28.50 15.38 10.05
N PRO C 126 -28.34 15.91 8.84
CA PRO C 126 -28.48 15.14 7.59
C PRO C 126 -27.51 14.01 7.36
N THR C 127 -26.28 14.15 7.77
CA THR C 127 -25.34 13.05 7.55
C THR C 127 -25.81 11.82 8.30
N GLN C 128 -26.36 12.03 9.47
CA GLN C 128 -26.81 10.92 10.29
C GLN C 128 -27.95 10.22 9.59
N VAL C 129 -28.92 10.99 9.13
CA VAL C 129 -30.01 10.36 8.44
C VAL C 129 -29.49 9.60 7.22
N LEU C 130 -28.50 10.14 6.50
CA LEU C 130 -28.01 9.42 5.32
C LEU C 130 -27.49 8.06 5.74
N GLY C 131 -26.82 8.04 6.86
CA GLY C 131 -26.23 6.79 7.35
C GLY C 131 -27.30 5.80 7.76
N ASP C 132 -28.32 6.34 8.43
CA ASP C 132 -29.44 5.53 8.88
C ASP C 132 -30.04 4.85 7.66
N LEU C 133 -30.24 5.65 6.63
CA LEU C 133 -30.78 5.18 5.35
C LEU C 133 -29.95 4.05 4.76
N PHE C 134 -28.63 4.28 4.69
CA PHE C 134 -27.67 3.28 4.16
C PHE C 134 -27.89 1.96 4.87
N THR C 135 -28.13 2.09 6.17
CA THR C 135 -28.21 0.98 7.08
C THR C 135 -29.49 0.22 6.87
N ILE C 136 -30.57 0.96 6.67
CA ILE C 136 -31.88 0.35 6.39
C ILE C 136 -31.77 -0.48 5.12
N LYS C 137 -31.06 0.04 4.14
CA LYS C 137 -30.91 -0.65 2.86
C LYS C 137 -30.06 -1.91 3.04
N GLU C 138 -29.03 -1.81 3.84
CA GLU C 138 -28.16 -2.96 4.16
C GLU C 138 -28.88 -4.07 4.89
N TRP C 139 -29.85 -3.69 5.69
CA TRP C 139 -30.58 -4.69 6.49
C TRP C 139 -31.89 -5.13 5.79
N ASN C 140 -31.90 -4.89 4.49
CA ASN C 140 -33.01 -5.27 3.61
C ASN C 140 -34.36 -4.91 4.20
N LYS C 141 -34.46 -3.71 4.72
CA LYS C 141 -35.74 -3.22 5.27
C LYS C 141 -36.34 -2.15 4.34
N MSE C 142 -35.89 -2.17 3.09
CA MSE C 142 -36.45 -1.28 2.08
C MSE C 142 -37.13 -2.09 1.04
O MSE C 142 -36.61 -2.31 -0.04
CB MSE C 142 -35.40 -0.41 1.43
CG MSE C 142 -35.66 1.01 1.90
SE MSE C 142 -34.32 2.23 1.16
CE MSE C 142 -33.09 2.32 2.69
N GLN C 143 -38.35 -2.52 1.38
CA GLN C 143 -39.22 -3.25 0.48
C GLN C 143 -39.99 -2.28 -0.44
N ASN C 144 -39.68 -2.36 -1.74
CA ASN C 144 -40.40 -1.61 -2.78
C ASN C 144 -39.92 -0.14 -2.89
N GLY C 145 -38.69 0.12 -2.44
CA GLY C 145 -38.11 1.49 -2.49
C GLY C 145 -38.68 2.40 -1.41
N ILE C 146 -39.71 1.90 -0.75
CA ILE C 146 -40.32 2.52 0.42
C ILE C 146 -39.76 1.91 1.69
N ALA C 147 -39.78 2.65 2.79
CA ALA C 147 -39.48 2.09 4.09
C ALA C 147 -40.54 2.52 5.06
N LYS C 148 -40.87 1.62 5.96
CA LYS C 148 -41.95 1.86 6.92
C LYS C 148 -41.23 2.14 8.20
N VAL C 149 -41.18 3.42 8.55
CA VAL C 149 -40.32 3.91 9.66
C VAL C 149 -41.09 4.60 10.79
N ALA C 150 -40.65 4.35 12.02
CA ALA C 150 -41.17 5.02 13.20
C ALA C 150 -40.06 5.82 13.82
N PHE C 151 -40.28 7.07 14.09
CA PHE C 151 -39.33 7.83 14.87
C PHE C 151 -39.91 8.19 16.21
N ILE C 152 -39.24 7.83 17.28
CA ILE C 152 -39.70 8.15 18.64
C ILE C 152 -38.69 9.00 19.42
N GLY C 153 -39.11 10.17 19.87
CA GLY C 153 -38.20 11.04 20.65
C GLY C 153 -38.55 12.51 20.72
N ASP C 154 -37.52 13.37 20.75
CA ASP C 154 -37.70 14.85 20.75
C ASP C 154 -38.24 15.41 19.42
N SER C 155 -38.76 16.64 19.42
CA SER C 155 -38.85 17.48 18.17
C SER C 155 -37.47 18.16 17.86
N ASN C 156 -36.43 17.33 17.86
CA ASN C 156 -35.10 17.80 17.72
C ASN C 156 -34.67 17.78 16.23
N ASN C 157 -33.37 18.02 16.01
CA ASN C 157 -32.78 17.99 14.67
C ASN C 157 -33.04 16.68 13.94
N MSE C 158 -32.92 15.58 14.66
CA MSE C 158 -33.01 14.24 14.08
C MSE C 158 -34.38 14.01 13.54
O MSE C 158 -34.58 13.37 12.51
CB MSE C 158 -32.69 13.17 15.13
CG MSE C 158 -31.21 12.78 15.19
SE MSE C 158 -30.61 12.05 13.43
CE MSE C 158 -31.27 10.19 13.50
N CYS C 159 -35.35 14.53 14.27
CA CYS C 159 -36.75 14.41 13.92
C CYS C 159 -37.04 15.16 12.64
N ASN C 160 -36.56 16.38 12.63
CA ASN C 160 -36.67 17.25 11.44
C ASN C 160 -36.13 16.60 10.19
N SER C 161 -34.93 16.08 10.32
CA SER C 161 -34.28 15.50 9.18
C SER C 161 -34.97 14.22 8.73
N TRP C 162 -35.48 13.45 9.68
CA TRP C 162 -36.21 12.23 9.28
C TRP C 162 -37.53 12.61 8.62
N LEU C 163 -38.16 13.64 9.14
CA LEU C 163 -39.45 14.03 8.63
C LEU C 163 -39.26 14.37 7.16
N ILE C 164 -38.29 15.25 6.92
CA ILE C 164 -37.92 15.75 5.57
C ILE C 164 -37.56 14.64 4.60
N THR C 165 -36.70 13.76 5.06
CA THR C 165 -36.16 12.76 4.18
C THR C 165 -37.21 11.77 3.81
N ALA C 166 -38.06 11.44 4.78
CA ALA C 166 -39.19 10.54 4.51
C ALA C 166 -40.03 11.16 3.40
N ALA C 167 -40.25 12.45 3.54
CA ALA C 167 -41.10 13.21 2.62
C ALA C 167 -40.56 13.22 1.20
N ILE C 168 -39.25 13.34 1.09
CA ILE C 168 -38.60 13.36 -0.22
C ILE C 168 -38.64 11.97 -0.83
N LEU C 169 -38.27 11.00 -0.01
CA LEU C 169 -38.02 9.65 -0.53
C LEU C 169 -39.28 8.87 -0.85
N GLY C 170 -40.38 9.23 -0.18
CA GLY C 170 -41.67 8.51 -0.32
C GLY C 170 -41.99 7.49 0.76
N PHE C 171 -41.30 7.62 1.88
CA PHE C 171 -41.44 6.65 2.96
C PHE C 171 -42.74 6.82 3.70
N GLU C 172 -43.09 5.80 4.47
CA GLU C 172 -44.22 5.85 5.37
C GLU C 172 -43.64 6.06 6.73
N ILE C 173 -43.92 7.21 7.33
CA ILE C 173 -43.30 7.49 8.62
C ILE C 173 -44.29 7.94 9.66
N SER C 174 -44.15 7.36 10.84
CA SER C 174 -44.88 7.81 12.04
C SER C 174 -43.94 8.40 13.08
N ILE C 175 -44.21 9.63 13.48
CA ILE C 175 -43.42 10.32 14.52
C ILE C 175 -44.17 10.47 15.82
N ALA C 176 -43.49 10.16 16.91
CA ALA C 176 -44.07 10.22 18.24
C ALA C 176 -43.21 10.97 19.23
N MSE C 177 -43.80 11.97 19.86
CA MSE C 177 -43.18 12.76 20.93
C MSE C 177 -44.23 13.18 21.93
O MSE C 177 -45.40 13.05 21.66
CB MSE C 177 -42.58 13.99 20.29
CG MSE C 177 -43.65 14.73 19.51
SE MSE C 177 -42.89 16.17 18.47
CE MSE C 177 -41.73 14.94 17.46
N PRO C 178 -43.83 13.71 23.09
CA PRO C 178 -44.85 14.03 24.10
C PRO C 178 -45.87 15.10 23.66
N LYS C 179 -46.95 15.23 24.42
CA LYS C 179 -48.09 16.09 24.02
C LYS C 179 -47.67 17.57 23.89
N ASN C 180 -46.95 18.09 24.88
CA ASN C 180 -46.56 19.51 24.88
C ASN C 180 -45.55 19.91 23.78
N TYR C 181 -44.92 18.91 23.17
CA TYR C 181 -43.86 19.14 22.17
C TYR C 181 -44.44 19.43 20.78
N LYS C 182 -43.86 20.40 20.08
CA LYS C 182 -44.35 20.86 18.75
C LYS C 182 -43.25 20.74 17.70
N ILE C 183 -43.64 20.53 16.42
CA ILE C 183 -42.72 20.58 15.26
C ILE C 183 -42.85 21.88 14.46
N SER C 184 -41.72 22.35 13.97
CA SER C 184 -41.68 23.64 13.28
C SER C 184 -42.64 23.72 12.11
N PRO C 185 -43.54 24.69 12.13
CA PRO C 185 -44.50 24.74 11.06
C PRO C 185 -43.86 24.84 9.68
N GLU C 186 -42.77 25.58 9.59
CA GLU C 186 -42.11 25.80 8.28
C GLU C 186 -41.59 24.47 7.69
N ILE C 187 -41.04 23.66 8.56
CA ILE C 187 -40.49 22.38 8.14
C ILE C 187 -41.62 21.45 7.75
N TRP C 188 -42.66 21.50 8.55
CA TRP C 188 -43.82 20.62 8.39
C TRP C 188 -44.47 20.89 7.05
N GLU C 189 -44.62 22.16 6.74
CA GLU C 189 -45.17 22.55 5.45
C GLU C 189 -44.36 21.99 4.29
N PHE C 190 -43.05 22.10 4.39
CA PHE C 190 -42.19 21.59 3.30
C PHE C 190 -42.41 20.10 3.05
N ALA C 191 -42.51 19.37 4.15
CA ALA C 191 -42.75 17.96 4.08
C ALA C 191 -44.13 17.64 3.48
N MSE C 192 -45.13 18.42 3.85
CA MSE C 192 -46.47 18.17 3.31
C MSE C 192 -46.42 18.25 1.81
O MSE C 192 -46.90 17.37 1.12
CB MSE C 192 -47.52 19.10 3.90
CG MSE C 192 -47.90 18.77 5.35
SE MSE C 192 -48.00 16.84 5.74
CE MSE C 192 -49.33 16.38 4.33
N LYS C 193 -45.81 19.31 1.31
CA LYS C 193 -45.69 19.55 -0.15
C LYS C 193 -44.95 18.41 -0.82
N GLN C 194 -43.85 18.04 -0.22
CA GLN C 194 -43.04 16.98 -0.79
C GLN C 194 -43.78 15.63 -0.85
N ALA C 195 -44.57 15.35 0.18
CA ALA C 195 -45.25 14.04 0.27
C ALA C 195 -46.18 13.89 -0.92
N LEU C 196 -46.91 14.95 -1.26
CA LEU C 196 -47.76 14.96 -2.46
C LEU C 196 -47.06 14.45 -3.72
N ILE C 197 -45.87 14.98 -3.97
CA ILE C 197 -45.08 14.59 -5.15
C ILE C 197 -44.64 13.10 -5.04
N SER C 198 -44.09 12.74 -3.88
CA SER C 198 -43.48 11.39 -3.65
C SER C 198 -44.38 10.26 -3.11
N GLY C 199 -45.61 10.61 -2.74
CA GLY C 199 -46.51 9.66 -2.07
C GLY C 199 -46.16 9.26 -0.65
N ALA C 200 -45.45 10.10 0.09
CA ALA C 200 -45.17 9.81 1.52
C ALA C 200 -46.42 9.73 2.41
N LYS C 201 -46.48 8.70 3.24
CA LYS C 201 -47.55 8.57 4.28
C LYS C 201 -46.97 8.98 5.66
N ILE C 202 -47.12 10.27 5.95
CA ILE C 202 -46.64 10.85 7.19
C ILE C 202 -47.71 11.04 8.24
N SER C 203 -47.39 10.71 9.47
CA SER C 203 -48.27 10.96 10.62
C SER C 203 -47.45 11.40 11.85
N LEU C 204 -47.97 12.38 12.57
CA LEU C 204 -47.34 12.86 13.82
C LEU C 204 -48.29 12.75 15.01
N GLY C 205 -47.79 12.24 16.13
CA GLY C 205 -48.64 11.97 17.31
C GLY C 205 -47.89 12.05 18.62
N TYR C 206 -48.57 11.66 19.71
CA TYR C 206 -47.94 11.57 21.04
C TYR C 206 -48.17 10.18 21.69
N ASP C 207 -48.29 9.16 20.86
CA ASP C 207 -48.53 7.79 21.33
C ASP C 207 -47.52 6.82 20.77
N LYS C 208 -46.60 6.38 21.61
CA LYS C 208 -45.47 5.53 21.20
C LYS C 208 -45.99 4.34 20.41
N PHE C 209 -47.02 3.72 20.96
CA PHE C 209 -47.49 2.43 20.46
C PHE C 209 -48.17 2.53 19.09
N GLU C 210 -48.89 3.63 18.90
CA GLU C 210 -49.54 3.93 17.60
C GLU C 210 -48.47 4.11 16.52
N ALA C 211 -47.43 4.85 16.87
CA ALA C 211 -46.33 5.15 15.95
C ALA C 211 -45.63 3.88 15.53
N LEU C 212 -45.55 2.95 16.46
CA LEU C 212 -44.85 1.69 16.26
C LEU C 212 -45.58 0.67 15.40
N LYS C 213 -46.91 0.71 15.40
CA LYS C 213 -47.74 -0.25 14.65
C LYS C 213 -47.27 -0.38 13.17
N ASP C 214 -47.11 -1.62 12.71
CA ASP C 214 -46.78 -1.95 11.31
C ASP C 214 -45.49 -1.26 10.80
N LYS C 215 -44.45 -1.27 11.63
CA LYS C 215 -43.16 -0.62 11.29
C LYS C 215 -42.02 -1.62 11.21
N ASP C 216 -41.13 -1.45 10.24
CA ASP C 216 -39.91 -2.30 10.15
C ASP C 216 -38.65 -1.65 10.69
N VAL C 217 -38.71 -0.37 10.96
CA VAL C 217 -37.52 0.40 11.38
C VAL C 217 -37.93 1.37 12.48
N VAL C 218 -37.36 1.18 13.66
CA VAL C 218 -37.65 2.06 14.77
C VAL C 218 -36.43 2.86 15.03
N ILE C 219 -36.62 4.16 15.10
CA ILE C 219 -35.53 5.10 15.34
C ILE C 219 -35.78 5.88 16.63
N THR C 220 -34.78 5.94 17.51
CA THR C 220 -34.90 6.73 18.73
C THR C 220 -33.64 7.51 18.98
N ASP C 221 -33.65 8.35 20.00
CA ASP C 221 -32.53 9.27 20.26
C ASP C 221 -32.58 9.76 21.70
N THR C 222 -31.45 10.24 22.19
CA THR C 222 -31.34 10.75 23.55
C THR C 222 -32.35 11.85 23.72
N TRP C 223 -32.80 12.01 24.94
CA TRP C 223 -33.81 13.02 25.24
C TRP C 223 -33.17 14.31 25.72
N VAL C 224 -32.19 14.13 26.59
CA VAL C 224 -31.35 15.22 27.11
C VAL C 224 -30.31 15.51 26.04
N SER C 225 -30.61 16.50 25.22
CA SER C 225 -29.71 16.96 24.15
C SER C 225 -28.63 17.89 24.72
N MSE C 226 -27.39 17.72 24.25
CA MSE C 226 -26.18 18.46 24.71
C MSE C 226 -26.37 19.96 24.66
O MSE C 226 -26.93 20.52 23.70
CB MSE C 226 -24.92 18.08 23.94
N GLY C 227 -25.90 20.63 25.71
CA GLY C 227 -26.17 22.06 25.88
C GLY C 227 -27.47 22.25 26.64
N GLU C 228 -28.55 21.56 26.24
CA GLU C 228 -29.89 21.76 26.82
C GLU C 228 -30.07 21.24 28.27
N GLU C 229 -29.07 20.53 28.81
CA GLU C 229 -29.05 20.14 30.23
C GLU C 229 -29.19 21.41 31.06
N LYS C 232 -33.19 19.50 33.01
CA LYS C 232 -33.08 18.10 32.62
C LYS C 232 -34.06 17.22 33.42
N GLU C 233 -33.98 17.31 34.75
CA GLU C 233 -34.82 16.51 35.66
C GLU C 233 -36.32 16.50 35.28
N ARG C 234 -36.82 17.68 34.89
CA ARG C 234 -38.22 17.86 34.47
C ARG C 234 -38.50 17.15 33.12
N LYS C 235 -37.58 17.30 32.18
CA LYS C 235 -37.70 16.71 30.82
C LYS C 235 -37.88 15.18 30.86
N ILE C 236 -36.97 14.50 31.54
CA ILE C 236 -37.06 13.05 31.77
C ILE C 236 -38.49 12.58 32.20
N LYS C 237 -39.06 13.22 33.22
CA LYS C 237 -40.43 12.90 33.68
C LYS C 237 -41.49 13.09 32.57
N GLU C 238 -41.25 14.04 31.65
CA GLU C 238 -42.17 14.31 30.50
C GLU C 238 -42.17 13.17 29.46
N PHE C 239 -41.01 12.51 29.37
CA PHE C 239 -40.79 11.35 28.46
C PHE C 239 -41.07 9.99 29.14
N GLU C 240 -42.05 9.96 30.06
CA GLU C 240 -42.38 8.75 30.87
C GLU C 240 -42.61 7.50 30.02
N GLY C 241 -43.66 7.53 29.20
CA GLY C 241 -44.04 6.36 28.38
C GLY C 241 -43.12 6.03 27.21
N PHE C 242 -42.08 6.82 27.00
CA PHE C 242 -41.39 6.87 25.69
C PHE C 242 -40.17 5.97 25.51
N MSE C 243 -39.77 5.27 26.54
CA MSE C 243 -38.61 4.37 26.41
C MSE C 243 -38.92 3.30 25.41
O MSE C 243 -40.05 2.85 25.30
CB MSE C 243 -38.31 3.69 27.72
CG MSE C 243 -37.40 2.50 27.50
SE MSE C 243 -36.72 1.94 29.24
CE MSE C 243 -37.97 0.47 29.65
N ILE C 244 -37.92 2.93 24.62
CA ILE C 244 -38.02 1.73 23.80
C ILE C 244 -37.56 0.51 24.56
N ASP C 245 -38.50 -0.39 24.80
CA ASP C 245 -38.25 -1.65 25.53
C ASP C 245 -38.85 -2.84 24.78
N GLU C 246 -38.72 -4.04 25.35
CA GLU C 246 -39.20 -5.31 24.71
C GLU C 246 -40.66 -5.21 24.27
N LYS C 247 -41.51 -4.73 25.17
CA LYS C 247 -42.93 -4.61 24.87
C LYS C 247 -43.17 -3.64 23.70
N ALA C 248 -42.37 -2.58 23.65
CA ALA C 248 -42.45 -1.56 22.58
C ALA C 248 -42.07 -2.14 21.23
N MSE C 249 -40.93 -2.81 21.18
CA MSE C 249 -40.50 -3.49 19.94
C MSE C 249 -41.46 -4.57 19.49
O MSE C 249 -41.55 -4.85 18.30
CB MSE C 249 -39.13 -4.20 20.06
CG MSE C 249 -37.95 -3.25 20.16
SE MSE C 249 -37.88 -1.83 18.76
CE MSE C 249 -37.15 -2.96 17.17
N SER C 250 -42.11 -5.22 20.46
CA SER C 250 -43.17 -6.24 20.20
C SER C 250 -44.28 -5.71 19.33
N VAL C 251 -44.57 -4.41 19.49
CA VAL C 251 -45.68 -3.73 18.80
C VAL C 251 -45.33 -3.55 17.32
N ALA C 252 -44.05 -3.42 17.06
CA ALA C 252 -43.60 -3.29 15.67
C ALA C 252 -43.60 -4.65 15.01
N ASN C 253 -43.38 -4.63 13.70
CA ASN C 253 -43.29 -5.86 12.92
C ASN C 253 -42.18 -6.77 13.40
N LYS C 254 -42.31 -8.02 13.01
CA LYS C 254 -41.38 -9.05 13.39
C LYS C 254 -40.07 -8.69 12.74
N ASP C 255 -38.99 -8.89 13.48
CA ASP C 255 -37.61 -8.66 13.00
C ASP C 255 -37.25 -7.20 12.62
N ALA C 256 -38.07 -6.28 13.11
CA ALA C 256 -37.81 -4.86 12.92
C ALA C 256 -36.54 -4.49 13.62
N ILE C 257 -35.77 -3.62 12.99
CA ILE C 257 -34.48 -3.14 13.52
C ILE C 257 -34.65 -1.87 14.33
N LEU C 258 -33.80 -1.70 15.33
CA LEU C 258 -33.77 -0.51 16.19
C LEU C 258 -32.54 0.32 15.87
N LEU C 259 -32.74 1.58 15.55
CA LEU C 259 -31.63 2.47 15.25
C LEU C 259 -31.57 3.54 16.32
N HIS C 260 -30.35 3.89 16.69
CA HIS C 260 -30.06 4.92 17.67
C HIS C 260 -28.76 5.59 17.25
N CYS C 261 -28.75 6.92 17.17
CA CYS C 261 -27.56 7.62 16.61
C CYS C 261 -26.43 7.68 17.61
N LEU C 262 -26.76 7.55 18.89
CA LEU C 262 -25.77 7.41 19.98
C LEU C 262 -25.32 8.78 20.40
N PRO C 263 -24.78 8.90 21.61
CA PRO C 263 -24.69 7.86 22.59
C PRO C 263 -26.04 7.58 23.19
N ALA C 264 -26.11 6.43 23.85
CA ALA C 264 -27.31 5.87 24.43
C ALA C 264 -27.27 5.95 25.92
N TYR C 265 -28.43 6.08 26.50
CA TYR C 265 -28.53 6.14 27.94
C TYR C 265 -29.50 5.06 28.36
N ARG C 266 -28.91 3.92 28.66
CA ARG C 266 -29.62 2.72 29.06
C ARG C 266 -30.43 3.06 30.27
N GLY C 267 -31.70 2.64 30.23
CA GLY C 267 -32.60 2.93 31.33
C GLY C 267 -33.43 4.18 31.11
N TYR C 268 -33.14 4.88 30.03
CA TYR C 268 -33.89 6.07 29.63
C TYR C 268 -34.58 5.84 28.30
N GLU C 269 -34.08 6.43 27.22
CA GLU C 269 -34.74 6.31 25.91
C GLU C 269 -34.75 4.87 25.42
N VAL C 270 -33.88 4.05 26.00
CA VAL C 270 -33.79 2.67 25.56
C VAL C 270 -33.35 1.79 26.72
N SER C 271 -33.92 0.60 26.75
CA SER C 271 -33.57 -0.39 27.78
C SER C 271 -32.30 -1.12 27.40
N GLU C 272 -31.57 -1.54 28.42
CA GLU C 272 -30.30 -2.24 28.25
C GLU C 272 -30.52 -3.48 27.42
N GLU C 273 -31.54 -4.25 27.80
CA GLU C 273 -31.85 -5.53 27.16
C GLU C 273 -32.00 -5.30 25.64
N ILE C 274 -32.89 -4.36 25.29
CA ILE C 274 -33.29 -4.15 23.88
C ILE C 274 -32.13 -3.56 23.08
N PHE C 275 -31.38 -2.70 23.73
CA PHE C 275 -30.25 -2.05 23.10
C PHE C 275 -29.24 -3.11 22.70
N GLU C 276 -28.84 -3.91 23.69
CA GLU C 276 -27.87 -4.99 23.43
C GLU C 276 -28.44 -6.01 22.43
N LYS C 277 -29.76 -6.23 22.49
CA LYS C 277 -30.44 -7.11 21.52
C LYS C 277 -30.10 -6.64 20.10
N HIS C 278 -30.10 -5.33 19.90
CA HIS C 278 -29.70 -4.72 18.61
C HIS C 278 -28.29 -4.14 18.50
N ALA C 279 -27.34 -4.59 19.27
CA ALA C 279 -26.00 -4.06 19.14
C ALA C 279 -25.54 -4.10 17.67
N ASP C 280 -25.66 -5.25 17.02
CA ASP C 280 -25.04 -5.39 15.68
C ASP C 280 -25.45 -4.27 14.75
N VAL C 281 -26.75 -4.00 14.73
CA VAL C 281 -27.30 -3.04 13.78
C VAL C 281 -26.97 -1.63 14.25
N ILE C 282 -27.05 -1.39 15.54
CA ILE C 282 -26.79 -0.04 16.09
C ILE C 282 -25.35 0.38 15.84
N PHE C 283 -24.45 -0.53 16.02
CA PHE C 283 -23.05 -0.19 15.78
C PHE C 283 -22.64 -0.26 14.31
N GLU C 284 -23.32 -0.99 13.46
CA GLU C 284 -23.05 -0.88 12.03
C GLU C 284 -23.51 0.52 11.62
N GLU C 285 -24.62 0.93 12.22
CA GLU C 285 -25.23 2.21 11.93
C GLU C 285 -24.15 3.21 12.15
N ALA C 286 -23.62 3.25 13.36
CA ALA C 286 -22.47 4.14 13.73
C ALA C 286 -21.32 4.17 12.71
N ARG C 287 -20.85 3.01 12.37
CA ARG C 287 -19.78 2.90 11.40
C ARG C 287 -20.19 3.34 10.00
N ASN C 288 -21.45 3.15 9.65
CA ASN C 288 -21.85 3.35 8.25
C ASN C 288 -21.82 4.83 7.81
N ARG C 289 -21.71 5.70 8.77
CA ARG C 289 -21.62 7.11 8.46
C ARG C 289 -20.40 7.39 7.59
N LEU C 290 -19.42 6.52 7.69
CA LEU C 290 -18.20 6.68 6.91
C LEU C 290 -18.49 6.66 5.43
N TYR C 291 -19.22 5.63 5.00
CA TYR C 291 -19.37 5.36 3.55
C TYR C 291 -20.23 6.45 2.88
N VAL C 292 -21.11 6.96 3.69
CA VAL C 292 -22.06 7.97 3.29
C VAL C 292 -21.35 9.34 3.19
N VAL C 293 -20.52 9.66 4.16
CA VAL C 293 -19.74 10.90 4.05
C VAL C 293 -18.83 10.84 2.83
N LYS C 294 -18.24 9.69 2.60
CA LYS C 294 -17.45 9.52 1.37
C LYS C 294 -18.20 9.92 0.12
N ALA C 295 -19.39 9.36 -0.02
CA ALA C 295 -20.24 9.61 -1.18
C ALA C 295 -20.49 11.13 -1.29
N LEU C 296 -20.82 11.70 -0.15
CA LEU C 296 -21.20 13.09 -0.04
C LEU C 296 -20.04 13.97 -0.51
N LEU C 297 -18.88 13.68 0.01
CA LEU C 297 -17.68 14.40 -0.42
C LEU C 297 -17.42 14.23 -1.93
N CYS C 298 -17.52 13.03 -2.49
CA CYS C 298 -17.28 12.90 -3.95
C CYS C 298 -18.29 13.73 -4.72
N PHE C 299 -19.49 13.76 -4.17
CA PHE C 299 -20.59 14.42 -4.82
C PHE C 299 -20.37 15.91 -4.85
N LEU C 300 -20.04 16.49 -3.71
CA LEU C 300 -19.80 17.91 -3.65
C LEU C 300 -18.62 18.34 -4.51
N ASP C 301 -17.68 17.42 -4.71
CA ASP C 301 -16.48 17.73 -5.50
C ASP C 301 -16.87 17.98 -6.96
N ASN C 302 -17.85 17.23 -7.43
CA ASN C 302 -18.42 17.38 -8.82
C ASN C 302 -19.48 18.46 -9.04
N GLN C 303 -20.00 19.03 -7.96
CA GLN C 303 -20.99 20.14 -7.97
C GLN C 303 -20.31 21.40 -7.38
N ARG C 304 -19.30 21.86 -8.14
CA ARG C 304 -18.65 23.17 -8.00
C ARG C 304 -19.00 23.97 -9.27
N MSE D 2 28.67 -3.08 -2.65
CA MSE D 2 27.39 -3.87 -2.72
C MSE D 2 27.76 -5.24 -3.17
O MSE D 2 28.55 -5.41 -4.11
CB MSE D 2 26.43 -3.28 -3.76
CG MSE D 2 25.03 -3.91 -3.72
SE MSE D 2 24.27 -4.20 -5.53
CE MSE D 2 24.69 -2.50 -6.46
N LYS D 3 27.17 -6.24 -2.51
CA LYS D 3 27.58 -7.64 -2.68
C LYS D 3 26.55 -8.42 -3.49
N HIS D 4 27.07 -9.12 -4.49
CA HIS D 4 26.41 -10.18 -5.22
C HIS D 4 26.71 -11.58 -4.63
N PHE D 5 26.03 -12.58 -5.13
CA PHE D 5 26.28 -13.97 -4.69
C PHE D 5 26.57 -14.88 -5.90
N LEU D 6 27.78 -14.82 -6.38
CA LEU D 6 28.19 -15.49 -7.62
C LEU D 6 28.98 -16.75 -7.37
N THR D 7 29.67 -16.79 -6.24
CA THR D 7 30.39 -17.99 -5.78
C THR D 7 30.67 -17.93 -4.30
N LEU D 8 30.73 -19.09 -3.66
CA LEU D 8 30.99 -19.09 -2.23
C LEU D 8 32.44 -18.64 -1.94
N ARG D 9 33.25 -18.57 -2.98
CA ARG D 9 34.62 -18.08 -2.82
C ARG D 9 34.66 -16.73 -2.17
N ASP D 10 33.62 -15.94 -2.41
CA ASP D 10 33.56 -14.56 -1.92
C ASP D 10 33.07 -14.46 -0.49
N PHE D 11 32.91 -15.58 0.21
CA PHE D 11 32.38 -15.56 1.56
C PHE D 11 33.22 -16.30 2.59
N SER D 12 33.01 -15.88 3.82
CA SER D 12 33.74 -16.44 4.93
C SER D 12 33.02 -17.65 5.47
N LYS D 13 33.81 -18.50 6.10
CA LYS D 13 33.29 -19.60 6.90
C LYS D 13 32.09 -19.13 7.73
N GLU D 14 32.26 -18.01 8.40
CA GLU D 14 31.22 -17.48 9.30
C GLU D 14 29.98 -17.06 8.53
N GLU D 15 30.21 -16.38 7.42
CA GLU D 15 29.12 -15.98 6.59
C GLU D 15 28.32 -17.17 6.07
N ILE D 16 29.01 -18.21 5.63
CA ILE D 16 28.31 -19.36 5.04
C ILE D 16 27.51 -20.04 6.11
N LEU D 17 28.13 -20.25 7.24
CA LEU D 17 27.44 -20.96 8.31
C LEU D 17 26.21 -20.19 8.78
N SER D 18 26.30 -18.88 8.74
CA SER D 18 25.20 -18.10 9.29
C SER D 18 24.04 -18.09 8.30
N LEU D 19 24.35 -18.24 7.01
CA LEU D 19 23.30 -18.47 6.02
C LEU D 19 22.52 -19.80 6.35
N VAL D 20 23.26 -20.86 6.57
CA VAL D 20 22.63 -22.14 6.88
C VAL D 20 21.80 -21.98 8.15
N ASN D 21 22.32 -21.28 9.15
CA ASN D 21 21.57 -21.15 10.43
C ASN D 21 20.29 -20.36 10.24
N HIS D 22 20.38 -19.38 9.37
CA HIS D 22 19.23 -18.53 9.15
C HIS D 22 18.18 -19.32 8.42
N ALA D 23 18.63 -20.06 7.43
CA ALA D 23 17.77 -20.98 6.69
C ALA D 23 16.96 -21.84 7.63
N SER D 24 17.68 -22.36 8.59
CA SER D 24 17.12 -23.25 9.53
C SER D 24 16.07 -22.55 10.39
N GLU D 25 16.38 -21.36 10.87
CA GLU D 25 15.41 -20.54 11.60
C GLU D 25 14.14 -20.32 10.77
N LEU D 26 14.33 -20.02 9.49
CA LEU D 26 13.21 -19.73 8.59
C LEU D 26 12.36 -20.97 8.31
N LYS D 27 13.02 -22.11 8.19
CA LYS D 27 12.31 -23.36 7.98
C LYS D 27 11.44 -23.59 9.22
N LYS D 28 12.00 -23.29 10.39
CA LYS D 28 11.26 -23.57 11.67
C LYS D 28 10.14 -22.57 11.84
N GLU D 29 10.45 -21.30 11.59
CA GLU D 29 9.51 -20.19 11.79
C GLU D 29 9.51 -19.20 10.63
N PRO D 30 8.69 -19.48 9.60
CA PRO D 30 8.67 -18.63 8.44
C PRO D 30 8.21 -17.22 8.78
N LYS D 31 8.86 -16.25 8.16
CA LYS D 31 8.59 -14.84 8.35
C LYS D 31 8.69 -14.16 6.98
N LYS D 32 7.87 -13.14 6.79
CA LYS D 32 7.82 -12.39 5.49
C LYS D 32 8.73 -11.17 5.54
N LEU D 33 10.01 -11.45 5.45
CA LEU D 33 11.09 -10.46 5.66
C LEU D 33 11.41 -9.62 4.43
N LEU D 34 10.85 -9.98 3.29
CA LEU D 34 11.03 -9.18 2.10
C LEU D 34 9.68 -8.73 1.53
N GLN D 35 8.81 -8.20 2.38
CA GLN D 35 7.53 -7.71 1.86
C GLN D 35 7.71 -6.81 0.61
N ASP D 36 6.89 -7.11 -0.38
CA ASP D 36 6.83 -6.36 -1.65
C ASP D 36 8.09 -6.37 -2.52
N LYS D 37 9.12 -7.11 -2.16
CA LYS D 37 10.34 -7.07 -2.89
C LYS D 37 10.25 -7.95 -4.16
N THR D 38 11.03 -7.66 -5.16
CA THR D 38 10.84 -8.38 -6.46
C THR D 38 12.06 -9.05 -6.88
N LEU D 39 11.88 -10.20 -7.49
CA LEU D 39 13.03 -11.01 -7.98
C LEU D 39 12.83 -11.33 -9.40
N ALA D 40 13.74 -10.87 -10.24
CA ALA D 40 13.71 -11.23 -11.67
C ALA D 40 14.53 -12.52 -11.81
N MSE D 41 14.02 -13.47 -12.53
CA MSE D 41 14.72 -14.71 -12.69
C MSE D 41 15.01 -14.86 -14.14
O MSE D 41 14.11 -15.07 -14.94
CB MSE D 41 13.89 -15.89 -12.23
CG MSE D 41 13.47 -15.79 -10.75
SE MSE D 41 12.24 -17.29 -10.21
CE MSE D 41 10.48 -16.90 -11.02
N ILE D 42 16.29 -14.83 -14.49
CA ILE D 42 16.66 -14.98 -15.90
C ILE D 42 17.23 -16.33 -16.17
N PHE D 43 16.55 -17.13 -16.98
CA PHE D 43 17.08 -18.50 -17.35
C PHE D 43 17.59 -18.53 -18.77
N GLU D 44 18.81 -18.99 -18.92
CA GLU D 44 19.39 -19.18 -20.26
C GLU D 44 19.17 -20.59 -20.69
N LYS D 45 18.86 -21.43 -19.73
CA LYS D 45 18.58 -22.85 -19.92
C LYS D 45 17.63 -23.20 -18.78
N ASN D 46 16.49 -23.78 -19.09
CA ASN D 46 15.45 -23.96 -18.08
C ASN D 46 15.78 -25.05 -17.05
N SER D 47 15.45 -24.76 -15.80
CA SER D 47 15.52 -25.71 -14.69
C SER D 47 14.32 -25.46 -13.85
N THR D 48 13.35 -26.35 -13.97
CA THR D 48 12.11 -26.27 -13.18
C THR D 48 12.43 -26.41 -11.63
N ARG D 49 13.22 -27.40 -11.24
CA ARG D 49 13.64 -27.48 -9.80
C ARG D 49 14.11 -26.14 -9.19
N THR D 50 14.89 -25.37 -9.97
CA THR D 50 15.60 -24.15 -9.49
C THR D 50 14.58 -23.05 -9.33
N ARG D 51 13.82 -22.94 -10.38
CA ARG D 51 12.77 -21.97 -10.45
C ARG D 51 11.82 -22.08 -9.26
N MSE D 52 11.42 -23.31 -8.93
CA MSE D 52 10.53 -23.51 -7.82
C MSE D 52 11.12 -22.94 -6.55
O MSE D 52 10.49 -22.16 -5.80
CB MSE D 52 10.44 -25.02 -7.66
CG MSE D 52 9.21 -25.53 -6.94
SE MSE D 52 7.85 -25.93 -8.28
CE MSE D 52 8.98 -27.09 -9.43
N ALA D 53 12.35 -23.32 -6.31
CA ALA D 53 13.10 -22.84 -5.15
C ALA D 53 13.06 -21.30 -5.05
N PHE D 54 13.42 -20.64 -6.13
CA PHE D 54 13.49 -19.22 -6.07
C PHE D 54 12.15 -18.54 -6.06
N GLU D 55 11.25 -19.01 -6.90
CA GLU D 55 9.90 -18.46 -6.95
C GLU D 55 9.19 -18.57 -5.60
N LEU D 56 9.29 -19.74 -5.00
CA LEU D 56 8.71 -19.90 -3.66
C LEU D 56 9.53 -19.13 -2.58
N ALA D 57 10.84 -19.01 -2.75
CA ALA D 57 11.64 -18.36 -1.71
C ALA D 57 11.12 -16.94 -1.57
N ILE D 58 11.09 -16.23 -2.68
CA ILE D 58 10.71 -14.81 -2.59
C ILE D 58 9.25 -14.65 -2.23
N THR D 59 8.43 -15.54 -2.75
CA THR D 59 7.03 -15.43 -2.55
C THR D 59 6.72 -15.55 -1.08
N GLU D 60 7.23 -16.60 -0.45
CA GLU D 60 7.01 -16.87 0.98
C GLU D 60 7.60 -15.80 1.86
N LEU D 61 8.67 -15.19 1.37
CA LEU D 61 9.29 -14.03 2.05
C LEU D 61 8.50 -12.72 1.87
N GLY D 62 7.37 -12.76 1.16
CA GLY D 62 6.47 -11.61 0.98
C GLY D 62 6.58 -10.84 -0.31
N GLY D 63 7.43 -11.32 -1.17
CA GLY D 63 7.74 -10.62 -2.43
C GLY D 63 7.09 -11.25 -3.66
N LYS D 64 7.60 -10.93 -4.81
CA LYS D 64 6.99 -11.37 -6.11
C LYS D 64 8.14 -11.85 -7.05
N ALA D 65 7.92 -12.89 -7.83
CA ALA D 65 8.98 -13.36 -8.79
C ALA D 65 8.57 -13.05 -10.20
N LEU D 66 9.50 -12.70 -11.04
CA LEU D 66 9.27 -12.59 -12.50
C LEU D 66 10.10 -13.56 -13.22
N PHE D 67 9.45 -14.40 -13.94
CA PHE D 67 10.13 -15.49 -14.65
C PHE D 67 10.39 -15.05 -16.06
N LEU D 68 11.65 -14.83 -16.43
CA LEU D 68 11.94 -14.48 -17.82
C LEU D 68 12.64 -15.68 -18.41
N SER D 69 12.03 -16.30 -19.39
CA SER D 69 12.60 -17.52 -19.90
C SER D 69 13.57 -17.30 -21.06
N SER D 70 14.09 -18.43 -21.53
CA SER D 70 15.00 -18.54 -22.70
C SER D 70 14.35 -17.90 -23.94
N ASN D 71 13.20 -18.46 -24.34
CA ASN D 71 12.35 -17.84 -25.38
C ASN D 71 12.16 -16.30 -25.12
N ASP D 72 11.79 -15.95 -23.90
CA ASP D 72 11.50 -14.54 -23.52
C ASP D 72 12.70 -13.62 -23.65
N LEU D 73 13.80 -14.10 -23.11
CA LEU D 73 15.05 -13.30 -22.97
C LEU D 73 16.24 -14.02 -23.57
N GLN D 74 16.63 -13.52 -24.75
CA GLN D 74 17.82 -13.99 -25.51
C GLN D 74 19.03 -13.08 -25.19
N LEU D 75 19.87 -13.51 -24.23
CA LEU D 75 21.04 -12.73 -23.72
C LEU D 75 22.27 -12.93 -24.64
N SER D 76 22.37 -14.18 -25.04
CA SER D 76 23.46 -14.68 -25.88
C SER D 76 23.47 -14.08 -27.31
N ARG D 77 22.36 -13.41 -27.66
CA ARG D 77 22.06 -13.13 -29.07
C ARG D 77 21.87 -11.64 -29.38
N GLY D 78 21.15 -10.92 -28.54
CA GLY D 78 20.52 -9.68 -29.01
C GLY D 78 21.24 -8.37 -28.64
N GLU D 79 20.54 -7.54 -27.85
CA GLU D 79 21.17 -6.36 -27.18
C GLU D 79 22.31 -6.82 -26.24
N PRO D 80 23.35 -6.00 -26.08
CA PRO D 80 24.39 -6.32 -25.12
C PRO D 80 23.92 -6.40 -23.66
N VAL D 81 24.69 -7.13 -22.87
CA VAL D 81 24.26 -7.48 -21.53
C VAL D 81 24.18 -6.26 -20.60
N LYS D 82 25.11 -5.34 -20.76
CA LYS D 82 25.14 -4.10 -19.94
C LYS D 82 23.86 -3.31 -20.10
N ASP D 83 23.31 -3.33 -21.30
CA ASP D 83 22.04 -2.66 -21.54
C ASP D 83 20.92 -3.37 -20.84
N THR D 84 20.95 -4.68 -20.87
CA THR D 84 19.88 -5.46 -20.18
C THR D 84 19.97 -5.22 -18.69
N ALA D 85 21.18 -5.33 -18.22
CA ALA D 85 21.48 -5.13 -16.81
C ALA D 85 20.91 -3.77 -16.36
N ARG D 86 21.11 -2.75 -17.18
CA ARG D 86 20.82 -1.38 -16.72
C ARG D 86 19.35 -1.07 -16.78
N VAL D 87 18.58 -1.93 -17.46
CA VAL D 87 17.10 -1.92 -17.38
C VAL D 87 16.58 -2.83 -16.29
N ILE D 88 16.83 -4.16 -16.43
CA ILE D 88 16.24 -5.14 -15.49
C ILE D 88 16.73 -4.88 -14.10
N GLY D 89 18.03 -4.66 -13.98
CA GLY D 89 18.65 -4.44 -12.67
C GLY D 89 18.25 -3.18 -11.98
N ALA D 90 17.50 -2.35 -12.69
CA ALA D 90 17.04 -1.10 -12.11
C ALA D 90 15.60 -1.19 -11.65
N MSE D 91 14.90 -2.20 -12.14
CA MSE D 91 13.46 -2.31 -11.87
C MSE D 91 13.06 -3.32 -10.86
O MSE D 91 11.93 -3.26 -10.35
CB MSE D 91 12.76 -2.69 -13.13
CG MSE D 91 13.08 -1.59 -14.09
SE MSE D 91 12.17 -1.93 -15.82
CE MSE D 91 10.60 -0.90 -15.17
N VAL D 92 13.97 -4.23 -10.53
CA VAL D 92 13.71 -5.22 -9.50
C VAL D 92 14.70 -5.14 -8.35
N ASP D 93 14.38 -5.81 -7.26
CA ASP D 93 15.28 -5.84 -6.10
C ASP D 93 16.36 -6.89 -6.10
N PHE D 94 16.16 -7.98 -6.81
CA PHE D 94 17.22 -9.00 -6.96
C PHE D 94 17.17 -9.59 -8.31
N VAL D 95 18.27 -10.13 -8.79
CA VAL D 95 18.23 -10.79 -10.08
C VAL D 95 18.90 -12.12 -9.97
N MSE D 96 18.19 -13.23 -10.18
CA MSE D 96 18.87 -14.53 -10.17
C MSE D 96 19.08 -14.91 -11.57
O MSE D 96 18.28 -14.61 -12.44
CB MSE D 96 18.10 -15.55 -9.40
CG MSE D 96 16.89 -16.00 -10.22
SE MSE D 96 17.05 -17.86 -10.97
CE MSE D 96 16.50 -18.79 -9.35
N MSE D 97 20.20 -15.52 -11.87
CA MSE D 97 20.42 -15.94 -13.26
C MSE D 97 20.97 -17.28 -13.35
O MSE D 97 21.92 -17.67 -12.65
CB MSE D 97 21.41 -15.09 -13.99
CG MSE D 97 21.18 -13.62 -13.74
SE MSE D 97 22.49 -12.59 -14.79
CE MSE D 97 21.98 -13.09 -16.65
N ARG D 98 20.44 -18.04 -14.27
CA ARG D 98 21.01 -19.35 -14.56
C ARG D 98 21.64 -19.25 -15.93
N VAL D 99 22.94 -19.31 -15.97
CA VAL D 99 23.61 -18.95 -17.21
C VAL D 99 24.52 -20.04 -17.77
N ASN D 100 24.66 -20.01 -19.08
CA ASN D 100 25.59 -20.90 -19.79
C ASN D 100 27.03 -20.57 -19.39
N LYS D 101 27.34 -19.27 -19.31
CA LYS D 101 28.71 -18.79 -19.08
C LYS D 101 28.85 -17.80 -17.95
N HIS D 102 29.73 -18.11 -17.02
CA HIS D 102 29.98 -17.24 -15.83
C HIS D 102 30.24 -15.78 -16.18
N GLU D 103 30.97 -15.53 -17.23
CA GLU D 103 31.29 -14.17 -17.64
C GLU D 103 30.02 -13.30 -17.73
N THR D 104 28.95 -13.89 -18.26
CA THR D 104 27.66 -13.26 -18.36
C THR D 104 27.15 -12.83 -16.99
N LEU D 105 27.36 -13.62 -15.98
CA LEU D 105 26.95 -13.18 -14.63
C LEU D 105 27.76 -12.00 -14.18
N LEU D 106 29.07 -12.11 -14.42
CA LEU D 106 29.97 -11.04 -13.99
C LEU D 106 29.59 -9.72 -14.69
N GLU D 107 29.38 -9.82 -16.00
CA GLU D 107 29.09 -8.64 -16.81
C GLU D 107 27.81 -7.97 -16.39
N PHE D 108 26.83 -8.78 -16.07
CA PHE D 108 25.57 -8.29 -15.61
C PHE D 108 25.70 -7.60 -14.25
N ALA D 109 26.33 -8.28 -13.30
CA ALA D 109 26.48 -7.77 -11.94
C ALA D 109 27.19 -6.44 -11.97
N ARG D 110 28.12 -6.34 -12.91
CA ARG D 110 28.92 -5.14 -13.10
C ARG D 110 28.04 -3.93 -13.36
N TYR D 111 26.92 -4.15 -14.03
CA TYR D 111 26.02 -3.05 -14.40
C TYR D 111 24.65 -3.12 -13.72
N SER D 112 24.47 -4.06 -12.81
CA SER D 112 23.17 -4.17 -12.15
C SER D 112 23.12 -3.40 -10.86
N LYS D 113 22.17 -2.50 -10.73
CA LYS D 113 21.88 -1.91 -9.43
C LYS D 113 21.40 -2.95 -8.44
N ALA D 114 20.83 -4.06 -8.92
CA ALA D 114 20.29 -5.08 -8.00
C ALA D 114 21.26 -6.22 -7.89
N PRO D 115 21.34 -6.84 -6.71
CA PRO D 115 22.30 -7.90 -6.43
C PRO D 115 21.98 -9.05 -7.29
N VAL D 116 22.98 -9.69 -7.87
CA VAL D 116 22.77 -10.83 -8.78
C VAL D 116 23.13 -12.10 -8.12
N ILE D 117 22.34 -13.15 -8.33
CA ILE D 117 22.56 -14.47 -7.69
C ILE D 117 22.82 -15.57 -8.69
N ASN D 118 23.90 -16.32 -8.51
CA ASN D 118 24.32 -17.34 -9.51
C ASN D 118 23.54 -18.56 -9.31
N ALA D 119 22.50 -18.72 -10.10
CA ALA D 119 21.63 -19.91 -9.95
C ALA D 119 22.25 -21.16 -10.52
N LEU D 120 23.37 -20.95 -11.21
CA LEU D 120 24.16 -21.99 -11.84
C LEU D 120 24.93 -21.41 -13.02
N SER D 121 26.23 -21.70 -13.05
CA SER D 121 27.09 -21.37 -14.18
C SER D 121 27.99 -22.56 -14.47
N GLU D 122 28.74 -22.51 -15.55
CA GLU D 122 29.65 -23.63 -15.87
C GLU D 122 30.76 -23.77 -14.81
N LEU D 123 31.08 -22.68 -14.11
CA LEU D 123 32.12 -22.73 -13.06
C LEU D 123 31.64 -23.07 -11.69
N TYR D 124 30.45 -22.61 -11.32
CA TYR D 124 30.03 -22.72 -9.91
C TYR D 124 28.55 -22.95 -9.77
N HIS D 125 28.19 -23.71 -8.75
CA HIS D 125 26.75 -23.90 -8.46
C HIS D 125 26.45 -23.73 -6.97
N PRO D 126 26.76 -22.56 -6.42
CA PRO D 126 26.79 -22.34 -4.99
C PRO D 126 25.50 -22.52 -4.27
N THR D 127 24.38 -22.19 -4.87
CA THR D 127 23.09 -22.33 -4.14
C THR D 127 22.82 -23.83 -3.84
N GLN D 128 23.21 -24.67 -4.76
CA GLN D 128 23.10 -26.10 -4.55
C GLN D 128 23.98 -26.58 -3.39
N VAL D 129 25.24 -26.18 -3.42
CA VAL D 129 26.15 -26.59 -2.32
C VAL D 129 25.59 -26.04 -0.98
N LEU D 130 25.00 -24.83 -0.94
CA LEU D 130 24.42 -24.36 0.32
C LEU D 130 23.32 -25.31 0.77
N GLY D 131 22.49 -25.76 -0.16
CA GLY D 131 21.38 -26.66 0.18
C GLY D 131 21.88 -28.01 0.66
N ASP D 132 22.93 -28.49 0.00
CA ASP D 132 23.56 -29.73 0.41
C ASP D 132 24.00 -29.60 1.85
N LEU D 133 24.68 -28.53 2.12
CA LEU D 133 25.20 -28.25 3.48
C LEU D 133 24.06 -28.30 4.51
N PHE D 134 22.98 -27.58 4.20
CA PHE D 134 21.83 -27.46 5.12
C PHE D 134 21.42 -28.86 5.48
N THR D 135 21.46 -29.69 4.46
CA THR D 135 20.92 -31.05 4.52
C THR D 135 21.82 -31.94 5.37
N ILE D 136 23.12 -31.76 5.19
CA ILE D 136 24.13 -32.48 6.01
C ILE D 136 23.91 -32.15 7.46
N LYS D 137 23.61 -30.88 7.74
CA LYS D 137 23.38 -30.42 9.12
C LYS D 137 22.10 -31.04 9.66
N GLU D 138 21.06 -31.09 8.83
CA GLU D 138 19.79 -31.71 9.23
C GLU D 138 19.87 -33.23 9.51
N TRP D 139 20.76 -33.90 8.80
CA TRP D 139 20.91 -35.34 8.95
C TRP D 139 22.04 -35.67 9.93
N ASN D 140 22.35 -34.68 10.77
CA ASN D 140 23.33 -34.84 11.86
C ASN D 140 24.60 -35.55 11.39
N LYS D 141 25.10 -35.14 10.25
CA LYS D 141 26.37 -35.69 9.74
C LYS D 141 27.48 -34.64 9.86
N MSE D 142 27.26 -33.64 10.71
CA MSE D 142 28.28 -32.61 10.96
C MSE D 142 28.76 -32.69 12.38
O MSE D 142 28.33 -31.92 13.23
CB MSE D 142 27.77 -31.21 10.69
CG MSE D 142 28.47 -30.68 9.44
SE MSE D 142 27.83 -28.85 9.06
CE MSE D 142 26.26 -29.09 7.89
N GLN D 143 29.64 -33.64 12.62
CA GLN D 143 30.27 -33.84 13.92
C GLN D 143 31.45 -32.89 14.07
N ASN D 144 31.33 -31.96 15.01
CA ASN D 144 32.42 -31.05 15.41
C ASN D 144 32.59 -29.88 14.43
N GLY D 145 31.52 -29.54 13.73
CA GLY D 145 31.52 -28.43 12.75
C GLY D 145 32.24 -28.77 11.45
N ILE D 146 32.90 -29.92 11.48
CA ILE D 146 33.55 -30.56 10.33
C ILE D 146 32.59 -31.57 9.70
N ALA D 147 32.71 -31.83 8.39
CA ALA D 147 32.02 -32.97 7.76
C ALA D 147 33.02 -33.75 6.94
N LYS D 148 32.84 -35.07 6.93
CA LYS D 148 33.75 -35.97 6.22
C LYS D 148 33.01 -36.35 4.94
N VAL D 149 33.43 -35.75 3.84
CA VAL D 149 32.72 -35.82 2.56
C VAL D 149 33.50 -36.41 1.41
N ALA D 150 32.81 -37.18 0.59
CA ALA D 150 33.38 -37.65 -0.67
C ALA D 150 32.60 -37.10 -1.83
N PHE D 151 33.30 -36.57 -2.81
CA PHE D 151 32.63 -36.18 -4.05
C PHE D 151 33.10 -37.04 -5.20
N ILE D 152 32.17 -37.69 -5.86
CA ILE D 152 32.53 -38.53 -7.02
C ILE D 152 31.88 -38.05 -8.30
N GLY D 153 32.68 -37.73 -9.31
CA GLY D 153 32.12 -37.28 -10.61
C GLY D 153 33.02 -36.52 -11.56
N ASP D 154 32.42 -35.63 -12.35
CA ASP D 154 33.16 -34.80 -13.31
C ASP D 154 33.94 -33.69 -12.57
N SER D 155 34.88 -33.05 -13.29
CA SER D 155 35.47 -31.75 -12.87
C SER D 155 34.54 -30.56 -13.30
N ASN D 156 33.27 -30.68 -12.95
CA ASN D 156 32.29 -29.75 -13.32
C ASN D 156 32.12 -28.63 -12.24
N ASN D 157 31.08 -27.81 -12.44
CA ASN D 157 30.73 -26.73 -11.50
C ASN D 157 30.55 -27.23 -10.06
N MSE D 158 29.88 -28.35 -9.92
CA MSE D 158 29.51 -28.92 -8.60
C MSE D 158 30.72 -29.30 -7.83
O MSE D 158 30.82 -29.11 -6.60
CB MSE D 158 28.65 -30.16 -8.75
CG MSE D 158 27.16 -29.81 -8.81
SE MSE D 158 26.55 -28.96 -7.11
CE MSE D 158 26.35 -30.83 -6.36
N CYS D 159 31.69 -29.80 -8.57
CA CYS D 159 32.97 -30.20 -8.02
C CYS D 159 33.72 -29.00 -7.48
N ASN D 160 33.78 -27.98 -8.33
CA ASN D 160 34.44 -26.73 -7.98
C ASN D 160 33.86 -26.17 -6.70
N SER D 161 32.54 -26.09 -6.66
CA SER D 161 31.86 -25.47 -5.53
C SER D 161 32.01 -26.30 -4.25
N TRP D 162 32.00 -27.63 -4.37
CA TRP D 162 32.26 -28.46 -3.18
C TRP D 162 33.69 -28.34 -2.73
N LEU D 163 34.57 -28.29 -3.70
CA LEU D 163 36.00 -28.20 -3.35
C LEU D 163 36.22 -26.92 -2.51
N ILE D 164 35.75 -25.82 -3.07
CA ILE D 164 35.85 -24.49 -2.48
C ILE D 164 35.24 -24.41 -1.11
N THR D 165 34.02 -24.91 -1.00
CA THR D 165 33.26 -24.77 0.24
C THR D 165 33.90 -25.60 1.33
N ALA D 166 34.34 -26.78 0.96
CA ALA D 166 35.01 -27.65 1.92
C ALA D 166 36.23 -26.91 2.46
N ALA D 167 36.93 -26.27 1.53
CA ALA D 167 38.19 -25.56 1.82
C ALA D 167 37.96 -24.39 2.78
N ILE D 168 36.84 -23.69 2.59
CA ILE D 168 36.50 -22.56 3.46
C ILE D 168 36.09 -23.06 4.82
N LEU D 169 35.23 -24.08 4.81
CA LEU D 169 34.54 -24.50 6.04
C LEU D 169 35.41 -25.31 6.97
N GLY D 170 36.42 -25.95 6.40
CA GLY D 170 37.33 -26.83 7.15
C GLY D 170 36.98 -28.32 7.11
N PHE D 171 36.23 -28.69 6.10
CA PHE D 171 35.79 -30.07 5.92
C PHE D 171 36.92 -30.96 5.46
N GLU D 172 36.69 -32.25 5.62
CA GLU D 172 37.62 -33.25 5.12
C GLU D 172 36.96 -33.77 3.88
N ILE D 173 37.57 -33.51 2.73
CA ILE D 173 36.94 -33.90 1.44
C ILE D 173 37.87 -34.71 0.55
N SER D 174 37.34 -35.82 0.04
CA SER D 174 38.01 -36.61 -1.02
C SER D 174 37.26 -36.55 -2.32
N ILE D 175 37.96 -36.12 -3.37
CA ILE D 175 37.37 -36.02 -4.71
C ILE D 175 37.91 -37.08 -5.62
N ALA D 176 37.01 -37.71 -6.35
CA ALA D 176 37.38 -38.76 -7.30
C ALA D 176 36.79 -38.52 -8.68
N MSE D 177 37.65 -38.48 -9.68
CA MSE D 177 37.26 -38.34 -11.09
C MSE D 177 38.23 -39.12 -11.94
O MSE D 177 39.27 -39.52 -11.46
CB MSE D 177 37.36 -36.89 -11.47
CG MSE D 177 38.73 -36.27 -11.18
SE MSE D 177 38.75 -34.30 -11.57
CE MSE D 177 36.94 -33.76 -10.96
N PRO D 178 37.89 -39.35 -13.22
CA PRO D 178 38.80 -40.21 -14.03
C PRO D 178 40.22 -39.65 -14.21
N LYS D 179 41.12 -40.50 -14.72
CA LYS D 179 42.54 -40.16 -14.79
C LYS D 179 42.78 -38.91 -15.65
N ASN D 180 42.20 -38.89 -16.84
CA ASN D 180 42.47 -37.82 -17.81
C ASN D 180 41.92 -36.45 -17.37
N TYR D 181 41.05 -36.47 -16.37
CA TYR D 181 40.35 -35.28 -15.92
C TYR D 181 41.16 -34.45 -14.95
N LYS D 182 41.07 -33.14 -15.11
CA LYS D 182 41.85 -32.16 -14.33
C LYS D 182 40.89 -31.16 -13.72
N ILE D 183 41.26 -30.62 -12.57
CA ILE D 183 40.56 -29.43 -12.01
C ILE D 183 41.26 -28.16 -12.45
N SER D 184 40.48 -27.10 -12.67
CA SER D 184 41.05 -25.81 -13.04
C SER D 184 42.15 -25.40 -12.08
N PRO D 185 43.35 -25.17 -12.59
CA PRO D 185 44.41 -24.87 -11.66
C PRO D 185 44.13 -23.65 -10.78
N GLU D 186 43.45 -22.65 -11.32
CA GLU D 186 43.17 -21.42 -10.56
C GLU D 186 42.25 -21.71 -9.34
N ILE D 187 41.28 -22.57 -9.56
CA ILE D 187 40.35 -22.92 -8.50
C ILE D 187 41.04 -23.76 -7.44
N TRP D 188 41.85 -24.67 -7.93
CA TRP D 188 42.58 -25.61 -7.08
C TRP D 188 43.51 -24.88 -6.15
N GLU D 189 44.21 -23.90 -6.73
CA GLU D 189 45.14 -23.08 -5.95
C GLU D 189 44.38 -22.32 -4.84
N PHE D 190 43.21 -21.79 -5.14
CA PHE D 190 42.45 -21.09 -4.10
C PHE D 190 42.17 -22.02 -2.93
N ALA D 191 41.78 -23.23 -3.26
CA ALA D 191 41.39 -24.20 -2.27
C ALA D 191 42.58 -24.58 -1.41
N MSE D 192 43.71 -24.74 -2.05
CA MSE D 192 44.91 -25.10 -1.29
C MSE D 192 45.17 -24.05 -0.24
O MSE D 192 45.36 -24.37 0.93
CB MSE D 192 46.12 -25.28 -2.19
CG MSE D 192 46.11 -26.57 -3.02
SE MSE D 192 45.44 -28.16 -2.04
CE MSE D 192 46.40 -28.01 -0.32
N LYS D 193 45.14 -22.80 -0.65
CA LYS D 193 45.39 -21.65 0.25
C LYS D 193 44.38 -21.61 1.39
N GLN D 194 43.11 -21.79 1.03
CA GLN D 194 42.04 -21.77 2.05
C GLN D 194 42.14 -22.90 3.07
N ALA D 195 42.58 -24.07 2.63
CA ALA D 195 42.70 -25.22 3.53
C ALA D 195 43.68 -24.91 4.67
N LEU D 196 44.80 -24.32 4.30
CA LEU D 196 45.81 -23.92 5.30
C LEU D 196 45.19 -23.13 6.46
N ILE D 197 44.37 -22.14 6.13
CA ILE D 197 43.72 -21.27 7.14
C ILE D 197 42.74 -22.11 7.99
N SER D 198 41.88 -22.86 7.32
CA SER D 198 40.73 -23.56 7.95
C SER D 198 40.98 -24.97 8.44
N GLY D 199 42.14 -25.50 8.11
CA GLY D 199 42.45 -26.91 8.41
C GLY D 199 41.68 -27.98 7.62
N ALA D 200 41.25 -27.63 6.42
CA ALA D 200 40.69 -28.62 5.50
C ALA D 200 41.65 -29.83 5.22
N LYS D 201 41.07 -31.03 5.26
CA LYS D 201 41.74 -32.24 4.74
C LYS D 201 41.18 -32.56 3.32
N ILE D 202 41.81 -31.96 2.32
CA ILE D 202 41.45 -32.12 0.91
C ILE D 202 42.35 -33.08 0.16
N SER D 203 41.76 -33.98 -0.61
CA SER D 203 42.52 -34.91 -1.46
C SER D 203 41.81 -35.14 -2.79
N LEU D 204 42.59 -35.20 -3.88
CA LEU D 204 42.03 -35.49 -5.23
C LEU D 204 42.69 -36.70 -5.84
N GLY D 205 41.89 -37.60 -6.37
CA GLY D 205 42.38 -38.86 -6.94
C GLY D 205 41.52 -39.35 -8.08
N TYR D 206 41.82 -40.57 -8.53
CA TYR D 206 41.04 -41.22 -9.59
C TYR D 206 40.55 -42.62 -9.17
N ASP D 207 40.37 -42.79 -7.87
CA ASP D 207 39.95 -44.07 -7.31
C ASP D 207 38.70 -43.90 -6.45
N LYS D 208 37.56 -44.38 -6.96
CA LYS D 208 36.26 -44.19 -6.27
C LYS D 208 36.35 -44.70 -4.83
N PHE D 209 36.95 -45.85 -4.68
CA PHE D 209 36.93 -46.55 -3.40
C PHE D 209 37.78 -45.88 -2.32
N GLU D 210 38.91 -45.34 -2.74
CA GLU D 210 39.81 -44.55 -1.87
C GLU D 210 39.07 -43.31 -1.36
N ALA D 211 38.37 -42.66 -2.28
CA ALA D 211 37.59 -41.44 -1.99
C ALA D 211 36.55 -41.71 -0.93
N LEU D 212 35.98 -42.89 -1.04
CA LEU D 212 34.83 -43.29 -0.22
C LEU D 212 35.22 -43.67 1.21
N LYS D 213 36.45 -44.14 1.40
CA LYS D 213 36.90 -44.64 2.71
C LYS D 213 36.67 -43.58 3.82
N ASP D 214 36.10 -44.05 4.93
CA ASP D 214 35.82 -43.23 6.15
C ASP D 214 35.06 -41.94 5.88
N LYS D 215 34.00 -42.06 5.10
CA LYS D 215 33.17 -40.90 4.74
C LYS D 215 31.75 -41.03 5.27
N ASP D 216 31.18 -39.94 5.76
CA ASP D 216 29.74 -39.94 6.17
C ASP D 216 28.79 -39.33 5.15
N VAL D 217 29.34 -38.70 4.12
CA VAL D 217 28.52 -38.08 3.09
C VAL D 217 29.13 -38.39 1.73
N VAL D 218 28.34 -39.02 0.89
CA VAL D 218 28.76 -39.23 -0.49
C VAL D 218 27.92 -38.38 -1.43
N ILE D 219 28.62 -37.67 -2.29
CA ILE D 219 27.97 -36.79 -3.23
C ILE D 219 28.33 -37.17 -4.65
N THR D 220 27.34 -37.28 -5.51
CA THR D 220 27.60 -37.55 -6.91
C THR D 220 26.74 -36.69 -7.80
N ASP D 221 27.02 -36.72 -9.09
CA ASP D 221 26.34 -35.88 -10.08
C ASP D 221 26.45 -36.48 -11.49
N THR D 222 25.56 -36.02 -12.37
CA THR D 222 25.54 -36.47 -13.76
C THR D 222 26.92 -36.29 -14.36
N TRP D 223 27.21 -37.12 -15.32
CA TRP D 223 28.50 -37.07 -15.99
C TRP D 223 28.44 -36.22 -17.25
N VAL D 224 27.36 -36.41 -17.98
CA VAL D 224 27.05 -35.60 -19.14
C VAL D 224 26.40 -34.31 -18.65
N SER D 225 27.25 -33.29 -18.50
CA SER D 225 26.80 -31.95 -18.10
C SER D 225 26.30 -31.17 -19.32
N MSE D 226 25.24 -30.40 -19.10
CA MSE D 226 24.58 -29.56 -20.14
C MSE D 226 25.56 -28.68 -20.87
O MSE D 226 26.47 -28.09 -20.28
CB MSE D 226 23.50 -28.67 -19.52
CG MSE D 226 22.32 -29.49 -18.96
SE MSE D 226 21.04 -30.05 -20.38
CE MSE D 226 19.31 -29.61 -19.52
N GLY D 227 25.36 -28.60 -22.19
CA GLY D 227 26.30 -27.97 -23.10
C GLY D 227 27.27 -28.96 -23.72
N GLU D 228 27.94 -29.75 -22.88
CA GLU D 228 28.92 -30.75 -23.37
C GLU D 228 28.27 -31.94 -24.11
N GLU D 229 26.98 -31.80 -24.46
CA GLU D 229 26.19 -32.92 -25.07
C GLU D 229 26.65 -33.32 -26.47
N ASN D 230 27.42 -32.46 -27.13
CA ASN D 230 28.04 -32.80 -28.41
C ASN D 230 29.14 -33.88 -28.30
N GLU D 231 29.53 -34.24 -27.07
CA GLU D 231 30.67 -35.18 -26.82
C GLU D 231 30.36 -36.45 -25.96
N LYS D 232 29.07 -36.71 -25.75
CA LYS D 232 28.58 -37.58 -24.65
C LYS D 232 29.04 -39.06 -24.65
N GLU D 233 28.86 -39.74 -25.78
CA GLU D 233 29.20 -41.20 -25.91
C GLU D 233 30.59 -41.56 -25.37
N ARG D 234 31.57 -40.70 -25.67
CA ARG D 234 32.98 -40.88 -25.23
C ARG D 234 33.11 -40.73 -23.69
N LYS D 235 32.45 -39.71 -23.14
CA LYS D 235 32.50 -39.41 -21.67
C LYS D 235 32.02 -40.59 -20.82
N ILE D 236 30.81 -41.08 -21.11
CA ILE D 236 30.27 -42.31 -20.49
C ILE D 236 31.32 -43.48 -20.35
N LYS D 237 31.97 -43.82 -21.45
CA LYS D 237 33.01 -44.86 -21.44
C LYS D 237 34.18 -44.54 -20.47
N GLU D 238 34.48 -43.25 -20.33
CA GLU D 238 35.60 -42.77 -19.45
C GLU D 238 35.26 -42.95 -17.96
N PHE D 239 33.96 -42.89 -17.66
CA PHE D 239 33.43 -43.02 -16.29
C PHE D 239 33.02 -44.45 -15.91
N GLU D 240 33.73 -45.44 -16.46
CA GLU D 240 33.38 -46.86 -16.28
C GLU D 240 33.19 -47.26 -14.80
N GLY D 241 34.27 -47.18 -14.02
CA GLY D 241 34.24 -47.60 -12.60
C GLY D 241 33.47 -46.71 -11.61
N PHE D 242 32.92 -45.63 -12.12
CA PHE D 242 32.54 -44.51 -11.26
C PHE D 242 31.11 -44.46 -10.74
N MSE D 243 30.28 -45.40 -11.15
CA MSE D 243 28.92 -45.41 -10.62
C MSE D 243 28.93 -45.57 -9.13
O MSE D 243 29.73 -46.31 -8.59
CB MSE D 243 28.15 -46.57 -11.24
CG MSE D 243 26.87 -46.84 -10.47
SE MSE D 243 25.74 -48.01 -11.55
CE MSE D 243 26.18 -49.86 -10.96
N ILE D 244 28.01 -44.89 -8.46
CA ILE D 244 27.69 -45.20 -7.04
C ILE D 244 26.65 -46.31 -6.95
N ASP D 245 27.08 -47.44 -6.42
CA ASP D 245 26.19 -48.60 -6.19
C ASP D 245 26.29 -49.12 -4.76
N GLU D 246 25.57 -50.20 -4.45
CA GLU D 246 25.56 -50.78 -3.09
C GLU D 246 26.98 -51.08 -2.56
N LYS D 247 27.79 -51.71 -3.40
CA LYS D 247 29.18 -52.05 -3.00
C LYS D 247 29.97 -50.79 -2.69
N ALA D 248 29.73 -49.74 -3.47
CA ALA D 248 30.44 -48.47 -3.30
C ALA D 248 30.05 -47.80 -1.99
N MSE D 249 28.77 -47.71 -1.72
CA MSE D 249 28.27 -47.15 -0.43
C MSE D 249 28.70 -47.95 0.75
O MSE D 249 28.87 -47.38 1.83
CB MSE D 249 26.74 -47.11 -0.32
CG MSE D 249 26.03 -46.08 -1.21
SE MSE D 249 26.76 -44.24 -1.07
CE MSE D 249 26.58 -43.86 0.97
N SER D 250 28.81 -49.27 0.56
CA SER D 250 29.34 -50.18 1.59
C SER D 250 30.72 -49.76 2.10
N VAL D 251 31.52 -49.16 1.22
CA VAL D 251 32.92 -48.77 1.55
C VAL D 251 32.93 -47.56 2.48
N ALA D 252 31.90 -46.76 2.33
CA ALA D 252 31.77 -45.61 3.19
C ALA D 252 31.27 -46.08 4.53
N ASN D 253 31.29 -45.17 5.49
CA ASN D 253 30.84 -45.46 6.85
C ASN D 253 29.39 -45.90 6.88
N LYS D 254 29.06 -46.52 7.99
CA LYS D 254 27.73 -47.01 8.21
C LYS D 254 26.80 -45.78 8.25
N ASP D 255 25.63 -45.92 7.65
CA ASP D 255 24.55 -44.90 7.67
C ASP D 255 24.86 -43.61 6.95
N ALA D 256 25.90 -43.67 6.13
CA ALA D 256 26.34 -42.50 5.34
C ALA D 256 25.23 -42.20 4.38
N ILE D 257 25.02 -40.90 4.17
CA ILE D 257 23.97 -40.40 3.26
C ILE D 257 24.55 -40.17 1.86
N LEU D 258 23.69 -40.39 0.88
CA LEU D 258 24.02 -40.16 -0.52
C LEU D 258 23.27 -38.87 -1.02
N LEU D 259 24.01 -37.95 -1.57
CA LEU D 259 23.46 -36.73 -2.05
C LEU D 259 23.67 -36.65 -3.54
N HIS D 260 22.65 -36.16 -4.24
CA HIS D 260 22.66 -35.99 -5.69
C HIS D 260 21.82 -34.79 -6.05
N CYS D 261 22.36 -33.86 -6.85
CA CYS D 261 21.64 -32.58 -7.07
C CYS D 261 20.45 -32.71 -7.99
N LEU D 262 20.51 -33.72 -8.84
CA LEU D 262 19.42 -34.10 -9.76
C LEU D 262 19.52 -33.29 -11.00
N PRO D 263 18.91 -33.76 -12.10
CA PRO D 263 18.29 -35.05 -12.21
C PRO D 263 19.33 -36.10 -12.24
N ALA D 264 18.87 -37.31 -12.00
CA ALA D 264 19.70 -38.47 -11.91
C ALA D 264 19.49 -39.34 -13.13
N TYR D 265 20.52 -40.09 -13.47
CA TYR D 265 20.41 -41.01 -14.55
C TYR D 265 20.74 -42.35 -13.95
N ARG D 266 19.68 -43.03 -13.54
CA ARG D 266 19.75 -44.39 -13.03
C ARG D 266 20.44 -45.30 -14.03
N GLY D 267 21.38 -46.08 -13.55
CA GLY D 267 22.16 -46.98 -14.41
C GLY D 267 23.50 -46.40 -14.85
N TYR D 268 23.70 -45.12 -14.54
CA TYR D 268 24.93 -44.41 -14.90
C TYR D 268 25.64 -44.00 -13.64
N GLU D 269 25.61 -42.73 -13.29
CA GLU D 269 26.34 -42.26 -12.11
C GLU D 269 25.83 -42.90 -10.83
N VAL D 270 24.63 -43.43 -10.89
CA VAL D 270 24.00 -43.97 -9.71
C VAL D 270 23.05 -45.08 -10.09
N SER D 271 23.04 -46.12 -9.27
CA SER D 271 22.17 -47.28 -9.48
C SER D 271 20.79 -47.00 -8.94
N GLU D 272 19.81 -47.62 -9.55
CA GLU D 272 18.42 -47.45 -9.19
C GLU D 272 18.23 -47.83 -7.73
N GLU D 273 18.77 -48.98 -7.39
CA GLU D 273 18.62 -49.55 -6.05
C GLU D 273 19.07 -48.50 -5.03
N ILE D 274 20.30 -48.04 -5.20
CA ILE D 274 20.98 -47.17 -4.21
C ILE D 274 20.32 -45.78 -4.13
N PHE D 275 19.89 -45.33 -5.28
CA PHE D 275 19.21 -44.04 -5.39
C PHE D 275 17.92 -44.09 -4.60
N GLU D 276 17.10 -45.08 -4.90
CA GLU D 276 15.83 -45.24 -4.17
C GLU D 276 16.08 -45.53 -2.68
N LYS D 277 17.17 -46.24 -2.37
CA LYS D 277 17.51 -46.49 -0.96
C LYS D 277 17.58 -45.16 -0.23
N HIS D 278 18.14 -44.16 -0.90
CA HIS D 278 18.23 -42.81 -0.35
C HIS D 278 17.21 -41.78 -0.84
N ALA D 279 16.05 -42.20 -1.29
CA ALA D 279 15.09 -41.18 -1.76
C ALA D 279 14.87 -40.12 -0.67
N ASP D 280 14.62 -40.52 0.57
CA ASP D 280 14.25 -39.52 1.59
C ASP D 280 15.24 -38.37 1.67
N VAL D 281 16.52 -38.70 1.72
CA VAL D 281 17.53 -37.66 1.90
C VAL D 281 17.72 -36.90 0.60
N ILE D 282 17.68 -37.60 -0.52
CA ILE D 282 17.93 -36.95 -1.81
C ILE D 282 16.80 -35.91 -2.08
N PHE D 283 15.57 -36.26 -1.77
CA PHE D 283 14.48 -35.36 -2.02
C PHE D 283 14.26 -34.33 -0.93
N GLU D 284 14.73 -34.55 0.27
CA GLU D 284 14.79 -33.43 1.22
C GLU D 284 15.83 -32.41 0.68
N GLU D 285 16.92 -32.95 0.15
CA GLU D 285 18.03 -32.18 -0.38
C GLU D 285 17.43 -31.22 -1.37
N ALA D 286 16.75 -31.76 -2.38
CA ALA D 286 15.99 -31.00 -3.39
C ALA D 286 15.09 -29.88 -2.83
N ARG D 287 14.29 -30.23 -1.86
CA ARG D 287 13.40 -29.28 -1.23
C ARG D 287 14.14 -28.23 -0.41
N ASN D 288 15.27 -28.61 0.18
CA ASN D 288 15.94 -27.73 1.14
C ASN D 288 16.57 -26.52 0.49
N ARG D 289 16.64 -26.51 -0.81
CA ARG D 289 17.15 -25.35 -1.55
C ARG D 289 16.30 -24.11 -1.29
N LEU D 290 15.06 -24.35 -0.95
CA LEU D 290 14.13 -23.27 -0.64
C LEU D 290 14.65 -22.45 0.51
N TYR D 291 15.02 -23.12 1.59
CA TYR D 291 15.27 -22.38 2.87
C TYR D 291 16.54 -21.59 2.78
N VAL D 292 17.40 -22.14 1.97
CA VAL D 292 18.72 -21.61 1.77
C VAL D 292 18.66 -20.40 0.84
N VAL D 293 17.88 -20.50 -0.21
CA VAL D 293 17.70 -19.34 -1.05
C VAL D 293 17.05 -18.22 -0.23
N LYS D 294 16.11 -18.57 0.62
CA LYS D 294 15.49 -17.54 1.48
C LYS D 294 16.54 -16.77 2.27
N ALA D 295 17.42 -17.52 2.90
CA ALA D 295 18.50 -16.93 3.70
C ALA D 295 19.32 -16.01 2.84
N LEU D 296 19.66 -16.52 1.68
CA LEU D 296 20.53 -15.84 0.76
C LEU D 296 19.92 -14.49 0.35
N LEU D 297 18.66 -14.55 -0.03
CA LEU D 297 17.95 -13.34 -0.36
C LEU D 297 17.87 -12.36 0.81
N CYS D 298 17.59 -12.83 2.01
CA CYS D 298 17.53 -11.86 3.13
C CYS D 298 18.88 -11.23 3.36
N PHE D 299 19.90 -12.04 3.14
CA PHE D 299 21.27 -11.62 3.38
C PHE D 299 21.65 -10.54 2.43
N LEU D 300 21.38 -10.75 1.14
CA LEU D 300 21.71 -9.74 0.13
C LEU D 300 20.91 -8.45 0.28
N ASP D 301 19.73 -8.56 0.87
CA ASP D 301 18.90 -7.38 1.09
C ASP D 301 19.56 -6.43 2.08
N ASN D 302 20.20 -7.01 3.10
CA ASN D 302 20.96 -6.24 4.13
C ASN D 302 22.37 -5.74 3.77
N GLN D 303 22.92 -6.25 2.68
CA GLN D 303 24.27 -5.91 2.17
C GLN D 303 24.07 -5.22 0.82
N ARG D 304 23.45 -4.05 0.93
CA ARG D 304 23.37 -3.02 -0.13
C ARG D 304 24.17 -1.82 0.40
N MSE E 2 -5.58 -39.50 2.13
CA MSE E 2 -5.57 -38.21 1.38
C MSE E 2 -6.19 -38.33 0.00
O MSE E 2 -5.89 -39.27 -0.73
CB MSE E 2 -4.13 -37.71 1.18
CG MSE E 2 -4.03 -36.23 0.77
SE MSE E 2 -2.68 -35.93 -0.64
CE MSE E 2 -1.18 -37.12 -0.10
N LYS E 3 -7.02 -37.36 -0.36
CA LYS E 3 -7.80 -37.42 -1.58
C LYS E 3 -7.26 -36.46 -2.63
N HIS E 4 -7.06 -37.01 -3.82
CA HIS E 4 -6.87 -36.30 -5.08
C HIS E 4 -8.18 -36.08 -5.83
N PHE E 5 -8.13 -35.29 -6.90
CA PHE E 5 -9.37 -34.99 -7.70
C PHE E 5 -9.09 -35.33 -9.17
N LEU E 6 -9.11 -36.59 -9.47
CA LEU E 6 -8.72 -37.08 -10.79
C LEU E 6 -9.90 -37.43 -11.68
N THR E 7 -11.00 -37.74 -11.03
CA THR E 7 -12.29 -37.97 -11.70
C THR E 7 -13.46 -37.83 -10.72
N LEU E 8 -14.61 -37.40 -11.21
CA LEU E 8 -15.77 -37.33 -10.32
C LEU E 8 -16.22 -38.74 -9.86
N ARG E 9 -15.71 -39.76 -10.52
CA ARG E 9 -16.00 -41.13 -10.10
C ARG E 9 -15.70 -41.39 -8.64
N ASP E 10 -14.71 -40.71 -8.12
CA ASP E 10 -14.28 -40.91 -6.74
C ASP E 10 -15.12 -40.14 -5.72
N PHE E 11 -16.23 -39.53 -6.14
CA PHE E 11 -17.03 -38.72 -5.23
C PHE E 11 -18.50 -39.07 -5.18
N SER E 12 -19.10 -38.66 -4.07
CA SER E 12 -20.51 -38.94 -3.83
C SER E 12 -21.39 -37.84 -4.38
N LYS E 13 -22.64 -38.21 -4.64
CA LYS E 13 -23.70 -37.27 -4.98
C LYS E 13 -23.61 -36.05 -4.05
N GLU E 14 -23.50 -36.33 -2.75
CA GLU E 14 -23.48 -35.28 -1.71
C GLU E 14 -22.25 -34.41 -1.84
N GLU E 15 -21.11 -35.05 -2.01
CA GLU E 15 -19.87 -34.30 -2.22
C GLU E 15 -19.93 -33.39 -3.45
N ILE E 16 -20.43 -33.89 -4.57
CA ILE E 16 -20.44 -33.11 -5.80
C ILE E 16 -21.38 -31.93 -5.63
N LEU E 17 -22.55 -32.20 -5.08
CA LEU E 17 -23.55 -31.15 -4.93
C LEU E 17 -23.05 -30.07 -3.98
N SER E 18 -22.28 -30.47 -2.99
CA SER E 18 -21.84 -29.49 -2.02
C SER E 18 -20.75 -28.62 -2.61
N LEU E 19 -19.98 -29.16 -3.56
CA LEU E 19 -19.00 -28.37 -4.31
C LEU E 19 -19.70 -27.27 -5.12
N VAL E 20 -20.69 -27.67 -5.87
CA VAL E 20 -21.47 -26.69 -6.61
C VAL E 20 -22.11 -25.63 -5.67
N ASN E 21 -22.64 -26.06 -4.52
CA ASN E 21 -23.27 -25.07 -3.59
C ASN E 21 -22.26 -24.11 -3.00
N HIS E 22 -21.08 -24.62 -2.77
CA HIS E 22 -20.03 -23.80 -2.19
C HIS E 22 -19.59 -22.78 -3.23
N ALA E 23 -19.43 -23.26 -4.45
CA ALA E 23 -19.08 -22.43 -5.59
C ALA E 23 -19.98 -21.22 -5.62
N SER E 24 -21.24 -21.54 -5.48
CA SER E 24 -22.28 -20.58 -5.59
C SER E 24 -22.16 -19.56 -4.47
N GLU E 25 -21.91 -20.03 -3.26
CA GLU E 25 -21.67 -19.13 -2.12
C GLU E 25 -20.49 -18.21 -2.40
N LEU E 26 -19.45 -18.77 -2.96
CA LEU E 26 -18.22 -18.01 -3.21
C LEU E 26 -18.43 -16.96 -4.30
N LYS E 27 -19.21 -17.33 -5.31
CA LYS E 27 -19.50 -16.40 -6.41
C LYS E 27 -20.23 -15.23 -5.81
N LYS E 28 -21.16 -15.53 -4.92
CA LYS E 28 -21.99 -14.47 -4.30
C LYS E 28 -21.16 -13.59 -3.34
N GLU E 29 -20.37 -14.27 -2.51
CA GLU E 29 -19.55 -13.64 -1.46
C GLU E 29 -18.14 -14.24 -1.42
N PRO E 30 -17.23 -13.71 -2.23
CA PRO E 30 -15.85 -14.16 -2.22
C PRO E 30 -15.19 -13.93 -0.88
N LYS E 31 -14.41 -14.91 -0.47
CA LYS E 31 -13.57 -14.81 0.73
C LYS E 31 -12.20 -15.43 0.42
N LYS E 32 -11.20 -14.94 1.13
CA LYS E 32 -9.82 -15.42 0.95
C LYS E 32 -9.52 -16.58 1.92
N LEU E 33 -10.03 -17.74 1.57
CA LEU E 33 -9.96 -18.94 2.44
C LEU E 33 -8.67 -19.74 2.38
N LEU E 34 -7.83 -19.44 1.41
CA LEU E 34 -6.55 -20.15 1.23
C LEU E 34 -5.38 -19.19 1.28
N GLN E 35 -5.38 -18.29 2.25
CA GLN E 35 -4.29 -17.34 2.33
C GLN E 35 -2.94 -18.01 2.25
N ASP E 36 -2.09 -17.45 1.40
CA ASP E 36 -0.71 -17.94 1.20
C ASP E 36 -0.52 -19.38 0.65
N LYS E 37 -1.58 -20.04 0.26
CA LYS E 37 -1.46 -21.39 -0.27
C LYS E 37 -1.01 -21.38 -1.73
N THR E 38 -0.37 -22.46 -2.16
CA THR E 38 0.29 -22.41 -3.49
C THR E 38 -0.22 -23.51 -4.38
N LEU E 39 -0.34 -23.19 -5.66
CA LEU E 39 -0.81 -24.16 -6.66
C LEU E 39 0.15 -24.23 -7.82
N ALA E 40 0.73 -25.39 -8.02
CA ALA E 40 1.63 -25.61 -9.19
C ALA E 40 0.74 -26.01 -10.34
N MSE E 41 0.94 -25.44 -11.51
CA MSE E 41 0.12 -25.82 -12.65
C MSE E 41 0.98 -26.41 -13.69
O MSE E 41 1.78 -25.72 -14.29
CB MSE E 41 -0.65 -24.64 -13.26
CG MSE E 41 -1.53 -23.95 -12.22
SE MSE E 41 -2.39 -22.36 -12.99
CE MSE E 41 -0.72 -21.32 -13.27
N ILE E 42 0.82 -27.69 -13.97
CA ILE E 42 1.67 -28.33 -14.99
C ILE E 42 0.93 -28.62 -16.24
N PHE E 43 1.31 -27.99 -17.32
CA PHE E 43 0.65 -28.21 -18.64
C PHE E 43 1.51 -29.00 -19.59
N GLU E 44 0.93 -30.05 -20.14
CA GLU E 44 1.62 -30.84 -21.13
C GLU E 44 1.22 -30.35 -22.47
N LYS E 45 0.11 -29.64 -22.48
CA LYS E 45 -0.42 -29.04 -23.66
C LYS E 45 -1.19 -27.83 -23.18
N ASN E 46 -0.90 -26.68 -23.77
CA ASN E 46 -1.44 -25.44 -23.23
C ASN E 46 -2.96 -25.23 -23.47
N SER E 47 -3.62 -24.72 -22.45
CA SER E 47 -5.02 -24.35 -22.52
C SER E 47 -5.15 -23.08 -21.73
N THR E 48 -5.29 -21.97 -22.44
CA THR E 48 -5.46 -20.65 -21.85
C THR E 48 -6.75 -20.61 -20.97
N ARG E 49 -7.86 -21.05 -21.53
CA ARG E 49 -9.12 -21.08 -20.74
C ARG E 49 -9.03 -21.74 -19.34
N THR E 50 -8.26 -22.83 -19.28
CA THR E 50 -8.09 -23.65 -18.04
C THR E 50 -7.21 -22.91 -17.04
N ARG E 51 -6.11 -22.47 -17.59
CA ARG E 51 -5.14 -21.74 -16.83
C ARG E 51 -5.78 -20.58 -16.11
N MSE E 52 -6.64 -19.86 -16.80
CA MSE E 52 -7.29 -18.67 -16.23
C MSE E 52 -8.07 -19.05 -15.00
O MSE E 52 -7.92 -18.45 -13.90
CB MSE E 52 -8.23 -18.19 -17.31
CG MSE E 52 -8.60 -16.74 -17.20
SE MSE E 52 -7.41 -15.78 -18.43
CE MSE E 52 -7.85 -16.88 -20.02
N ALA E 53 -8.86 -20.10 -15.18
CA ALA E 53 -9.72 -20.59 -14.11
C ALA E 53 -8.93 -20.93 -12.87
N PHE E 54 -7.87 -21.67 -13.08
CA PHE E 54 -7.07 -22.05 -11.93
C PHE E 54 -6.28 -20.93 -11.33
N GLU E 55 -5.59 -20.19 -12.18
CA GLU E 55 -4.73 -19.14 -11.70
C GLU E 55 -5.56 -18.14 -10.88
N LEU E 56 -6.72 -17.77 -11.43
CA LEU E 56 -7.57 -16.84 -10.72
C LEU E 56 -8.22 -17.51 -9.47
N ALA E 57 -8.51 -18.82 -9.56
CA ALA E 57 -9.16 -19.50 -8.41
C ALA E 57 -8.28 -19.34 -7.17
N ILE E 58 -7.07 -19.81 -7.28
CA ILE E 58 -6.17 -19.74 -6.14
C ILE E 58 -5.88 -18.30 -5.75
N THR E 59 -5.76 -17.44 -6.75
CA THR E 59 -5.31 -16.09 -6.50
C THR E 59 -6.33 -15.39 -5.64
N GLU E 60 -7.57 -15.47 -6.08
CA GLU E 60 -8.69 -14.83 -5.39
C GLU E 60 -8.93 -15.39 -4.01
N LEU E 61 -8.60 -16.66 -3.86
CA LEU E 61 -8.69 -17.33 -2.56
C LEU E 61 -7.54 -16.95 -1.60
N GLY E 62 -6.66 -16.06 -2.03
CA GLY E 62 -5.51 -15.59 -1.21
C GLY E 62 -4.13 -16.22 -1.45
N GLY E 63 -4.07 -17.13 -2.41
CA GLY E 63 -2.86 -17.90 -2.67
C GLY E 63 -2.10 -17.43 -3.89
N LYS E 64 -1.22 -18.29 -4.40
CA LYS E 64 -0.29 -17.96 -5.51
C LYS E 64 -0.31 -19.14 -6.49
N ALA E 65 -0.25 -18.85 -7.79
CA ALA E 65 -0.13 -19.91 -8.78
C ALA E 65 1.24 -19.94 -9.40
N LEU E 66 1.69 -21.14 -9.74
CA LEU E 66 2.90 -21.28 -10.57
C LEU E 66 2.62 -21.98 -11.83
N PHE E 67 2.90 -21.32 -12.91
CA PHE E 67 2.65 -21.85 -14.20
C PHE E 67 3.88 -22.53 -14.68
N LEU E 68 3.86 -23.85 -14.81
CA LEU E 68 5.01 -24.57 -15.46
C LEU E 68 4.62 -25.13 -16.79
N SER E 69 5.16 -24.59 -17.86
CA SER E 69 4.61 -24.88 -19.21
C SER E 69 5.26 -26.10 -19.81
N SER E 70 4.78 -26.44 -21.01
CA SER E 70 5.34 -27.52 -21.90
C SER E 70 6.85 -27.34 -22.18
N ASN E 71 7.22 -26.22 -22.77
CA ASN E 71 8.62 -25.81 -22.84
C ASN E 71 9.36 -25.96 -21.49
N ASP E 72 8.78 -25.36 -20.45
CA ASP E 72 9.42 -25.28 -19.10
C ASP E 72 9.66 -26.64 -18.53
N LEU E 73 8.61 -27.45 -18.64
CA LEU E 73 8.55 -28.76 -18.02
C LEU E 73 8.25 -29.84 -19.04
N GLN E 74 9.31 -30.57 -19.38
CA GLN E 74 9.28 -31.79 -20.21
C GLN E 74 9.10 -33.03 -19.30
N LEU E 75 7.87 -33.53 -19.24
CA LEU E 75 7.50 -34.71 -18.38
C LEU E 75 7.77 -36.03 -19.09
N SER E 76 8.37 -37.00 -18.40
CA SER E 76 8.72 -38.33 -18.97
C SER E 76 9.67 -38.25 -20.19
N ARG E 77 10.25 -37.07 -20.40
CA ARG E 77 11.14 -36.78 -21.54
C ARG E 77 12.58 -36.44 -21.07
N GLY E 78 12.69 -35.80 -19.91
CA GLY E 78 13.97 -35.78 -19.13
C GLY E 78 13.91 -36.79 -17.96
N GLU E 79 13.89 -36.25 -16.76
CA GLU E 79 13.71 -37.07 -15.53
C GLU E 79 12.36 -37.82 -15.42
N PRO E 80 12.33 -38.97 -14.73
CA PRO E 80 11.07 -39.65 -14.50
C PRO E 80 10.05 -38.86 -13.67
N VAL E 81 8.79 -39.22 -13.82
CA VAL E 81 7.69 -38.50 -13.21
C VAL E 81 7.71 -38.60 -11.69
N LYS E 82 8.02 -39.77 -11.16
CA LYS E 82 8.07 -39.97 -9.69
C LYS E 82 9.06 -39.01 -9.01
N ASP E 83 10.15 -38.77 -9.70
CA ASP E 83 11.10 -37.77 -9.19
C ASP E 83 10.52 -36.37 -9.17
N THR E 84 9.85 -36.02 -10.25
CA THR E 84 9.29 -34.70 -10.34
C THR E 84 8.28 -34.56 -9.26
N ALA E 85 7.44 -35.56 -9.17
CA ALA E 85 6.38 -35.59 -8.16
C ALA E 85 6.95 -35.39 -6.75
N ARG E 86 8.07 -36.05 -6.48
CA ARG E 86 8.60 -36.02 -5.12
C ARG E 86 9.27 -34.73 -4.78
N VAL E 87 9.55 -33.92 -5.78
CA VAL E 87 10.01 -32.57 -5.53
C VAL E 87 8.84 -31.58 -5.53
N ILE E 88 8.17 -31.43 -6.66
CA ILE E 88 7.10 -30.41 -6.79
C ILE E 88 6.00 -30.62 -5.78
N GLY E 89 5.59 -31.88 -5.67
CA GLY E 89 4.48 -32.24 -4.80
C GLY E 89 4.76 -32.08 -3.33
N ALA E 90 6.01 -31.77 -3.03
CA ALA E 90 6.40 -31.57 -1.64
C ALA E 90 6.50 -30.10 -1.30
N MSE E 91 6.53 -29.25 -2.30
CA MSE E 91 6.76 -27.82 -2.06
C MSE E 91 5.58 -26.96 -2.19
O MSE E 91 5.60 -25.83 -1.75
CB MSE E 91 7.76 -27.33 -3.05
CG MSE E 91 9.01 -28.17 -2.81
SE MSE E 91 10.50 -27.60 -3.95
CE MSE E 91 11.20 -26.29 -2.64
N VAL E 92 4.54 -27.48 -2.81
CA VAL E 92 3.32 -26.72 -3.01
C VAL E 92 2.16 -27.38 -2.32
N ASP E 93 1.08 -26.64 -2.17
CA ASP E 93 -0.12 -27.17 -1.52
C ASP E 93 -1.05 -27.94 -2.44
N PHE E 94 -1.04 -27.63 -3.74
CA PHE E 94 -1.86 -28.36 -4.73
C PHE E 94 -1.13 -28.49 -6.03
N VAL E 95 -1.44 -29.48 -6.82
CA VAL E 95 -0.81 -29.59 -8.13
C VAL E 95 -1.86 -29.84 -9.15
N MSE E 96 -2.09 -28.94 -10.10
CA MSE E 96 -3.05 -29.24 -11.18
C MSE E 96 -2.30 -29.64 -12.39
O MSE E 96 -1.22 -29.17 -12.62
CB MSE E 96 -3.96 -28.07 -11.46
CG MSE E 96 -3.21 -27.00 -12.24
SE MSE E 96 -3.72 -26.88 -14.18
CE MSE E 96 -5.48 -26.12 -13.96
N MSE E 97 -2.80 -30.59 -13.12
CA MSE E 97 -2.08 -31.03 -14.29
C MSE E 97 -2.96 -31.26 -15.43
O MSE E 97 -4.05 -31.86 -15.33
CB MSE E 97 -1.40 -32.34 -14.16
CG MSE E 97 -0.67 -32.44 -12.84
SE MSE E 97 0.35 -34.13 -12.81
CE MSE E 97 1.36 -34.42 -14.49
N ARG E 98 -2.50 -30.79 -16.57
CA ARG E 98 -3.22 -31.04 -17.78
C ARG E 98 -2.37 -31.97 -18.57
N VAL E 99 -2.85 -33.15 -18.78
CA VAL E 99 -2.01 -34.13 -19.38
C VAL E 99 -2.50 -34.72 -20.67
N ASN E 100 -1.57 -35.18 -21.47
CA ASN E 100 -1.90 -35.98 -22.64
C ASN E 100 -2.51 -37.33 -22.25
N LYS E 101 -1.95 -37.95 -21.23
CA LYS E 101 -2.31 -39.32 -20.82
C LYS E 101 -2.60 -39.48 -19.32
N HIS E 102 -3.76 -40.02 -19.01
CA HIS E 102 -4.21 -40.22 -17.60
C HIS E 102 -3.14 -40.95 -16.74
N GLU E 103 -2.47 -41.94 -17.30
CA GLU E 103 -1.43 -42.65 -16.57
C GLU E 103 -0.47 -41.67 -15.86
N THR E 104 -0.09 -40.64 -16.59
CA THR E 104 0.81 -39.65 -16.05
C THR E 104 0.25 -39.01 -14.81
N LEU E 105 -1.04 -38.74 -14.80
CA LEU E 105 -1.65 -38.15 -13.60
C LEU E 105 -1.52 -39.13 -12.47
N LEU E 106 -1.82 -40.38 -12.78
CA LEU E 106 -1.89 -41.39 -11.75
C LEU E 106 -0.48 -41.53 -11.11
N GLU E 107 0.50 -41.63 -11.98
CA GLU E 107 1.86 -41.85 -11.57
C GLU E 107 2.31 -40.70 -10.68
N PHE E 108 1.96 -39.49 -11.08
CA PHE E 108 2.34 -38.30 -10.30
C PHE E 108 1.66 -38.25 -8.94
N ALA E 109 0.37 -38.46 -8.93
CA ALA E 109 -0.45 -38.49 -7.70
C ALA E 109 0.10 -39.55 -6.72
N ARG E 110 0.51 -40.65 -7.30
CA ARG E 110 1.08 -41.76 -6.53
C ARG E 110 2.28 -41.32 -5.68
N TYR E 111 3.05 -40.39 -6.20
CA TYR E 111 4.23 -39.91 -5.50
C TYR E 111 4.10 -38.42 -5.03
N SER E 112 2.93 -37.78 -5.17
CA SER E 112 2.78 -36.40 -4.71
C SER E 112 2.22 -36.30 -3.31
N LYS E 113 2.94 -35.66 -2.42
CA LYS E 113 2.37 -35.30 -1.11
C LYS E 113 1.21 -34.28 -1.27
N ALA E 114 1.16 -33.55 -2.37
CA ALA E 114 0.11 -32.57 -2.59
C ALA E 114 -1.00 -33.20 -3.41
N PRO E 115 -2.26 -32.82 -3.12
CA PRO E 115 -3.41 -33.30 -3.88
C PRO E 115 -3.29 -32.88 -5.28
N VAL E 116 -3.51 -33.78 -6.21
CA VAL E 116 -3.35 -33.53 -7.61
C VAL E 116 -4.70 -33.39 -8.20
N ILE E 117 -4.88 -32.42 -9.10
CA ILE E 117 -6.17 -32.11 -9.75
C ILE E 117 -6.12 -32.30 -11.26
N ASN E 118 -7.04 -33.10 -11.78
CA ASN E 118 -7.00 -33.43 -13.20
C ASN E 118 -7.61 -32.30 -13.98
N ALA E 119 -6.77 -31.44 -14.52
CA ALA E 119 -7.31 -30.28 -15.34
C ALA E 119 -7.69 -30.72 -16.76
N LEU E 120 -7.42 -31.98 -17.10
CA LEU E 120 -7.88 -32.59 -18.34
C LEU E 120 -6.96 -33.77 -18.72
N SER E 121 -7.58 -34.89 -19.02
CA SER E 121 -6.86 -36.04 -19.50
C SER E 121 -7.68 -36.67 -20.61
N GLU E 122 -7.14 -37.66 -21.31
CA GLU E 122 -7.88 -38.25 -22.43
C GLU E 122 -9.13 -38.99 -21.94
N LEU E 123 -9.11 -39.41 -20.68
CA LEU E 123 -10.28 -40.13 -20.09
C LEU E 123 -11.33 -39.24 -19.47
N TYR E 124 -10.93 -38.16 -18.82
CA TYR E 124 -11.85 -37.43 -17.98
C TYR E 124 -11.56 -35.97 -17.94
N HIS E 125 -12.63 -35.19 -17.86
CA HIS E 125 -12.47 -33.76 -17.78
C HIS E 125 -13.37 -33.19 -16.72
N PRO E 126 -13.18 -33.62 -15.48
CA PRO E 126 -14.10 -33.35 -14.40
C PRO E 126 -14.33 -31.91 -14.03
N THR E 127 -13.31 -31.07 -14.09
CA THR E 127 -13.55 -29.66 -13.68
C THR E 127 -14.56 -29.01 -14.62
N GLN E 128 -14.50 -29.40 -15.89
CA GLN E 128 -15.43 -28.89 -16.87
C GLN E 128 -16.87 -29.30 -16.55
N VAL E 129 -17.04 -30.57 -16.29
CA VAL E 129 -18.36 -31.04 -15.96
C VAL E 129 -18.87 -30.34 -14.68
N LEU E 130 -18.01 -30.09 -13.70
CA LEU E 130 -18.48 -29.37 -12.50
C LEU E 130 -19.02 -28.01 -12.89
N GLY E 131 -18.34 -27.36 -13.82
CA GLY E 131 -18.72 -25.99 -14.22
C GLY E 131 -20.00 -25.98 -15.00
N ASP E 132 -20.12 -26.99 -15.85
CA ASP E 132 -21.36 -27.20 -16.62
C ASP E 132 -22.54 -27.31 -15.64
N LEU E 133 -22.35 -28.17 -14.65
CA LEU E 133 -23.33 -28.38 -13.58
C LEU E 133 -23.73 -27.08 -12.90
N PHE E 134 -22.72 -26.33 -12.48
CA PHE E 134 -22.93 -25.02 -11.82
C PHE E 134 -23.85 -24.16 -12.65
N THR E 135 -23.61 -24.25 -13.95
CA THR E 135 -24.26 -23.39 -14.93
C THR E 135 -25.70 -23.80 -15.11
N ILE E 136 -25.92 -25.10 -15.16
CA ILE E 136 -27.27 -25.64 -15.26
C ILE E 136 -28.09 -25.17 -14.07
N LYS E 137 -27.47 -25.17 -12.90
CA LYS E 137 -28.15 -24.76 -11.68
C LYS E 137 -28.47 -23.26 -11.73
N GLU E 138 -27.53 -22.49 -12.24
CA GLU E 138 -27.72 -21.03 -12.40
C GLU E 138 -28.84 -20.68 -13.39
N TRP E 139 -29.04 -21.52 -14.38
CA TRP E 139 -30.05 -21.22 -15.40
C TRP E 139 -31.36 -21.97 -15.08
N ASN E 140 -31.51 -22.32 -13.81
CA ASN E 140 -32.71 -22.94 -13.26
C ASN E 140 -33.19 -24.07 -14.16
N LYS E 141 -32.27 -24.91 -14.60
CA LYS E 141 -32.65 -26.08 -15.41
C LYS E 141 -32.51 -27.35 -14.58
N MSE E 142 -32.50 -27.19 -13.26
CA MSE E 142 -32.43 -28.34 -12.36
C MSE E 142 -33.68 -28.40 -11.55
O MSE E 142 -33.70 -27.99 -10.39
CB MSE E 142 -31.24 -28.29 -11.42
CG MSE E 142 -30.26 -29.39 -11.82
SE MSE E 142 -28.67 -29.39 -10.64
CE MSE E 142 -27.40 -28.45 -11.81
N GLN E 143 -34.72 -28.93 -12.18
CA GLN E 143 -36.00 -29.15 -11.53
C GLN E 143 -35.98 -30.47 -10.76
N ASN E 144 -36.09 -30.35 -9.44
CA ASN E 144 -36.25 -31.51 -8.54
C ASN E 144 -34.92 -32.18 -8.21
N GLY E 145 -33.83 -31.44 -8.34
CA GLY E 145 -32.45 -31.97 -8.10
C GLY E 145 -31.94 -32.88 -9.21
N ILE E 146 -32.85 -33.20 -10.12
CA ILE E 146 -32.60 -33.94 -11.36
C ILE E 146 -32.39 -32.94 -12.50
N ALA E 147 -31.63 -33.32 -13.52
CA ALA E 147 -31.58 -32.56 -14.77
C ALA E 147 -31.80 -33.49 -15.94
N LYS E 148 -32.49 -32.99 -16.95
CA LYS E 148 -32.78 -33.77 -18.15
C LYS E 148 -31.77 -33.27 -19.20
N VAL E 149 -30.75 -34.10 -19.44
CA VAL E 149 -29.59 -33.69 -20.26
C VAL E 149 -29.36 -34.55 -21.49
N ALA E 150 -28.97 -33.91 -22.57
CA ALA E 150 -28.53 -34.61 -23.78
C ALA E 150 -27.08 -34.29 -24.05
N PHE E 151 -26.27 -35.30 -24.27
CA PHE E 151 -24.91 -35.04 -24.73
C PHE E 151 -24.74 -35.54 -26.14
N ILE E 152 -24.30 -34.68 -27.03
CA ILE E 152 -24.07 -35.06 -28.42
C ILE E 152 -22.64 -34.85 -28.86
N GLY E 153 -21.99 -35.91 -29.32
CA GLY E 153 -20.59 -35.77 -29.78
C GLY E 153 -19.76 -37.02 -29.84
N ASP E 154 -18.45 -36.86 -29.63
CA ASP E 154 -17.49 -38.01 -29.62
C ASP E 154 -17.64 -38.86 -28.33
N SER E 155 -17.11 -40.08 -28.35
CA SER E 155 -16.87 -40.89 -27.10
C SER E 155 -15.54 -40.44 -26.40
N ASN E 156 -15.44 -39.13 -26.18
CA ASN E 156 -14.23 -38.53 -25.64
C ASN E 156 -14.32 -38.38 -24.12
N ASN E 157 -13.35 -37.66 -23.56
CA ASN E 157 -13.28 -37.43 -22.10
C ASN E 157 -14.55 -36.80 -21.55
N MSE E 158 -15.06 -35.84 -22.29
CA MSE E 158 -16.25 -35.06 -21.86
C MSE E 158 -17.47 -35.94 -21.72
O MSE E 158 -18.29 -35.79 -20.83
CB MSE E 158 -16.57 -33.96 -22.88
CG MSE E 158 -15.84 -32.65 -22.58
SE MSE E 158 -16.38 -31.96 -20.78
CE MSE E 158 -18.11 -31.14 -21.32
N CYS E 159 -17.56 -36.87 -22.65
CA CYS E 159 -18.64 -37.84 -22.69
C CYS E 159 -18.57 -38.75 -21.48
N ASN E 160 -17.38 -39.26 -21.23
CA ASN E 160 -17.13 -40.09 -20.07
C ASN E 160 -17.54 -39.41 -18.79
N SER E 161 -17.10 -38.19 -18.65
CA SER E 161 -17.33 -37.48 -17.41
C SER E 161 -18.81 -37.12 -17.24
N TRP E 162 -19.47 -36.78 -18.33
CA TRP E 162 -20.93 -36.53 -18.24
C TRP E 162 -21.68 -37.82 -17.94
N LEU E 163 -21.22 -38.91 -18.55
CA LEU E 163 -21.93 -40.18 -18.36
C LEU E 163 -21.92 -40.47 -16.86
N ILE E 164 -20.71 -40.41 -16.32
CA ILE E 164 -20.42 -40.72 -14.90
C ILE E 164 -21.20 -39.85 -13.96
N THR E 165 -21.16 -38.56 -14.23
CA THR E 165 -21.72 -37.58 -13.30
C THR E 165 -23.20 -37.71 -13.28
N ALA E 166 -23.77 -37.94 -14.45
CA ALA E 166 -25.24 -38.12 -14.54
C ALA E 166 -25.59 -39.29 -13.67
N ALA E 167 -24.75 -40.31 -13.79
CA ALA E 167 -25.00 -41.59 -13.11
C ALA E 167 -24.95 -41.43 -11.58
N ILE E 168 -24.03 -40.60 -11.12
CA ILE E 168 -23.87 -40.35 -9.68
C ILE E 168 -25.01 -39.50 -9.18
N LEU E 169 -25.30 -38.45 -9.92
CA LEU E 169 -26.21 -37.43 -9.44
C LEU E 169 -27.68 -37.81 -9.51
N GLY E 170 -27.99 -38.73 -10.41
CA GLY E 170 -29.37 -39.19 -10.64
C GLY E 170 -30.08 -38.53 -11.81
N PHE E 171 -29.30 -37.98 -12.70
CA PHE E 171 -29.84 -37.25 -13.86
C PHE E 171 -30.46 -38.20 -14.87
N GLU E 172 -31.27 -37.63 -15.75
CA GLU E 172 -31.76 -38.35 -16.91
C GLU E 172 -30.88 -37.89 -18.07
N ILE E 173 -30.09 -38.81 -18.62
CA ILE E 173 -29.19 -38.41 -19.70
C ILE E 173 -29.29 -39.28 -20.93
N SER E 174 -29.35 -38.63 -22.08
CA SER E 174 -29.23 -39.30 -23.39
C SER E 174 -27.97 -38.91 -24.11
N ILE E 175 -27.18 -39.92 -24.48
CA ILE E 175 -25.95 -39.69 -25.24
C ILE E 175 -26.10 -40.14 -26.68
N ALA E 176 -25.62 -39.32 -27.58
CA ALA E 176 -25.67 -39.63 -29.00
C ALA E 176 -24.32 -39.42 -29.69
N MSE E 177 -23.86 -40.46 -30.36
CA MSE E 177 -22.61 -40.44 -31.15
C MSE E 177 -22.78 -41.33 -32.35
O MSE E 177 -23.73 -42.10 -32.39
CB MSE E 177 -21.50 -40.98 -30.28
CG MSE E 177 -21.83 -42.34 -29.72
SE MSE E 177 -20.49 -42.93 -28.43
CE MSE E 177 -20.85 -41.36 -27.29
N PRO E 178 -21.87 -41.27 -33.34
CA PRO E 178 -22.08 -42.09 -34.55
C PRO E 178 -22.12 -43.62 -34.31
N LYS E 179 -22.56 -44.37 -35.31
CA LYS E 179 -22.84 -45.82 -35.15
C LYS E 179 -21.55 -46.59 -34.79
N ASN E 180 -20.45 -46.32 -35.50
CA ASN E 180 -19.17 -47.04 -35.27
C ASN E 180 -18.53 -46.77 -33.90
N TYR E 181 -18.98 -45.71 -33.24
CA TYR E 181 -18.36 -45.22 -32.00
C TYR E 181 -18.89 -45.97 -30.79
N LYS E 182 -17.97 -46.25 -29.86
CA LYS E 182 -18.27 -47.08 -28.67
C LYS E 182 -17.73 -46.37 -27.42
N ILE E 183 -18.38 -46.60 -26.28
CA ILE E 183 -17.91 -46.15 -24.97
C ILE E 183 -17.17 -47.25 -24.23
N SER E 184 -16.16 -46.87 -23.48
CA SER E 184 -15.35 -47.82 -22.73
C SER E 184 -16.18 -48.71 -21.85
N PRO E 185 -16.08 -50.01 -22.05
CA PRO E 185 -16.90 -50.90 -21.23
C PRO E 185 -16.73 -50.71 -19.74
N GLU E 186 -15.51 -50.40 -19.30
CA GLU E 186 -15.23 -50.27 -17.85
C GLU E 186 -15.97 -49.08 -17.25
N ILE E 187 -16.01 -48.01 -18.01
CA ILE E 187 -16.69 -46.79 -17.57
C ILE E 187 -18.19 -47.03 -17.56
N TRP E 188 -18.65 -47.68 -18.60
CA TRP E 188 -20.06 -47.93 -18.81
C TRP E 188 -20.61 -48.78 -17.66
N GLU E 189 -19.85 -49.80 -17.31
CA GLU E 189 -20.21 -50.64 -16.17
C GLU E 189 -20.37 -49.83 -14.89
N PHE E 190 -19.42 -48.93 -14.64
CA PHE E 190 -19.49 -48.11 -13.42
C PHE E 190 -20.78 -47.32 -13.38
N ALA E 191 -21.13 -46.76 -14.51
CA ALA E 191 -22.30 -45.97 -14.63
C ALA E 191 -23.57 -46.81 -14.42
N MSE E 192 -23.57 -48.01 -14.96
CA MSE E 192 -24.73 -48.88 -14.81
C MSE E 192 -24.98 -49.11 -13.34
O MSE E 192 -26.10 -48.92 -12.84
CB MSE E 192 -24.60 -50.21 -15.55
CG MSE E 192 -24.75 -50.07 -17.07
SE MSE E 192 -26.10 -48.76 -17.68
CE MSE E 192 -27.75 -49.80 -17.24
N LYS E 193 -23.93 -49.46 -12.62
CA LYS E 193 -24.02 -49.72 -11.17
C LYS E 193 -24.51 -48.48 -10.42
N GLN E 194 -23.92 -47.34 -10.75
CA GLN E 194 -24.28 -46.10 -10.06
C GLN E 194 -25.73 -45.67 -10.31
N ALA E 195 -26.25 -45.93 -11.50
CA ALA E 195 -27.63 -45.56 -11.84
C ALA E 195 -28.61 -46.25 -10.91
N LEU E 196 -28.41 -47.54 -10.72
CA LEU E 196 -29.24 -48.31 -9.79
C LEU E 196 -29.41 -47.64 -8.43
N ILE E 197 -28.31 -47.18 -7.85
CA ILE E 197 -28.32 -46.52 -6.53
C ILE E 197 -29.08 -45.19 -6.61
N SER E 198 -28.72 -44.37 -7.60
CA SER E 198 -29.22 -42.97 -7.74
C SER E 198 -30.51 -42.74 -8.55
N GLY E 199 -30.98 -43.79 -9.20
CA GLY E 199 -32.11 -43.67 -10.12
C GLY E 199 -31.84 -42.90 -11.41
N ALA E 200 -30.61 -42.88 -11.88
CA ALA E 200 -30.30 -42.30 -13.19
C ALA E 200 -30.99 -43.01 -14.34
N LYS E 201 -31.61 -42.21 -15.22
CA LYS E 201 -32.16 -42.73 -16.47
C LYS E 201 -31.18 -42.43 -17.62
N ILE E 202 -30.28 -43.37 -17.86
CA ILE E 202 -29.26 -43.25 -18.88
C ILE E 202 -29.56 -44.04 -20.14
N SER E 203 -29.34 -43.41 -21.29
CA SER E 203 -29.52 -44.05 -22.59
C SER E 203 -28.45 -43.64 -23.57
N LEU E 204 -27.96 -44.59 -24.36
CA LEU E 204 -26.94 -44.31 -25.40
C LEU E 204 -27.46 -44.74 -26.78
N GLY E 205 -27.26 -43.88 -27.76
CA GLY E 205 -27.73 -44.15 -29.13
C GLY E 205 -26.85 -43.51 -30.20
N TYR E 206 -27.30 -43.59 -31.45
CA TYR E 206 -26.62 -42.96 -32.58
C TYR E 206 -27.55 -42.06 -33.41
N ASP E 207 -28.54 -41.52 -32.72
CA ASP E 207 -29.54 -40.66 -33.33
C ASP E 207 -29.65 -39.34 -32.59
N LYS E 208 -29.11 -38.28 -33.19
CA LYS E 208 -29.07 -36.97 -32.53
C LYS E 208 -30.43 -36.55 -32.00
N PHE E 209 -31.42 -36.73 -32.86
CA PHE E 209 -32.76 -36.22 -32.61
C PHE E 209 -33.45 -36.94 -31.46
N GLU E 210 -33.22 -38.25 -31.37
CA GLU E 210 -33.76 -39.08 -30.28
C GLU E 210 -33.19 -38.64 -28.94
N ALA E 211 -31.90 -38.38 -28.95
CA ALA E 211 -31.17 -37.95 -27.75
C ALA E 211 -31.71 -36.61 -27.25
N LEU E 212 -32.09 -35.79 -28.20
CA LEU E 212 -32.56 -34.43 -27.94
C LEU E 212 -33.97 -34.35 -27.37
N LYS E 213 -34.80 -35.34 -27.69
CA LYS E 213 -36.23 -35.35 -27.26
C LYS E 213 -36.38 -35.12 -25.74
N ASP E 214 -37.26 -34.19 -25.38
CA ASP E 214 -37.62 -33.88 -23.97
C ASP E 214 -36.42 -33.52 -23.07
N LYS E 215 -35.54 -32.67 -23.60
CA LYS E 215 -34.30 -32.29 -22.89
C LYS E 215 -34.26 -30.82 -22.59
N ASP E 216 -33.79 -30.45 -21.41
CA ASP E 216 -33.60 -29.02 -21.08
C ASP E 216 -32.19 -28.50 -21.24
N VAL E 217 -31.26 -29.40 -21.43
CA VAL E 217 -29.83 -29.03 -21.51
C VAL E 217 -29.21 -29.84 -22.63
N VAL E 218 -28.70 -29.16 -23.64
CA VAL E 218 -27.96 -29.84 -24.71
C VAL E 218 -26.50 -29.50 -24.60
N ILE E 219 -25.69 -30.53 -24.59
CA ILE E 219 -24.25 -30.38 -24.49
C ILE E 219 -23.54 -30.95 -25.69
N THR E 220 -22.64 -30.19 -26.28
CA THR E 220 -21.88 -30.69 -27.43
C THR E 220 -20.44 -30.29 -27.30
N ASP E 221 -19.61 -30.77 -28.20
CA ASP E 221 -18.15 -30.59 -28.12
C ASP E 221 -17.52 -30.79 -29.49
N THR E 222 -16.32 -30.28 -29.64
CA THR E 222 -15.56 -30.46 -30.88
C THR E 222 -15.45 -31.93 -31.19
N TRP E 223 -15.34 -32.24 -32.46
CA TRP E 223 -15.25 -33.65 -32.90
C TRP E 223 -13.81 -34.10 -33.06
N VAL E 224 -13.03 -33.21 -33.66
CA VAL E 224 -11.59 -33.36 -33.79
C VAL E 224 -10.97 -32.94 -32.45
N SER E 225 -10.71 -33.94 -31.61
CA SER E 225 -10.13 -33.73 -30.27
C SER E 225 -8.61 -33.52 -30.30
N MSE E 226 -8.12 -32.54 -29.51
CA MSE E 226 -6.68 -32.15 -29.42
C MSE E 226 -5.75 -33.33 -29.11
O MSE E 226 -6.06 -34.19 -28.28
CB MSE E 226 -6.47 -31.03 -28.38
N GLY E 227 -4.64 -33.40 -29.84
CA GLY E 227 -3.78 -34.58 -29.81
C GLY E 227 -4.25 -35.61 -30.85
N GLU E 228 -5.56 -35.87 -30.89
CA GLU E 228 -6.17 -36.89 -31.74
C GLU E 228 -6.42 -36.48 -33.19
N GLU E 229 -6.00 -35.29 -33.64
CA GLU E 229 -6.16 -34.89 -35.06
C GLU E 229 -5.51 -35.93 -35.96
N LYS E 232 -8.68 -37.26 -38.55
CA LYS E 232 -9.43 -36.01 -38.66
C LYS E 232 -10.39 -35.96 -39.88
N GLU E 233 -9.85 -35.85 -41.09
CA GLU E 233 -10.69 -35.81 -42.32
C GLU E 233 -11.80 -36.86 -42.36
N ARG E 234 -11.44 -38.07 -41.95
CA ARG E 234 -12.38 -39.21 -41.90
C ARG E 234 -13.45 -38.99 -40.83
N LYS E 235 -13.02 -38.51 -39.67
CA LYS E 235 -13.91 -38.24 -38.51
C LYS E 235 -15.06 -37.29 -38.87
N ILE E 236 -14.72 -36.12 -39.40
CA ILE E 236 -15.70 -35.12 -39.90
C ILE E 236 -16.84 -35.76 -40.73
N LYS E 237 -16.48 -36.56 -41.74
CA LYS E 237 -17.50 -37.23 -42.58
C LYS E 237 -18.42 -38.18 -41.79
N GLU E 238 -17.87 -38.79 -40.74
CA GLU E 238 -18.61 -39.75 -39.89
C GLU E 238 -19.66 -39.02 -39.02
N PHE E 239 -19.38 -37.76 -38.70
CA PHE E 239 -20.26 -36.88 -37.88
C PHE E 239 -21.21 -36.03 -38.73
N GLU E 240 -21.64 -36.57 -39.86
CA GLU E 240 -22.46 -35.81 -40.82
C GLU E 240 -23.74 -35.22 -40.18
N GLY E 241 -24.60 -36.08 -39.64
CA GLY E 241 -25.90 -35.63 -39.08
C GLY E 241 -25.83 -34.90 -37.75
N PHE E 242 -24.65 -34.75 -37.23
CA PHE E 242 -24.51 -34.47 -35.78
C PHE E 242 -24.38 -33.01 -35.37
N MSE E 243 -24.34 -32.11 -36.32
CA MSE E 243 -24.22 -30.70 -35.96
C MSE E 243 -25.42 -30.28 -35.17
O MSE E 243 -26.52 -30.77 -35.39
CB MSE E 243 -24.18 -29.84 -37.21
CG MSE E 243 -24.45 -28.40 -36.87
SE MSE E 243 -23.96 -27.33 -38.44
CE MSE E 243 -25.34 -27.99 -39.71
N ILE E 244 -25.20 -29.42 -34.19
CA ILE E 244 -26.33 -28.77 -33.50
C ILE E 244 -26.69 -27.49 -34.23
N ASP E 245 -27.89 -27.49 -34.79
CA ASP E 245 -28.43 -26.33 -35.54
C ASP E 245 -29.84 -25.98 -35.07
N GLU E 246 -30.45 -24.98 -35.68
CA GLU E 246 -31.79 -24.49 -35.27
C GLU E 246 -32.83 -25.63 -35.20
N LYS E 247 -32.85 -26.45 -36.25
CA LYS E 247 -33.80 -27.57 -36.32
C LYS E 247 -33.56 -28.55 -35.17
N ALA E 248 -32.28 -28.75 -34.85
CA ALA E 248 -31.88 -29.66 -33.78
C ALA E 248 -32.34 -29.15 -32.41
N MSE E 249 -32.08 -27.88 -32.12
CA MSE E 249 -32.53 -27.24 -30.87
C MSE E 249 -34.03 -27.20 -30.76
O MSE E 249 -34.56 -27.25 -29.66
CB MSE E 249 -32.09 -25.79 -30.69
CG MSE E 249 -30.60 -25.64 -30.37
SE MSE E 249 -30.03 -26.69 -28.75
CE MSE E 249 -31.64 -26.31 -27.65
N SER E 250 -34.69 -27.08 -31.91
CA SER E 250 -36.18 -27.18 -32.01
C SER E 250 -36.75 -28.47 -31.41
N VAL E 251 -35.98 -29.54 -31.51
CA VAL E 251 -36.39 -30.88 -31.01
C VAL E 251 -36.35 -30.94 -29.49
N ALA E 252 -35.48 -30.16 -28.91
CA ALA E 252 -35.40 -30.10 -27.47
C ALA E 252 -36.51 -29.22 -26.94
N ASN E 253 -36.67 -29.26 -25.63
CA ASN E 253 -37.69 -28.45 -24.96
C ASN E 253 -37.49 -26.96 -25.17
N LYS E 254 -38.57 -26.23 -24.93
CA LYS E 254 -38.61 -24.78 -25.11
C LYS E 254 -37.67 -24.20 -24.10
N ASP E 255 -36.92 -23.18 -24.55
CA ASP E 255 -35.95 -22.46 -23.69
C ASP E 255 -34.77 -23.29 -23.16
N ALA E 256 -34.56 -24.45 -23.78
CA ALA E 256 -33.49 -25.37 -23.45
C ALA E 256 -32.18 -24.68 -23.80
N ILE E 257 -31.19 -24.83 -22.93
CA ILE E 257 -29.88 -24.17 -23.11
C ILE E 257 -28.90 -25.08 -23.82
N LEU E 258 -27.97 -24.47 -24.55
CA LEU E 258 -26.90 -25.17 -25.25
C LEU E 258 -25.57 -24.90 -24.55
N LEU E 259 -24.87 -25.95 -24.18
CA LEU E 259 -23.57 -25.84 -23.53
C LEU E 259 -22.51 -26.41 -24.46
N HIS E 260 -21.35 -25.75 -24.46
CA HIS E 260 -20.19 -26.14 -25.26
C HIS E 260 -18.95 -25.75 -24.47
N CYS E 261 -18.04 -26.68 -24.27
CA CYS E 261 -16.87 -26.40 -23.41
C CYS E 261 -15.86 -25.52 -24.08
N LEU E 262 -15.87 -25.52 -25.41
CA LEU E 262 -15.03 -24.62 -26.24
C LEU E 262 -13.67 -25.20 -26.42
N PRO E 263 -12.92 -24.75 -27.43
CA PRO E 263 -13.37 -23.81 -28.44
C PRO E 263 -14.33 -24.47 -29.35
N ALA E 264 -15.02 -23.62 -30.11
CA ALA E 264 -16.06 -24.02 -31.05
C ALA E 264 -15.59 -23.95 -32.47
N TYR E 265 -16.14 -24.80 -33.31
CA TYR E 265 -15.84 -24.73 -34.71
C TYR E 265 -17.18 -24.58 -35.41
N ARG E 266 -17.52 -23.32 -35.64
CA ARG E 266 -18.74 -22.93 -36.33
C ARG E 266 -18.76 -23.58 -37.68
N GLY E 267 -19.89 -24.18 -38.01
CA GLY E 267 -20.03 -24.88 -39.29
C GLY E 267 -19.77 -26.37 -39.17
N TYR E 268 -19.34 -26.80 -38.00
CA TYR E 268 -19.11 -28.22 -37.71
C TYR E 268 -20.05 -28.69 -36.62
N GLU E 269 -19.55 -28.89 -35.41
CA GLU E 269 -20.40 -29.41 -34.32
C GLU E 269 -21.53 -28.47 -33.99
N VAL E 270 -21.39 -27.22 -34.39
CA VAL E 270 -22.40 -26.22 -34.05
C VAL E 270 -22.44 -25.15 -35.13
N SER E 271 -23.66 -24.71 -35.42
CA SER E 271 -23.88 -23.65 -36.40
C SER E 271 -23.63 -22.31 -35.76
N GLU E 272 -23.20 -21.38 -36.60
CA GLU E 272 -22.89 -20.00 -36.17
C GLU E 272 -24.13 -19.37 -35.54
N GLU E 273 -25.25 -19.50 -36.24
CA GLU E 273 -26.50 -18.91 -35.79
C GLU E 273 -26.80 -19.37 -34.36
N ILE E 274 -26.81 -20.69 -34.14
CA ILE E 274 -27.26 -21.29 -32.87
C ILE E 274 -26.32 -21.00 -31.75
N PHE E 275 -25.05 -21.00 -32.11
CA PHE E 275 -23.98 -20.74 -31.16
C PHE E 275 -24.13 -19.35 -30.60
N GLU E 276 -24.21 -18.39 -31.51
CA GLU E 276 -24.43 -16.98 -31.12
C GLU E 276 -25.77 -16.79 -30.40
N LYS E 277 -26.78 -17.55 -30.81
CA LYS E 277 -28.09 -17.49 -30.11
C LYS E 277 -27.86 -17.75 -28.62
N HIS E 278 -26.98 -18.69 -28.31
CA HIS E 278 -26.62 -19.02 -26.92
C HIS E 278 -25.30 -18.45 -26.38
N ALA E 279 -24.82 -17.36 -26.93
CA ALA E 279 -23.58 -16.81 -26.40
C ALA E 279 -23.67 -16.67 -24.86
N ASP E 280 -24.73 -16.05 -24.37
CA ASP E 280 -24.74 -15.68 -22.94
C ASP E 280 -24.47 -16.88 -22.04
N VAL E 281 -25.15 -17.99 -22.32
CA VAL E 281 -25.03 -19.19 -21.47
C VAL E 281 -23.67 -19.89 -21.72
N ILE E 282 -23.22 -19.92 -22.97
CA ILE E 282 -21.94 -20.58 -23.31
C ILE E 282 -20.76 -19.88 -22.66
N PHE E 283 -20.78 -18.56 -22.67
CA PHE E 283 -19.69 -17.82 -22.06
C PHE E 283 -19.81 -17.67 -20.56
N GLU E 284 -20.98 -17.75 -19.98
CA GLU E 284 -21.05 -17.84 -18.53
C GLU E 284 -20.43 -19.20 -18.13
N GLU E 285 -20.73 -20.20 -18.95
CA GLU E 285 -20.26 -21.57 -18.74
C GLU E 285 -18.77 -21.50 -18.61
N ALA E 286 -18.09 -21.02 -19.64
CA ALA E 286 -16.63 -20.81 -19.61
C ALA E 286 -16.14 -20.09 -18.33
N ARG E 287 -16.76 -18.97 -17.99
CA ARG E 287 -16.36 -18.20 -16.80
C ARG E 287 -16.64 -18.94 -15.50
N ASN E 288 -17.69 -19.73 -15.48
CA ASN E 288 -18.12 -20.36 -14.23
C ASN E 288 -17.11 -21.43 -13.70
N ARG E 289 -16.20 -21.86 -14.53
CA ARG E 289 -15.22 -22.79 -14.12
C ARG E 289 -14.40 -22.24 -12.94
N LEU E 290 -14.35 -20.94 -12.86
CA LEU E 290 -13.63 -20.28 -11.78
C LEU E 290 -14.19 -20.67 -10.42
N TYR E 291 -15.49 -20.55 -10.28
CA TYR E 291 -16.11 -20.66 -8.93
C TYR E 291 -16.04 -22.11 -8.43
N VAL E 292 -16.08 -22.98 -9.41
CA VAL E 292 -16.09 -24.41 -9.19
C VAL E 292 -14.67 -24.87 -8.80
N VAL E 293 -13.66 -24.34 -9.46
CA VAL E 293 -12.29 -24.67 -9.07
C VAL E 293 -12.03 -24.15 -7.67
N LYS E 294 -12.57 -22.98 -7.38
CA LYS E 294 -12.44 -22.45 -6.01
C LYS E 294 -12.94 -23.42 -4.93
N ALA E 295 -14.15 -23.90 -5.14
CA ALA E 295 -14.81 -24.82 -4.22
C ALA E 295 -13.94 -26.06 -4.09
N LEU E 296 -13.49 -26.54 -5.24
CA LEU E 296 -12.69 -27.76 -5.32
C LEU E 296 -11.43 -27.60 -4.49
N LEU E 297 -10.76 -26.48 -4.69
CA LEU E 297 -9.56 -26.22 -3.94
C LEU E 297 -9.84 -26.14 -2.46
N CYS E 298 -10.91 -25.46 -2.04
CA CYS E 298 -11.17 -25.38 -0.58
C CYS E 298 -11.43 -26.77 -0.02
N PHE E 299 -12.10 -27.54 -0.84
CA PHE E 299 -12.49 -28.89 -0.49
C PHE E 299 -11.28 -29.79 -0.30
N LEU E 300 -10.36 -29.78 -1.26
CA LEU E 300 -9.13 -30.57 -1.15
C LEU E 300 -8.25 -30.12 0.01
N ASP E 301 -8.34 -28.86 0.35
CA ASP E 301 -7.54 -28.34 1.46
C ASP E 301 -7.94 -28.96 2.78
N ASN E 302 -9.24 -29.21 2.90
CA ASN E 302 -9.85 -29.87 4.10
C ASN E 302 -9.82 -31.41 4.15
N GLN E 303 -9.40 -32.03 3.06
CA GLN E 303 -9.17 -33.51 2.97
C GLN E 303 -7.69 -33.75 2.57
N MSE F 2 -17.44 3.30 -22.12
CA MSE F 2 -16.27 2.60 -21.49
C MSE F 2 -15.13 2.76 -22.43
O MSE F 2 -15.22 2.42 -23.62
CB MSE F 2 -16.48 1.12 -21.22
CG MSE F 2 -15.38 0.52 -20.31
SE MSE F 2 -14.83 -1.30 -20.93
CE MSE F 2 -16.68 -2.00 -21.21
N LYS F 3 -14.02 3.23 -21.88
CA LYS F 3 -12.88 3.61 -22.70
C LYS F 3 -11.70 2.56 -22.61
N HIS F 4 -11.20 2.19 -23.79
CA HIS F 4 -9.97 1.48 -24.01
C HIS F 4 -8.78 2.41 -24.26
N PHE F 5 -7.57 1.87 -24.28
CA PHE F 5 -6.36 2.68 -24.55
C PHE F 5 -5.54 2.09 -25.71
N LEU F 6 -6.01 2.31 -26.91
CA LEU F 6 -5.44 1.68 -28.12
C LEU F 6 -4.52 2.60 -28.89
N THR F 7 -4.75 3.89 -28.74
CA THR F 7 -3.91 4.91 -29.30
C THR F 7 -4.15 6.26 -28.62
N LEU F 8 -3.13 7.11 -28.58
CA LEU F 8 -3.32 8.41 -27.95
C LEU F 8 -4.27 9.30 -28.77
N ARG F 9 -4.54 8.87 -30.00
CA ARG F 9 -5.50 9.60 -30.85
C ARG F 9 -6.84 9.79 -30.20
N ASP F 10 -7.23 8.85 -29.36
CA ASP F 10 -8.52 8.90 -28.65
C ASP F 10 -8.51 9.74 -27.34
N PHE F 11 -7.43 10.47 -27.06
CA PHE F 11 -7.38 11.28 -25.83
C PHE F 11 -7.07 12.74 -26.07
N SER F 12 -7.47 13.53 -25.09
CA SER F 12 -7.28 14.96 -25.13
C SER F 12 -5.90 15.31 -24.59
N LYS F 13 -5.41 16.46 -25.03
CA LYS F 13 -4.22 17.10 -24.47
C LYS F 13 -4.25 17.00 -22.94
N GLU F 14 -5.38 17.37 -22.37
CA GLU F 14 -5.54 17.36 -20.91
C GLU F 14 -5.44 15.95 -20.30
N GLU F 15 -6.12 15.02 -20.93
CA GLU F 15 -6.05 13.65 -20.48
C GLU F 15 -4.61 13.11 -20.53
N ILE F 16 -3.89 13.35 -21.61
CA ILE F 16 -2.53 12.79 -21.72
C ILE F 16 -1.62 13.44 -20.68
N LEU F 17 -1.69 14.75 -20.57
CA LEU F 17 -0.85 15.46 -19.63
C LEU F 17 -1.15 15.02 -18.18
N SER F 18 -2.39 14.66 -17.91
CA SER F 18 -2.70 14.27 -16.56
C SER F 18 -2.23 12.85 -16.26
N LEU F 19 -2.11 12.02 -17.29
CA LEU F 19 -1.51 10.70 -17.12
C LEU F 19 -0.03 10.84 -16.72
N VAL F 20 0.67 11.70 -17.43
CA VAL F 20 2.07 11.98 -17.15
C VAL F 20 2.20 12.52 -15.71
N ASN F 21 1.31 13.42 -15.32
CA ASN F 21 1.43 14.00 -13.98
C ASN F 21 1.18 12.96 -12.91
N HIS F 22 0.28 12.07 -13.20
CA HIS F 22 -0.07 11.10 -12.20
C HIS F 22 1.10 10.14 -12.07
N ALA F 23 1.66 9.73 -13.23
CA ALA F 23 2.80 8.86 -13.29
C ALA F 23 3.88 9.39 -12.36
N SER F 24 4.05 10.69 -12.46
CA SER F 24 5.05 11.36 -11.72
C SER F 24 4.77 11.30 -10.23
N GLU F 25 3.54 11.52 -9.85
CA GLU F 25 3.17 11.41 -8.43
C GLU F 25 3.47 10.00 -7.92
N LEU F 26 3.18 9.02 -8.76
CA LEU F 26 3.27 7.61 -8.35
C LEU F 26 4.73 7.21 -8.22
N LYS F 27 5.54 7.78 -9.10
CA LYS F 27 6.96 7.55 -8.99
C LYS F 27 7.48 8.10 -7.69
N LYS F 28 7.00 9.25 -7.31
CA LYS F 28 7.50 9.91 -6.09
C LYS F 28 6.97 9.14 -4.89
N GLU F 29 5.68 8.80 -4.93
CA GLU F 29 4.96 8.20 -3.78
C GLU F 29 4.09 7.06 -4.24
N PRO F 30 4.66 5.86 -4.34
CA PRO F 30 3.91 4.66 -4.76
C PRO F 30 2.79 4.32 -3.83
N LYS F 31 1.66 3.97 -4.43
CA LYS F 31 0.41 3.69 -3.70
C LYS F 31 -0.23 2.46 -4.36
N LYS F 32 -0.88 1.65 -3.53
CA LYS F 32 -1.53 0.45 -4.02
C LYS F 32 -3.01 0.74 -4.34
N LEU F 33 -3.23 1.38 -5.47
CA LEU F 33 -4.56 1.87 -5.87
C LEU F 33 -5.47 0.87 -6.56
N LEU F 34 -4.92 -0.28 -6.92
CA LEU F 34 -5.68 -1.34 -7.59
C LEU F 34 -5.59 -2.64 -6.82
N GLN F 35 -5.76 -2.57 -5.53
CA GLN F 35 -5.68 -3.78 -4.73
C GLN F 35 -6.52 -4.88 -5.36
N ASP F 36 -5.93 -6.07 -5.43
CA ASP F 36 -6.60 -7.27 -5.93
C ASP F 36 -7.09 -7.25 -7.36
N LYS F 37 -6.78 -6.22 -8.12
CA LYS F 37 -7.21 -6.18 -9.51
C LYS F 37 -6.35 -7.03 -10.41
N THR F 38 -6.88 -7.46 -11.53
CA THR F 38 -6.11 -8.41 -12.36
C THR F 38 -5.90 -7.89 -13.75
N LEU F 39 -4.75 -8.23 -14.31
CA LEU F 39 -4.37 -7.80 -15.67
C LEU F 39 -3.93 -8.97 -16.47
N ALA F 40 -4.64 -9.22 -17.55
CA ALA F 40 -4.26 -10.32 -18.45
C ALA F 40 -3.29 -9.74 -19.41
N MSE F 41 -2.19 -10.40 -19.69
CA MSE F 41 -1.28 -9.89 -20.69
C MSE F 41 -1.13 -10.82 -21.83
O MSE F 41 -0.67 -11.92 -21.68
CB MSE F 41 0.10 -9.66 -20.10
CG MSE F 41 0.10 -8.73 -18.89
SE MSE F 41 1.91 -8.59 -18.12
CE MSE F 41 2.09 -10.43 -17.43
N ILE F 42 -1.57 -10.41 -23.00
CA ILE F 42 -1.55 -11.32 -24.14
C ILE F 42 -0.49 -10.89 -25.06
N PHE F 43 0.46 -11.74 -25.31
CA PHE F 43 1.51 -11.45 -26.29
C PHE F 43 1.35 -12.31 -27.53
N GLU F 44 1.41 -11.67 -28.67
CA GLU F 44 1.48 -12.39 -29.93
C GLU F 44 2.90 -12.53 -30.35
N LYS F 45 3.76 -11.74 -29.76
CA LYS F 45 5.19 -11.78 -30.07
C LYS F 45 5.85 -11.20 -28.82
N ASN F 46 6.81 -11.90 -28.27
CA ASN F 46 7.29 -11.57 -26.94
C ASN F 46 8.16 -10.31 -26.89
N SER F 47 7.96 -9.53 -25.83
CA SER F 47 8.80 -8.36 -25.52
C SER F 47 8.99 -8.37 -24.05
N THR F 48 10.18 -8.77 -23.63
CA THR F 48 10.51 -8.77 -22.21
C THR F 48 10.37 -7.34 -21.58
N ARG F 49 11.00 -6.35 -22.20
CA ARG F 49 10.97 -4.99 -21.69
C ARG F 49 9.53 -4.58 -21.32
N THR F 50 8.59 -4.98 -22.17
CA THR F 50 7.15 -4.52 -22.08
C THR F 50 6.47 -5.20 -20.92
N ARG F 51 6.68 -6.49 -20.95
CA ARG F 51 6.12 -7.36 -19.95
C ARG F 51 6.54 -6.91 -18.57
N MSE F 52 7.79 -6.57 -18.39
CA MSE F 52 8.28 -6.13 -17.09
C MSE F 52 7.45 -4.92 -16.62
O MSE F 52 6.98 -4.85 -15.49
CB MSE F 52 9.70 -5.71 -17.34
CG MSE F 52 10.62 -5.68 -16.12
SE MSE F 52 11.75 -7.29 -16.15
CE MSE F 52 12.64 -7.43 -17.89
N ALA F 53 7.32 -3.93 -17.50
CA ALA F 53 6.65 -2.69 -17.23
C ALA F 53 5.21 -2.94 -16.76
N PHE F 54 4.50 -3.78 -17.51
CA PHE F 54 3.10 -4.09 -17.13
C PHE F 54 2.99 -4.94 -15.92
N GLU F 55 3.80 -5.97 -15.86
CA GLU F 55 3.71 -6.92 -14.75
C GLU F 55 4.00 -6.18 -13.46
N LEU F 56 5.05 -5.35 -13.49
CA LEU F 56 5.40 -4.60 -12.32
C LEU F 56 4.41 -3.43 -12.05
N ALA F 57 3.86 -2.87 -13.10
CA ALA F 57 2.85 -1.83 -12.87
C ALA F 57 1.73 -2.39 -11.96
N ILE F 58 1.05 -3.41 -12.45
CA ILE F 58 -0.13 -3.88 -11.75
C ILE F 58 0.27 -4.42 -10.40
N THR F 59 1.45 -5.04 -10.36
CA THR F 59 1.89 -5.72 -9.12
C THR F 59 2.06 -4.71 -8.02
N GLU F 60 2.81 -3.69 -8.32
CA GLU F 60 3.07 -2.60 -7.35
C GLU F 60 1.82 -1.85 -6.94
N LEU F 61 0.86 -1.84 -7.85
CA LEU F 61 -0.45 -1.19 -7.62
C LEU F 61 -1.40 -2.09 -6.81
N GLY F 62 -0.91 -3.24 -6.39
CA GLY F 62 -1.64 -4.15 -5.49
C GLY F 62 -2.35 -5.31 -6.16
N GLY F 63 -2.21 -5.41 -7.47
CA GLY F 63 -2.92 -6.41 -8.25
C GLY F 63 -2.05 -7.57 -8.66
N LYS F 64 -2.48 -8.31 -9.68
CA LYS F 64 -1.85 -9.58 -10.13
C LYS F 64 -1.84 -9.59 -11.67
N ALA F 65 -0.77 -10.12 -12.27
CA ALA F 65 -0.68 -10.17 -13.73
C ALA F 65 -0.75 -11.61 -14.17
N LEU F 66 -1.37 -11.84 -15.32
CA LEU F 66 -1.35 -13.14 -15.96
C LEU F 66 -0.70 -13.02 -17.26
N PHE F 67 0.36 -13.76 -17.40
CA PHE F 67 1.14 -13.76 -18.60
C PHE F 67 0.64 -14.85 -19.50
N LEU F 68 -0.03 -14.53 -20.58
CA LEU F 68 -0.41 -15.56 -21.57
C LEU F 68 0.42 -15.41 -22.83
N SER F 69 1.25 -16.36 -23.14
CA SER F 69 2.27 -16.15 -24.18
C SER F 69 1.75 -16.57 -25.54
N SER F 70 2.64 -16.37 -26.53
CA SER F 70 2.46 -16.85 -27.94
C SER F 70 2.15 -18.36 -28.05
N ASN F 71 3.07 -19.18 -27.57
CA ASN F 71 2.78 -20.61 -27.41
C ASN F 71 1.41 -20.85 -26.68
N ASP F 72 1.23 -20.19 -25.53
CA ASP F 72 0.04 -20.40 -24.65
C ASP F 72 -1.24 -20.05 -25.38
N LEU F 73 -1.18 -18.90 -26.03
CA LEU F 73 -2.32 -18.27 -26.68
C LEU F 73 -2.06 -17.99 -28.15
N GLN F 74 -2.65 -18.86 -29.01
CA GLN F 74 -2.74 -18.68 -30.48
C GLN F 74 -4.03 -17.96 -30.91
N GLY F 78 -6.08 -21.18 -34.15
CA GLY F 78 -7.29 -21.75 -33.58
C GLY F 78 -8.44 -20.76 -33.52
N GLU F 79 -8.91 -20.50 -32.31
CA GLU F 79 -10.23 -19.85 -32.10
C GLU F 79 -10.30 -18.37 -32.51
N PRO F 80 -11.48 -17.91 -32.98
CA PRO F 80 -11.60 -16.49 -33.31
C PRO F 80 -11.45 -15.56 -32.11
N VAL F 81 -11.09 -14.31 -32.40
CA VAL F 81 -10.74 -13.39 -31.37
C VAL F 81 -11.91 -12.95 -30.49
N LYS F 82 -13.08 -12.83 -31.10
CA LYS F 82 -14.30 -12.48 -30.34
C LYS F 82 -14.63 -13.50 -29.24
N ASP F 83 -14.33 -14.75 -29.53
CA ASP F 83 -14.46 -15.81 -28.51
C ASP F 83 -13.50 -15.69 -27.35
N THR F 84 -12.26 -15.43 -27.68
CA THR F 84 -11.26 -15.26 -26.66
C THR F 84 -11.67 -14.06 -25.84
N ALA F 85 -12.00 -12.98 -26.54
CA ALA F 85 -12.35 -11.72 -25.88
C ALA F 85 -13.51 -11.93 -24.90
N ARG F 86 -14.47 -12.74 -25.29
CA ARG F 86 -15.66 -12.89 -24.46
C ARG F 86 -15.44 -13.79 -23.28
N VAL F 87 -14.35 -14.55 -23.27
CA VAL F 87 -13.91 -15.26 -22.07
C VAL F 87 -12.95 -14.42 -21.24
N ILE F 88 -11.79 -14.12 -21.79
CA ILE F 88 -10.71 -13.46 -20.98
C ILE F 88 -11.22 -12.12 -20.48
N GLY F 89 -11.83 -11.37 -21.38
CA GLY F 89 -12.25 -10.00 -21.07
C GLY F 89 -13.32 -9.94 -20.00
N ALA F 90 -13.81 -11.12 -19.62
CA ALA F 90 -14.88 -11.16 -18.62
C ALA F 90 -14.35 -11.56 -17.27
N MSE F 91 -13.13 -12.05 -17.27
CA MSE F 91 -12.59 -12.61 -16.03
C MSE F 91 -11.52 -11.78 -15.39
O MSE F 91 -11.15 -12.04 -14.25
CB MSE F 91 -11.97 -13.95 -16.34
CG MSE F 91 -13.09 -14.79 -16.87
SE MSE F 91 -12.58 -16.63 -17.20
CE MSE F 91 -12.08 -17.25 -15.37
N VAL F 92 -11.01 -10.82 -16.13
CA VAL F 92 -9.98 -9.96 -15.58
C VAL F 92 -10.45 -8.54 -15.61
N ASP F 93 -9.77 -7.70 -14.88
CA ASP F 93 -10.11 -6.25 -14.85
C ASP F 93 -9.52 -5.47 -15.99
N PHE F 94 -8.40 -5.91 -16.54
CA PHE F 94 -7.76 -5.24 -17.69
C PHE F 94 -7.15 -6.23 -18.63
N VAL F 95 -7.01 -5.88 -19.90
CA VAL F 95 -6.31 -6.76 -20.83
C VAL F 95 -5.29 -5.97 -21.61
N MSE F 96 -4.01 -6.26 -21.47
CA MSE F 96 -3.03 -5.62 -22.35
C MSE F 96 -2.70 -6.57 -23.44
O MSE F 96 -2.70 -7.76 -23.27
CB MSE F 96 -1.82 -5.22 -21.59
CG MSE F 96 -0.95 -6.43 -21.29
SE MSE F 96 0.72 -6.61 -22.39
CE MSE F 96 2.01 -5.63 -21.24
N MSE F 97 -2.47 -6.07 -24.60
CA MSE F 97 -2.08 -6.94 -25.71
C MSE F 97 -1.00 -6.39 -26.53
O MSE F 97 -0.98 -5.21 -26.88
CB MSE F 97 -3.17 -7.18 -26.70
CG MSE F 97 -4.50 -7.43 -26.02
SE MSE F 97 -5.76 -7.93 -27.48
CE MSE F 97 -5.15 -9.79 -27.81
N ARG F 98 -0.09 -7.25 -26.87
CA ARG F 98 0.92 -6.86 -27.82
C ARG F 98 0.65 -7.62 -29.08
N VAL F 99 0.29 -6.91 -30.12
CA VAL F 99 -0.20 -7.61 -31.31
C VAL F 99 0.58 -7.34 -32.56
N ASN F 100 0.55 -8.32 -33.44
CA ASN F 100 1.12 -8.16 -34.78
C ASN F 100 0.34 -7.11 -35.55
N LYS F 101 -0.99 -7.15 -35.43
CA LYS F 101 -1.92 -6.33 -36.23
C LYS F 101 -2.98 -5.58 -35.43
N HIS F 102 -3.03 -4.27 -35.62
CA HIS F 102 -3.93 -3.40 -34.86
C HIS F 102 -5.40 -3.86 -34.92
N GLU F 103 -5.81 -4.34 -36.07
CA GLU F 103 -7.19 -4.79 -36.20
C GLU F 103 -7.56 -5.72 -35.06
N THR F 104 -6.60 -6.60 -34.71
CA THR F 104 -6.78 -7.58 -33.64
C THR F 104 -7.10 -6.92 -32.32
N LEU F 105 -6.47 -5.81 -32.04
CA LEU F 105 -6.83 -5.06 -30.85
C LEU F 105 -8.24 -4.54 -30.94
N LEU F 106 -8.59 -4.01 -32.10
CA LEU F 106 -9.90 -3.38 -32.26
C LEU F 106 -11.01 -4.44 -32.11
N GLU F 107 -10.81 -5.55 -32.79
CA GLU F 107 -11.76 -6.68 -32.74
C GLU F 107 -11.94 -7.22 -31.30
N PHE F 108 -10.83 -7.33 -30.56
CA PHE F 108 -10.89 -7.77 -29.16
C PHE F 108 -11.66 -6.78 -28.28
N ALA F 109 -11.30 -5.51 -28.40
CA ALA F 109 -11.92 -4.42 -27.59
C ALA F 109 -13.41 -4.43 -27.79
N ARG F 110 -13.75 -4.70 -29.05
CA ARG F 110 -15.13 -4.70 -29.50
C ARG F 110 -15.95 -5.70 -28.70
N TYR F 111 -15.34 -6.80 -28.29
CA TYR F 111 -16.02 -7.83 -27.50
C TYR F 111 -15.56 -7.97 -26.04
N SER F 112 -14.67 -7.11 -25.57
CA SER F 112 -14.12 -7.25 -24.21
C SER F 112 -14.84 -6.44 -23.21
N LYS F 113 -15.41 -7.07 -22.21
CA LYS F 113 -15.94 -6.29 -21.07
C LYS F 113 -14.84 -5.52 -20.30
N ALA F 114 -13.60 -5.92 -20.43
CA ALA F 114 -12.52 -5.27 -19.71
C ALA F 114 -11.82 -4.35 -20.68
N PRO F 115 -11.33 -3.21 -20.18
CA PRO F 115 -10.63 -2.24 -21.01
C PRO F 115 -9.41 -2.87 -21.57
N VAL F 116 -9.10 -2.65 -22.84
CA VAL F 116 -7.94 -3.25 -23.51
C VAL F 116 -6.87 -2.20 -23.76
N ILE F 117 -5.61 -2.55 -23.54
CA ILE F 117 -4.47 -1.59 -23.65
C ILE F 117 -3.50 -2.04 -24.73
N ASN F 118 -3.19 -1.16 -25.66
CA ASN F 118 -2.33 -1.52 -26.75
C ASN F 118 -0.89 -1.44 -26.28
N ALA F 119 -0.28 -2.57 -26.02
CA ALA F 119 1.14 -2.61 -25.62
C ALA F 119 2.09 -2.52 -26.81
N LEU F 120 1.55 -2.54 -27.99
CA LEU F 120 2.32 -2.36 -29.25
C LEU F 120 1.64 -2.99 -30.41
N SER F 121 1.49 -2.22 -31.45
CA SER F 121 0.90 -2.70 -32.70
C SER F 121 1.68 -2.14 -33.85
N GLU F 122 1.42 -2.58 -35.06
CA GLU F 122 2.20 -2.09 -36.20
C GLU F 122 1.96 -0.59 -36.46
N LEU F 123 0.79 -0.12 -36.02
CA LEU F 123 0.44 1.31 -36.18
C LEU F 123 0.88 2.22 -35.07
N TYR F 124 0.82 1.75 -33.84
CA TYR F 124 0.95 2.65 -32.70
C TYR F 124 1.67 2.00 -31.56
N HIS F 125 2.43 2.81 -30.85
CA HIS F 125 3.09 2.34 -29.67
C HIS F 125 2.94 3.32 -28.56
N PRO F 126 1.69 3.62 -28.16
CA PRO F 126 1.40 4.69 -27.24
C PRO F 126 2.01 4.61 -25.88
N THR F 127 2.15 3.44 -25.29
CA THR F 127 2.72 3.42 -23.89
C THR F 127 4.18 3.89 -23.93
N GLN F 128 4.85 3.59 -25.01
CA GLN F 128 6.20 4.08 -25.18
C GLN F 128 6.27 5.63 -25.26
N VAL F 129 5.43 6.20 -26.11
CA VAL F 129 5.39 7.65 -26.24
C VAL F 129 5.04 8.28 -24.92
N LEU F 130 4.13 7.70 -24.15
CA LEU F 130 3.82 8.30 -22.84
C LEU F 130 5.08 8.34 -21.98
N GLY F 131 5.87 7.27 -22.05
CA GLY F 131 7.11 7.17 -21.23
C GLY F 131 8.19 8.14 -21.64
N ASP F 132 8.33 8.28 -22.96
CA ASP F 132 9.18 9.29 -23.51
C ASP F 132 8.77 10.69 -22.99
N LEU F 133 7.51 11.01 -23.11
CA LEU F 133 6.92 12.28 -22.60
C LEU F 133 7.26 12.48 -21.11
N PHE F 134 7.02 11.43 -20.32
CA PHE F 134 7.31 11.50 -18.87
C PHE F 134 8.75 11.97 -18.68
N THR F 135 9.60 11.45 -19.54
CA THR F 135 11.04 11.60 -19.40
C THR F 135 11.45 12.98 -19.76
N ILE F 136 10.80 13.48 -20.80
CA ILE F 136 11.02 14.86 -21.27
C ILE F 136 10.68 15.85 -20.18
N LYS F 137 9.60 15.54 -19.47
CA LYS F 137 9.18 16.39 -18.36
C LYS F 137 10.19 16.31 -17.20
N GLU F 138 10.69 15.10 -16.93
CA GLU F 138 11.65 14.89 -15.87
C GLU F 138 12.96 15.61 -16.12
N TRP F 139 13.31 15.76 -17.38
CA TRP F 139 14.59 16.37 -17.72
C TRP F 139 14.40 17.84 -18.04
N ASN F 140 13.30 18.39 -17.53
CA ASN F 140 12.99 19.80 -17.65
C ASN F 140 13.20 20.31 -19.07
N LYS F 141 12.73 19.57 -20.06
CA LYS F 141 12.79 19.98 -21.45
C LYS F 141 11.41 20.36 -21.96
N MSE F 142 10.50 20.64 -21.05
CA MSE F 142 9.16 21.08 -21.43
C MSE F 142 8.91 22.45 -20.90
O MSE F 142 8.27 22.65 -19.89
CB MSE F 142 8.09 20.16 -20.92
CG MSE F 142 7.47 19.42 -22.09
SE MSE F 142 6.04 18.24 -21.47
CE MSE F 142 6.93 16.48 -21.69
N GLN F 143 9.44 23.42 -21.62
CA GLN F 143 9.26 24.82 -21.32
C GLN F 143 7.91 25.31 -21.88
N ASN F 144 7.01 25.66 -20.98
CA ASN F 144 5.72 26.29 -21.33
C ASN F 144 4.67 25.26 -21.77
N GLY F 145 4.83 24.02 -21.35
CA GLY F 145 3.91 22.91 -21.72
C GLY F 145 4.10 22.40 -23.15
N ILE F 146 4.93 23.13 -23.91
CA ILE F 146 5.37 22.78 -25.26
C ILE F 146 6.73 22.09 -25.17
N ALA F 147 7.07 21.26 -26.13
CA ALA F 147 8.45 20.75 -26.28
C ALA F 147 8.87 20.85 -27.73
N LYS F 148 10.16 21.07 -27.93
CA LYS F 148 10.73 21.24 -29.28
C LYS F 148 11.48 19.93 -29.58
N VAL F 149 10.88 19.11 -30.41
CA VAL F 149 11.30 17.70 -30.59
C VAL F 149 11.63 17.31 -32.01
N ALA F 150 12.64 16.52 -32.15
CA ALA F 150 12.99 15.97 -33.43
C ALA F 150 12.85 14.47 -33.40
N PHE F 151 12.15 13.91 -34.34
CA PHE F 151 12.13 12.44 -34.49
C PHE F 151 12.86 12.01 -35.75
N ILE F 152 13.87 11.17 -35.59
CA ILE F 152 14.63 10.70 -36.73
C ILE F 152 14.55 9.19 -36.84
N GLY F 153 14.03 8.72 -37.96
CA GLY F 153 13.93 7.28 -38.18
C GLY F 153 12.97 6.82 -39.23
N ASP F 154 12.44 5.63 -39.03
CA ASP F 154 11.51 4.99 -39.98
C ASP F 154 10.13 5.63 -39.88
N SER F 155 9.28 5.38 -40.86
CA SER F 155 7.82 5.70 -40.75
C SER F 155 7.03 4.58 -40.03
N ASN F 156 7.55 4.19 -38.87
CA ASN F 156 7.02 3.06 -38.14
C ASN F 156 5.96 3.49 -37.11
N ASN F 157 5.53 2.55 -36.27
CA ASN F 157 4.58 2.82 -35.16
C ASN F 157 5.00 3.98 -34.24
N MSE F 158 6.28 4.01 -33.89
CA MSE F 158 6.88 5.04 -32.99
C MSE F 158 6.74 6.44 -33.57
O MSE F 158 6.42 7.42 -32.86
CB MSE F 158 8.39 4.81 -32.74
CG MSE F 158 8.64 3.88 -31.59
SE MSE F 158 7.87 4.63 -29.94
CE MSE F 158 9.15 6.09 -29.57
N CYS F 159 6.94 6.51 -34.89
CA CYS F 159 6.82 7.74 -35.63
C CYS F 159 5.38 8.22 -35.59
N ASN F 160 4.48 7.30 -35.90
CA ASN F 160 3.05 7.59 -35.90
C ASN F 160 2.59 8.16 -34.55
N SER F 161 2.97 7.49 -33.50
CA SER F 161 2.54 7.87 -32.19
C SER F 161 3.19 9.18 -31.75
N TRP F 162 4.45 9.42 -32.12
CA TRP F 162 5.04 10.77 -31.86
C TRP F 162 4.38 11.85 -32.69
N LEU F 163 4.07 11.54 -33.94
CA LEU F 163 3.45 12.54 -34.81
C LEU F 163 2.14 12.99 -34.19
N ILE F 164 1.32 12.00 -33.86
CA ILE F 164 0.02 12.18 -33.19
C ILE F 164 0.05 12.93 -31.89
N THR F 165 0.93 12.48 -30.99
CA THR F 165 1.01 13.04 -29.66
C THR F 165 1.49 14.48 -29.75
N ALA F 166 2.43 14.75 -30.64
CA ALA F 166 2.92 16.10 -30.82
C ALA F 166 1.73 16.98 -31.22
N ALA F 167 0.94 16.42 -32.12
CA ALA F 167 -0.18 17.11 -32.74
C ALA F 167 -1.25 17.44 -31.71
N ILE F 168 -1.46 16.51 -30.79
CA ILE F 168 -2.45 16.74 -29.70
C ILE F 168 -1.93 17.77 -28.70
N LEU F 169 -0.67 17.63 -28.35
CA LEU F 169 -0.14 18.33 -27.22
C LEU F 169 0.24 19.75 -27.54
N GLY F 170 0.49 20.00 -28.82
CA GLY F 170 0.89 21.35 -29.29
C GLY F 170 2.40 21.55 -29.41
N PHE F 171 3.12 20.45 -29.49
CA PHE F 171 4.57 20.47 -29.56
C PHE F 171 5.00 20.96 -30.91
N GLU F 172 6.26 21.32 -30.96
CA GLU F 172 6.90 21.66 -32.22
C GLU F 172 7.71 20.46 -32.56
N ILE F 173 7.35 19.77 -33.64
CA ILE F 173 8.09 18.57 -33.98
C ILE F 173 8.56 18.52 -35.43
N SER F 174 9.84 18.17 -35.60
CA SER F 174 10.42 17.89 -36.93
C SER F 174 10.72 16.40 -37.11
N ILE F 175 10.14 15.82 -38.15
CA ILE F 175 10.37 14.42 -38.49
C ILE F 175 11.30 14.32 -39.68
N ALA F 176 12.28 13.45 -39.55
CA ALA F 176 13.24 13.18 -40.64
C ALA F 176 13.34 11.69 -40.94
N MSE F 177 13.12 11.34 -42.21
CA MSE F 177 13.24 9.98 -42.70
C MSE F 177 13.72 10.04 -44.12
O MSE F 177 13.63 11.08 -44.74
CB MSE F 177 11.88 9.30 -42.62
CG MSE F 177 10.79 10.10 -43.35
SE MSE F 177 8.99 9.28 -43.07
CE MSE F 177 8.94 8.99 -41.11
N PRO F 178 14.17 8.92 -44.67
CA PRO F 178 14.65 8.96 -46.04
C PRO F 178 13.63 9.39 -47.12
N LYS F 179 14.13 9.68 -48.31
CA LYS F 179 13.30 10.30 -49.33
C LYS F 179 12.14 9.38 -49.74
N ASN F 180 12.44 8.11 -49.97
CA ASN F 180 11.42 7.14 -50.45
C ASN F 180 10.29 6.86 -49.44
N TYR F 181 10.55 7.23 -48.21
CA TYR F 181 9.68 6.90 -47.08
C TYR F 181 8.54 7.91 -46.94
N LYS F 182 7.36 7.37 -46.65
CA LYS F 182 6.12 8.14 -46.58
C LYS F 182 5.46 7.82 -45.22
N ILE F 183 4.75 8.81 -44.65
CA ILE F 183 3.85 8.56 -43.52
C ILE F 183 2.46 8.24 -44.02
N SER F 184 1.77 7.37 -43.30
CA SER F 184 0.40 6.99 -43.66
C SER F 184 -0.46 8.23 -43.85
N PRO F 185 -1.03 8.37 -45.02
CA PRO F 185 -1.80 9.58 -45.24
C PRO F 185 -2.92 9.79 -44.22
N GLU F 186 -3.55 8.71 -43.78
CA GLU F 186 -4.66 8.82 -42.82
C GLU F 186 -4.22 9.39 -41.45
N ILE F 187 -3.07 8.94 -41.01
CA ILE F 187 -2.47 9.43 -39.78
C ILE F 187 -2.06 10.87 -39.91
N TRP F 188 -1.45 11.17 -41.03
CA TRP F 188 -0.93 12.51 -41.34
C TRP F 188 -2.05 13.54 -41.37
N GLU F 189 -3.15 13.18 -42.01
CA GLU F 189 -4.33 14.04 -42.03
C GLU F 189 -4.82 14.31 -40.61
N PHE F 190 -4.85 13.31 -39.75
CA PHE F 190 -5.33 13.51 -38.38
C PHE F 190 -4.48 14.55 -37.68
N ALA F 191 -3.18 14.42 -37.88
CA ALA F 191 -2.21 15.30 -37.25
C ALA F 191 -2.36 16.72 -37.75
N MSE F 192 -2.56 16.85 -39.03
CA MSE F 192 -2.78 18.18 -39.58
C MSE F 192 -3.94 18.84 -38.90
O MSE F 192 -3.83 19.97 -38.43
CB MSE F 192 -2.98 18.15 -41.09
CG MSE F 192 -1.69 17.85 -41.87
SE MSE F 192 -0.05 18.66 -41.16
CE MSE F 192 -0.47 20.59 -40.91
N LYS F 193 -5.05 18.14 -38.84
CA LYS F 193 -6.26 18.66 -38.21
C LYS F 193 -6.03 19.00 -36.73
N GLN F 194 -5.38 18.10 -36.01
CA GLN F 194 -5.11 18.34 -34.60
C GLN F 194 -4.22 19.56 -34.36
N ALA F 195 -3.26 19.76 -35.25
CA ALA F 195 -2.32 20.85 -35.10
C ALA F 195 -3.09 22.22 -35.10
N LEU F 196 -4.04 22.35 -36.02
CA LEU F 196 -4.90 23.55 -36.07
C LEU F 196 -5.48 23.94 -34.70
N ILE F 197 -6.03 22.95 -34.01
CA ILE F 197 -6.64 23.14 -32.66
C ILE F 197 -5.59 23.53 -31.64
N SER F 198 -4.51 22.76 -31.60
CA SER F 198 -3.46 22.87 -30.57
C SER F 198 -2.28 23.78 -30.85
N GLY F 199 -2.19 24.26 -32.08
CA GLY F 199 -1.04 25.09 -32.51
C GLY F 199 0.28 24.39 -32.72
N ALA F 200 0.23 23.09 -32.95
CA ALA F 200 1.43 22.29 -33.22
C ALA F 200 2.17 22.71 -34.48
N LYS F 201 3.49 22.81 -34.34
CA LYS F 201 4.37 23.15 -35.47
C LYS F 201 5.05 21.90 -35.96
N ILE F 202 4.38 21.23 -36.88
CA ILE F 202 4.82 19.96 -37.42
C ILE F 202 5.45 20.13 -38.79
N SER F 203 6.60 19.49 -38.99
CA SER F 203 7.31 19.54 -40.28
C SER F 203 7.90 18.18 -40.57
N LEU F 204 7.80 17.75 -41.82
CA LEU F 204 8.35 16.46 -42.24
C LEU F 204 9.30 16.65 -43.37
N GLY F 205 10.45 16.00 -43.28
CA GLY F 205 11.51 16.17 -44.28
C GLY F 205 12.36 14.92 -44.45
N TYR F 206 13.42 15.05 -45.25
CA TYR F 206 14.41 13.97 -45.41
C TYR F 206 15.84 14.45 -45.13
N ASP F 207 15.95 15.46 -44.27
CA ASP F 207 17.23 16.04 -43.94
C ASP F 207 17.44 16.04 -42.42
N LYS F 208 18.32 15.16 -41.98
CA LYS F 208 18.59 14.98 -40.54
C LYS F 208 18.87 16.33 -39.88
N PHE F 209 19.72 17.11 -40.52
CA PHE F 209 20.28 18.32 -39.90
C PHE F 209 19.26 19.44 -39.77
N GLU F 210 18.38 19.51 -40.75
CA GLU F 210 17.26 20.46 -40.71
C GLU F 210 16.35 20.14 -39.53
N ALA F 211 16.07 18.86 -39.37
CA ALA F 211 15.13 18.39 -38.35
C ALA F 211 15.66 18.72 -37.00
N LEU F 212 16.98 18.67 -36.91
CA LEU F 212 17.68 18.83 -35.67
C LEU F 212 17.76 20.28 -35.18
N LYS F 213 17.72 21.22 -36.11
CA LYS F 213 17.87 22.67 -35.77
C LYS F 213 16.89 23.04 -34.65
N ASP F 214 17.43 23.74 -33.65
CA ASP F 214 16.65 24.29 -32.51
C ASP F 214 15.77 23.28 -31.83
N LYS F 215 16.35 22.13 -31.53
CA LYS F 215 15.61 21.05 -30.84
C LYS F 215 16.20 20.74 -29.47
N ASP F 216 15.33 20.51 -28.49
CA ASP F 216 15.80 20.09 -27.14
C ASP F 216 15.73 18.60 -26.88
N VAL F 217 15.07 17.90 -27.78
CA VAL F 217 14.82 16.48 -27.61
C VAL F 217 15.01 15.81 -28.96
N VAL F 218 15.98 14.92 -29.01
CA VAL F 218 16.15 14.10 -30.20
C VAL F 218 15.72 12.67 -29.91
N ILE F 219 14.86 12.16 -30.78
CA ILE F 219 14.36 10.82 -30.64
C ILE F 219 14.73 9.98 -31.83
N THR F 220 15.30 8.81 -31.59
CA THR F 220 15.57 7.91 -32.66
C THR F 220 15.10 6.51 -32.34
N ASP F 221 15.11 5.65 -33.32
CA ASP F 221 14.67 4.27 -33.18
C ASP F 221 15.38 3.37 -34.21
N THR F 222 15.39 2.07 -33.93
CA THR F 222 15.99 1.07 -34.82
C THR F 222 15.37 1.25 -36.19
N TRP F 223 16.13 0.88 -37.20
CA TRP F 223 15.67 1.03 -38.57
C TRP F 223 15.04 -0.25 -39.09
N VAL F 224 15.68 -1.35 -38.75
CA VAL F 224 15.14 -2.69 -39.02
C VAL F 224 14.11 -2.99 -37.95
N SER F 225 12.85 -2.75 -38.30
CA SER F 225 11.70 -2.91 -37.40
C SER F 225 11.19 -4.35 -37.37
N GLU F 228 9.72 -7.00 -40.09
CA GLU F 228 10.26 -6.48 -41.38
C GLU F 228 11.66 -7.01 -41.71
N GLU F 229 12.12 -7.99 -40.93
CA GLU F 229 13.50 -8.49 -41.00
C GLU F 229 13.83 -9.27 -42.31
N ASN F 230 12.81 -9.64 -43.09
CA ASN F 230 13.02 -10.20 -44.46
C ASN F 230 13.56 -9.18 -45.50
N GLU F 231 13.57 -7.89 -45.16
CA GLU F 231 13.95 -6.78 -46.08
C GLU F 231 15.15 -5.88 -45.64
N LYS F 232 15.86 -6.33 -44.60
CA LYS F 232 16.79 -5.49 -43.81
C LYS F 232 17.97 -4.88 -44.60
N GLU F 233 18.71 -5.71 -45.34
CA GLU F 233 19.93 -5.28 -46.05
C GLU F 233 19.75 -3.98 -46.82
N ARG F 234 18.62 -3.90 -47.51
CA ARG F 234 18.30 -2.76 -48.37
C ARG F 234 18.02 -1.53 -47.52
N LYS F 235 17.28 -1.72 -46.43
CA LYS F 235 16.88 -0.61 -45.55
C LYS F 235 18.09 0.13 -44.98
N ILE F 236 19.01 -0.60 -44.36
CA ILE F 236 20.27 -0.01 -43.82
C ILE F 236 20.92 0.97 -44.82
N LYS F 237 21.10 0.53 -46.06
CA LYS F 237 21.69 1.42 -47.10
C LYS F 237 20.89 2.73 -47.30
N GLU F 238 19.58 2.62 -47.15
CA GLU F 238 18.64 3.75 -47.39
C GLU F 238 18.80 4.80 -46.30
N PHE F 239 19.18 4.33 -45.12
CA PHE F 239 19.37 5.18 -43.92
C PHE F 239 20.81 5.68 -43.74
N GLU F 240 21.52 5.90 -44.86
CA GLU F 240 22.95 6.26 -44.86
C GLU F 240 23.24 7.45 -43.90
N GLY F 241 22.70 8.61 -44.23
CA GLY F 241 22.99 9.85 -43.48
C GLY F 241 22.37 9.96 -42.08
N PHE F 242 21.63 8.95 -41.66
CA PHE F 242 20.65 9.15 -40.61
C PHE F 242 21.09 8.84 -39.19
N MSE F 243 22.29 8.34 -39.04
CA MSE F 243 22.74 7.99 -37.70
C MSE F 243 22.81 9.23 -36.86
O MSE F 243 23.14 10.28 -37.34
CB MSE F 243 24.13 7.40 -37.76
CG MSE F 243 24.79 7.40 -36.39
SE MSE F 243 26.37 6.25 -36.47
CE MSE F 243 27.13 6.73 -38.26
N ILE F 244 22.47 9.07 -35.57
CA ILE F 244 22.75 10.11 -34.58
C ILE F 244 24.14 9.91 -33.99
N ASP F 245 24.99 10.88 -34.27
CA ASP F 245 26.33 10.91 -33.73
C ASP F 245 26.63 12.27 -33.10
N GLU F 246 27.87 12.47 -32.63
CA GLU F 246 28.30 13.74 -31.97
C GLU F 246 27.98 14.96 -32.83
N LYS F 247 28.32 14.90 -34.11
CA LYS F 247 28.09 16.06 -35.02
C LYS F 247 26.61 16.37 -35.12
N ALA F 248 25.81 15.32 -35.20
CA ALA F 248 24.36 15.46 -35.29
C ALA F 248 23.81 16.15 -34.03
N MSE F 249 24.18 15.64 -32.87
CA MSE F 249 23.72 16.23 -31.58
C MSE F 249 24.21 17.64 -31.42
O MSE F 249 23.53 18.44 -30.78
CB MSE F 249 24.21 15.51 -30.31
CG MSE F 249 23.57 14.16 -30.05
SE MSE F 249 21.59 14.19 -30.11
CE MSE F 249 21.12 15.08 -28.37
N SER F 250 25.40 17.92 -31.97
CA SER F 250 25.96 19.28 -32.03
C SER F 250 24.99 20.29 -32.65
N VAL F 251 24.19 19.83 -33.61
CA VAL F 251 23.28 20.71 -34.41
C VAL F 251 22.08 21.11 -33.56
N ALA F 252 21.73 20.22 -32.64
CA ALA F 252 20.66 20.49 -31.71
C ALA F 252 21.15 21.41 -30.67
N ASN F 253 20.19 21.93 -29.92
CA ASN F 253 20.48 22.86 -28.84
C ASN F 253 21.39 22.25 -27.79
N LYS F 254 21.95 23.17 -27.03
CA LYS F 254 22.87 22.83 -25.97
C LYS F 254 22.08 22.00 -24.98
N ASP F 255 22.72 20.95 -24.49
CA ASP F 255 22.14 20.08 -23.43
C ASP F 255 20.90 19.32 -23.81
N ALA F 256 20.69 19.20 -25.11
CA ALA F 256 19.53 18.41 -25.65
C ALA F 256 19.73 16.96 -25.29
N ILE F 257 18.64 16.30 -24.91
CA ILE F 257 18.61 14.90 -24.54
C ILE F 257 18.33 14.01 -25.74
N LEU F 258 18.90 12.81 -25.70
CA LEU F 258 18.71 11.79 -26.74
C LEU F 258 17.84 10.68 -26.18
N LEU F 259 16.73 10.39 -26.83
CA LEU F 259 15.82 9.31 -26.42
C LEU F 259 15.86 8.20 -27.46
N HIS F 260 15.89 6.96 -26.96
CA HIS F 260 15.87 5.74 -27.78
C HIS F 260 15.01 4.70 -27.07
N CYS F 261 14.02 4.12 -27.72
CA CYS F 261 13.09 3.16 -27.00
C CYS F 261 13.75 1.82 -26.70
N LEU F 262 14.77 1.49 -27.46
CA LEU F 262 15.59 0.27 -27.23
C LEU F 262 14.92 -0.91 -27.89
N PRO F 263 15.67 -1.94 -28.23
CA PRO F 263 17.10 -1.98 -28.06
C PRO F 263 17.74 -1.12 -29.07
N ALA F 264 19.03 -0.86 -28.83
CA ALA F 264 19.86 -0.01 -29.69
C ALA F 264 20.82 -0.82 -30.51
N TYR F 265 21.17 -0.33 -31.68
CA TYR F 265 22.17 -0.99 -32.49
C TYR F 265 23.23 0.03 -32.73
N ARG F 266 24.22 -0.02 -31.86
CA ARG F 266 25.40 0.85 -31.92
C ARG F 266 26.03 0.68 -33.26
N GLY F 267 26.33 1.80 -33.88
CA GLY F 267 26.99 1.77 -35.19
C GLY F 267 25.98 1.91 -36.32
N TYR F 268 24.71 1.92 -35.96
CA TYR F 268 23.64 2.12 -36.94
C TYR F 268 22.89 3.40 -36.66
N GLU F 269 21.70 3.29 -36.12
CA GLU F 269 20.89 4.49 -35.87
C GLU F 269 21.55 5.42 -34.89
N VAL F 270 22.48 4.88 -34.15
CA VAL F 270 23.14 5.65 -33.13
C VAL F 270 24.58 5.17 -32.89
N SER F 271 25.49 6.12 -32.66
CA SER F 271 26.86 5.80 -32.34
C SER F 271 27.06 5.42 -30.87
N GLU F 272 28.05 4.57 -30.63
CA GLU F 272 28.36 4.05 -29.30
C GLU F 272 28.67 5.20 -28.35
N GLU F 273 29.52 6.11 -28.83
CA GLU F 273 29.93 7.27 -28.03
C GLU F 273 28.69 8.02 -27.51
N ILE F 274 27.82 8.41 -28.45
CA ILE F 274 26.72 9.28 -28.16
C ILE F 274 25.70 8.60 -27.30
N PHE F 275 25.54 7.33 -27.58
CA PHE F 275 24.57 6.53 -26.86
C PHE F 275 24.98 6.47 -25.40
N GLU F 276 26.21 6.07 -25.17
CA GLU F 276 26.71 6.04 -23.81
C GLU F 276 26.73 7.43 -23.15
N LYS F 277 27.01 8.45 -23.95
CA LYS F 277 26.96 9.83 -23.44
C LYS F 277 25.59 10.09 -22.80
N HIS F 278 24.55 9.58 -23.45
CA HIS F 278 23.20 9.66 -22.89
C HIS F 278 22.66 8.42 -22.18
N ALA F 279 23.51 7.58 -21.64
CA ALA F 279 22.95 6.43 -20.89
C ALA F 279 21.94 6.90 -19.86
N ASP F 280 22.28 7.87 -19.04
CA ASP F 280 21.40 8.14 -17.88
C ASP F 280 19.96 8.39 -18.34
N VAL F 281 19.81 9.20 -19.38
CA VAL F 281 18.45 9.57 -19.80
C VAL F 281 17.83 8.38 -20.52
N ILE F 282 18.62 7.68 -21.33
CA ILE F 282 18.07 6.58 -22.18
C ILE F 282 17.58 5.47 -21.28
N PHE F 283 18.30 5.21 -20.23
CA PHE F 283 17.83 4.15 -19.33
C PHE F 283 16.78 4.57 -18.32
N GLU F 284 16.73 5.83 -17.96
CA GLU F 284 15.60 6.30 -17.15
C GLU F 284 14.32 6.15 -18.04
N GLU F 285 14.49 6.46 -19.33
CA GLU F 285 13.42 6.38 -20.32
C GLU F 285 12.86 4.97 -20.25
N ALA F 286 13.72 3.98 -20.49
CA ALA F 286 13.39 2.53 -20.33
C ALA F 286 12.57 2.23 -19.06
N ARG F 287 13.10 2.66 -17.94
CA ARG F 287 12.47 2.38 -16.66
C ARG F 287 11.17 3.13 -16.46
N ASN F 288 11.08 4.32 -17.01
CA ASN F 288 9.93 5.20 -16.78
C ASN F 288 8.63 4.66 -17.40
N ARG F 289 8.70 3.70 -18.28
CA ARG F 289 7.48 3.06 -18.77
C ARG F 289 6.60 2.43 -17.68
N LEU F 290 7.24 2.08 -16.58
CA LEU F 290 6.54 1.55 -15.42
C LEU F 290 5.51 2.52 -14.86
N TYR F 291 5.92 3.74 -14.64
CA TYR F 291 5.11 4.75 -13.92
C TYR F 291 3.94 5.21 -14.76
N VAL F 292 4.19 5.21 -16.04
CA VAL F 292 3.24 5.61 -17.07
C VAL F 292 2.16 4.52 -17.25
N VAL F 293 2.59 3.26 -17.27
CA VAL F 293 1.62 2.18 -17.31
C VAL F 293 0.77 2.19 -16.03
N LYS F 294 1.40 2.42 -14.88
CA LYS F 294 0.62 2.59 -13.64
C LYS F 294 -0.51 3.63 -13.78
N ALA F 295 -0.18 4.80 -14.28
CA ALA F 295 -1.16 5.89 -14.42
C ALA F 295 -2.27 5.41 -15.29
N LEU F 296 -1.89 4.82 -16.39
CA LEU F 296 -2.83 4.39 -17.42
C LEU F 296 -3.81 3.42 -16.81
N LEU F 297 -3.28 2.44 -16.11
CA LEU F 297 -4.14 1.48 -15.45
C LEU F 297 -5.07 2.18 -14.45
N CYS F 298 -4.56 3.11 -13.64
CA CYS F 298 -5.48 3.75 -12.65
C CYS F 298 -6.57 4.52 -13.36
N PHE F 299 -6.18 5.09 -14.48
CA PHE F 299 -7.03 5.91 -15.26
C PHE F 299 -8.14 5.09 -15.84
N LEU F 300 -7.80 3.95 -16.44
CA LEU F 300 -8.84 3.09 -17.03
C LEU F 300 -9.76 2.49 -15.99
N ASP F 301 -9.25 2.33 -14.78
CA ASP F 301 -10.07 1.80 -13.71
C ASP F 301 -11.22 2.75 -13.35
N ASN F 302 -10.93 4.04 -13.41
CA ASN F 302 -11.94 5.13 -13.17
C ASN F 302 -12.86 5.54 -14.34
N GLN F 303 -12.54 5.07 -15.54
CA GLN F 303 -13.30 5.31 -16.79
C GLN F 303 -13.87 3.94 -17.26
N ARG F 304 -14.78 3.43 -16.41
CA ARG F 304 -15.68 2.32 -16.69
C ARG F 304 -17.11 2.91 -16.69
C1 PEG G . -4.95 40.12 -7.92
O1 PEG G . -3.56 39.80 -7.98
C2 PEG G . -5.15 41.63 -8.07
O2 PEG G . -4.98 42.05 -9.43
C3 PEG G . -5.19 43.47 -9.61
C4 PEG G . -3.88 44.18 -9.98
O4 PEG G . -3.78 45.53 -9.46
C1 PEG H . 25.04 3.73 19.44
O1 PEG H . 24.57 4.83 18.62
C2 PEG H . 25.92 4.17 20.63
O2 PEG H . 27.29 3.96 20.29
C3 PEG H . 28.10 4.04 21.47
C4 PEG H . 28.79 2.68 21.68
O4 PEG H . 29.27 2.50 23.04
C1 PEG I . 18.67 16.62 -14.44
O1 PEG I . 18.09 17.82 -15.06
C2 PEG I . 17.73 15.93 -13.41
O2 PEG I . 17.44 14.58 -13.84
C3 PEG I . 16.63 13.81 -12.94
C4 PEG I . 17.21 12.39 -12.93
O4 PEG I . 16.40 11.42 -12.23
#